data_6FH6
# 
_entry.id   6FH6 
# 
_audit_conform.dict_name       mmcif_pdbx.dic 
_audit_conform.dict_version    5.383 
_audit_conform.dict_location   http://mmcif.pdb.org/dictionaries/ascii/mmcif_pdbx.dic 
# 
loop_
_database_2.database_id 
_database_2.database_code 
_database_2.pdbx_database_accession 
_database_2.pdbx_DOI 
PDB   6FH6         pdb_00006fh6 10.2210/pdb6fh6/pdb 
WWPDB D_1200008306 ?            ?                   
# 
loop_
_pdbx_audit_revision_history.ordinal 
_pdbx_audit_revision_history.data_content_type 
_pdbx_audit_revision_history.major_revision 
_pdbx_audit_revision_history.minor_revision 
_pdbx_audit_revision_history.revision_date 
1 'Structure model' 1 0 2018-05-30 
2 'Structure model' 1 1 2018-08-29 
3 'Structure model' 1 2 2024-01-17 
# 
_pdbx_audit_revision_details.ordinal             1 
_pdbx_audit_revision_details.revision_ordinal    1 
_pdbx_audit_revision_details.data_content_type   'Structure model' 
_pdbx_audit_revision_details.provider            repository 
_pdbx_audit_revision_details.type                'Initial release' 
_pdbx_audit_revision_details.description         ? 
_pdbx_audit_revision_details.details             ? 
# 
loop_
_pdbx_audit_revision_group.ordinal 
_pdbx_audit_revision_group.revision_ordinal 
_pdbx_audit_revision_group.data_content_type 
_pdbx_audit_revision_group.group 
1 2 'Structure model' 'Data collection'        
2 2 'Structure model' 'Database references'    
3 3 'Structure model' 'Data collection'        
4 3 'Structure model' 'Database references'    
5 3 'Structure model' 'Refinement description' 
# 
loop_
_pdbx_audit_revision_category.ordinal 
_pdbx_audit_revision_category.revision_ordinal 
_pdbx_audit_revision_category.data_content_type 
_pdbx_audit_revision_category.category 
1 2 'Structure model' citation                      
2 2 'Structure model' citation_author               
3 3 'Structure model' chem_comp_atom                
4 3 'Structure model' chem_comp_bond                
5 3 'Structure model' database_2                    
6 3 'Structure model' pdbx_initial_refinement_model 
# 
loop_
_pdbx_audit_revision_item.ordinal 
_pdbx_audit_revision_item.revision_ordinal 
_pdbx_audit_revision_item.data_content_type 
_pdbx_audit_revision_item.item 
1 2 'Structure model' '_citation.journal_volume'            
2 2 'Structure model' '_citation.page_first'                
3 2 'Structure model' '_citation.page_last'                 
4 2 'Structure model' '_citation.title'                     
5 2 'Structure model' '_citation_author.identifier_ORCID'   
6 3 'Structure model' '_database_2.pdbx_DOI'                
7 3 'Structure model' '_database_2.pdbx_database_accession' 
# 
_pdbx_database_status.status_code                     REL 
_pdbx_database_status.status_code_sf                  REL 
_pdbx_database_status.status_code_mr                  ? 
_pdbx_database_status.entry_id                        6FH6 
_pdbx_database_status.recvd_initial_deposition_date   2018-01-12 
_pdbx_database_status.SG_entry                        N 
_pdbx_database_status.deposit_site                    PDBE 
_pdbx_database_status.process_site                    PDBE 
_pdbx_database_status.status_code_cs                  ? 
_pdbx_database_status.methods_development_category    ? 
_pdbx_database_status.pdb_format_compatible           Y 
_pdbx_database_status.status_code_nmr_data            ? 
# 
loop_
_pdbx_database_related.db_name 
_pdbx_database_related.details 
_pdbx_database_related.db_id 
_pdbx_database_related.content_type 
PDB '6FGT contains the same protein complexed with a similar small molecule'             6FGT unspecified 
PDB '6FGU contains the same protein complexed with a similar small molecule'             6FGU unspecified 
PDB '6FG6 contains the same small molecule complexed with the paralog bromodomain BAZ2A' 6FG6 unspecified 
# 
loop_
_audit_author.name 
_audit_author.pdbx_ordinal 
_audit_author.identifier_ORCID 
'Dalle Vedove, A.'   1 ? 
'Spiliotopoulos, D.' 2 ? 
'Lolli, G.'          3 ? 
'Caflisch, A.'       4 ? 
# 
_citation.abstract                  ? 
_citation.abstract_id_CAS           ? 
_citation.book_id_ISBN              ? 
_citation.book_publisher            ? 
_citation.book_publisher_city       ? 
_citation.book_title                ? 
_citation.coordinate_linkage        ? 
_citation.country                   DE 
_citation.database_id_Medline       ? 
_citation.details                   ? 
_citation.id                        primary 
_citation.journal_abbrev            ChemMedChem 
_citation.journal_id_ASTM           ? 
_citation.journal_id_CSD            ? 
_citation.journal_id_ISSN           1860-7187 
_citation.journal_full              ? 
_citation.journal_issue             ? 
_citation.journal_volume            13 
_citation.language                  ? 
_citation.page_first                1479 
_citation.page_last                 1487 
_citation.title                     'Structural Analysis of Small-Molecule Binding to the BAZ2A and BAZ2B Bromodomains.' 
_citation.year                      2018 
_citation.database_id_CSD           ? 
_citation.pdbx_database_id_DOI      10.1002/cmdc.201800234 
_citation.pdbx_database_id_PubMed   29770599 
_citation.unpublished_flag          ? 
# 
loop_
_citation_author.citation_id 
_citation_author.name 
_citation_author.ordinal 
_citation_author.identifier_ORCID 
primary 'Dalle Vedove, A.'   1 ?                   
primary 'Spiliotopoulos, D.' 2 ?                   
primary 
;D'Agostino, V.G.
;
3 ?                   
primary 'Marchand, J.R.'     4 ?                   
primary 'Unzue, A.'          5 ?                   
primary 'Nevado, C.'         6 ?                   
primary 'Lolli, G.'          7 0000-0002-8536-5599 
primary 'Caflisch, A.'       8 ?                   
# 
loop_
_entity.id 
_entity.type 
_entity.src_method 
_entity.pdbx_description 
_entity.formula_weight 
_entity.pdbx_number_of_molecules 
_entity.pdbx_ec 
_entity.pdbx_mutation 
_entity.pdbx_fragment 
_entity.details 
1 polymer     man 'Bromodomain adjacent to zinc finger domain protein 2B'                13618.652 1  ? ? 
'Bromodomain (residues 2054-2168)' ? 
2 non-polymer syn '~{N}-(2-azanylethyl)-1-methyl-6-oxidanylidene-pyridine-3-carboxamide' 195.218   1  ? ? ? ? 
3 water       nat water                                                                  18.015    84 ? ? ? ? 
# 
_entity_name_com.entity_id   1 
_entity_name_com.name        hWALp4 
# 
_entity_poly.entity_id                      1 
_entity_poly.type                           'polypeptide(L)' 
_entity_poly.nstd_linkage                   no 
_entity_poly.nstd_monomer                   no 
_entity_poly.pdbx_seq_one_letter_code       
;SMSVKKPKRDDSKDLALCSMILTEMETHEDAWPFLLPVNLKLVPGYKKVIKKPMDFSTIREKLSSGQYPNLETFALDVRL
VFDNCETFNEDDSDIGRAGHNMRKYFEKKWTDTFKVS
;
_entity_poly.pdbx_seq_one_letter_code_can   
;SMSVKKPKRDDSKDLALCSMILTEMETHEDAWPFLLPVNLKLVPGYKKVIKKPMDFSTIREKLSSGQYPNLETFALDVRL
VFDNCETFNEDDSDIGRAGHNMRKYFEKKWTDTFKVS
;
_entity_poly.pdbx_strand_id                 A 
_entity_poly.pdbx_target_identifier         ? 
# 
loop_
_pdbx_entity_nonpoly.entity_id 
_pdbx_entity_nonpoly.name 
_pdbx_entity_nonpoly.comp_id 
2 '~{N}-(2-azanylethyl)-1-methyl-6-oxidanylidene-pyridine-3-carboxamide' D8Q 
3 water                                                                  HOH 
# 
loop_
_entity_poly_seq.entity_id 
_entity_poly_seq.num 
_entity_poly_seq.mon_id 
_entity_poly_seq.hetero 
1 1   SER n 
1 2   MET n 
1 3   SER n 
1 4   VAL n 
1 5   LYS n 
1 6   LYS n 
1 7   PRO n 
1 8   LYS n 
1 9   ARG n 
1 10  ASP n 
1 11  ASP n 
1 12  SER n 
1 13  LYS n 
1 14  ASP n 
1 15  LEU n 
1 16  ALA n 
1 17  LEU n 
1 18  CYS n 
1 19  SER n 
1 20  MET n 
1 21  ILE n 
1 22  LEU n 
1 23  THR n 
1 24  GLU n 
1 25  MET n 
1 26  GLU n 
1 27  THR n 
1 28  HIS n 
1 29  GLU n 
1 30  ASP n 
1 31  ALA n 
1 32  TRP n 
1 33  PRO n 
1 34  PHE n 
1 35  LEU n 
1 36  LEU n 
1 37  PRO n 
1 38  VAL n 
1 39  ASN n 
1 40  LEU n 
1 41  LYS n 
1 42  LEU n 
1 43  VAL n 
1 44  PRO n 
1 45  GLY n 
1 46  TYR n 
1 47  LYS n 
1 48  LYS n 
1 49  VAL n 
1 50  ILE n 
1 51  LYS n 
1 52  LYS n 
1 53  PRO n 
1 54  MET n 
1 55  ASP n 
1 56  PHE n 
1 57  SER n 
1 58  THR n 
1 59  ILE n 
1 60  ARG n 
1 61  GLU n 
1 62  LYS n 
1 63  LEU n 
1 64  SER n 
1 65  SER n 
1 66  GLY n 
1 67  GLN n 
1 68  TYR n 
1 69  PRO n 
1 70  ASN n 
1 71  LEU n 
1 72  GLU n 
1 73  THR n 
1 74  PHE n 
1 75  ALA n 
1 76  LEU n 
1 77  ASP n 
1 78  VAL n 
1 79  ARG n 
1 80  LEU n 
1 81  VAL n 
1 82  PHE n 
1 83  ASP n 
1 84  ASN n 
1 85  CYS n 
1 86  GLU n 
1 87  THR n 
1 88  PHE n 
1 89  ASN n 
1 90  GLU n 
1 91  ASP n 
1 92  ASP n 
1 93  SER n 
1 94  ASP n 
1 95  ILE n 
1 96  GLY n 
1 97  ARG n 
1 98  ALA n 
1 99  GLY n 
1 100 HIS n 
1 101 ASN n 
1 102 MET n 
1 103 ARG n 
1 104 LYS n 
1 105 TYR n 
1 106 PHE n 
1 107 GLU n 
1 108 LYS n 
1 109 LYS n 
1 110 TRP n 
1 111 THR n 
1 112 ASP n 
1 113 THR n 
1 114 PHE n 
1 115 LYS n 
1 116 VAL n 
1 117 SER n 
# 
_entity_src_gen.entity_id                          1 
_entity_src_gen.pdbx_src_id                        1 
_entity_src_gen.pdbx_alt_source_flag               sample 
_entity_src_gen.pdbx_seq_type                      'Biological sequence' 
_entity_src_gen.pdbx_beg_seq_num                   1 
_entity_src_gen.pdbx_end_seq_num                   117 
_entity_src_gen.gene_src_common_name               Human 
_entity_src_gen.gene_src_genus                     ? 
_entity_src_gen.pdbx_gene_src_gene                 'BAZ2B, KIAA1476' 
_entity_src_gen.gene_src_species                   ? 
_entity_src_gen.gene_src_strain                    ? 
_entity_src_gen.gene_src_tissue                    ? 
_entity_src_gen.gene_src_tissue_fraction           ? 
_entity_src_gen.gene_src_details                   ? 
_entity_src_gen.pdbx_gene_src_fragment             ? 
_entity_src_gen.pdbx_gene_src_scientific_name      'Homo sapiens' 
_entity_src_gen.pdbx_gene_src_ncbi_taxonomy_id     9606 
_entity_src_gen.pdbx_gene_src_variant              ? 
_entity_src_gen.pdbx_gene_src_cell_line            ? 
_entity_src_gen.pdbx_gene_src_atcc                 ? 
_entity_src_gen.pdbx_gene_src_organ                ? 
_entity_src_gen.pdbx_gene_src_organelle            ? 
_entity_src_gen.pdbx_gene_src_cell                 ? 
_entity_src_gen.pdbx_gene_src_cellular_location    ? 
_entity_src_gen.host_org_common_name               ? 
_entity_src_gen.pdbx_host_org_scientific_name      'Escherichia coli' 
_entity_src_gen.pdbx_host_org_ncbi_taxonomy_id     562 
_entity_src_gen.host_org_genus                     ? 
_entity_src_gen.pdbx_host_org_gene                 ? 
_entity_src_gen.pdbx_host_org_organ                ? 
_entity_src_gen.host_org_species                   ? 
_entity_src_gen.pdbx_host_org_tissue               ? 
_entity_src_gen.pdbx_host_org_tissue_fraction      ? 
_entity_src_gen.pdbx_host_org_strain               ? 
_entity_src_gen.pdbx_host_org_variant              ? 
_entity_src_gen.pdbx_host_org_cell_line            ? 
_entity_src_gen.pdbx_host_org_atcc                 ? 
_entity_src_gen.pdbx_host_org_culture_collection   ? 
_entity_src_gen.pdbx_host_org_cell                 ? 
_entity_src_gen.pdbx_host_org_organelle            ? 
_entity_src_gen.pdbx_host_org_cellular_location    ? 
_entity_src_gen.pdbx_host_org_vector_type          ? 
_entity_src_gen.pdbx_host_org_vector               ? 
_entity_src_gen.host_org_details                   ? 
_entity_src_gen.expression_system_id               ? 
_entity_src_gen.plasmid_name                       ? 
_entity_src_gen.plasmid_details                    ? 
_entity_src_gen.pdbx_description                   ? 
# 
loop_
_chem_comp.id 
_chem_comp.type 
_chem_comp.mon_nstd_flag 
_chem_comp.name 
_chem_comp.pdbx_synonyms 
_chem_comp.formula 
_chem_comp.formula_weight 
ALA 'L-peptide linking' y ALANINE                                                                ? 'C3 H7 N O2'     89.093  
ARG 'L-peptide linking' y ARGININE                                                               ? 'C6 H15 N4 O2 1' 175.209 
ASN 'L-peptide linking' y ASPARAGINE                                                             ? 'C4 H8 N2 O3'    132.118 
ASP 'L-peptide linking' y 'ASPARTIC ACID'                                                        ? 'C4 H7 N O4'     133.103 
CYS 'L-peptide linking' y CYSTEINE                                                               ? 'C3 H7 N O2 S'   121.158 
D8Q non-polymer         . '~{N}-(2-azanylethyl)-1-methyl-6-oxidanylidene-pyridine-3-carboxamide' ? 'C9 H13 N3 O2'   195.218 
GLN 'L-peptide linking' y GLUTAMINE                                                              ? 'C5 H10 N2 O3'   146.144 
GLU 'L-peptide linking' y 'GLUTAMIC ACID'                                                        ? 'C5 H9 N O4'     147.129 
GLY 'peptide linking'   y GLYCINE                                                                ? 'C2 H5 N O2'     75.067  
HIS 'L-peptide linking' y HISTIDINE                                                              ? 'C6 H10 N3 O2 1' 156.162 
HOH non-polymer         . WATER                                                                  ? 'H2 O'           18.015  
ILE 'L-peptide linking' y ISOLEUCINE                                                             ? 'C6 H13 N O2'    131.173 
LEU 'L-peptide linking' y LEUCINE                                                                ? 'C6 H13 N O2'    131.173 
LYS 'L-peptide linking' y LYSINE                                                                 ? 'C6 H15 N2 O2 1' 147.195 
MET 'L-peptide linking' y METHIONINE                                                             ? 'C5 H11 N O2 S'  149.211 
PHE 'L-peptide linking' y PHENYLALANINE                                                          ? 'C9 H11 N O2'    165.189 
PRO 'L-peptide linking' y PROLINE                                                                ? 'C5 H9 N O2'     115.130 
SER 'L-peptide linking' y SERINE                                                                 ? 'C3 H7 N O3'     105.093 
THR 'L-peptide linking' y THREONINE                                                              ? 'C4 H9 N O3'     119.119 
TRP 'L-peptide linking' y TRYPTOPHAN                                                             ? 'C11 H12 N2 O2'  204.225 
TYR 'L-peptide linking' y TYROSINE                                                               ? 'C9 H11 N O3'    181.189 
VAL 'L-peptide linking' y VALINE                                                                 ? 'C5 H11 N O2'    117.146 
# 
loop_
_pdbx_poly_seq_scheme.asym_id 
_pdbx_poly_seq_scheme.entity_id 
_pdbx_poly_seq_scheme.seq_id 
_pdbx_poly_seq_scheme.mon_id 
_pdbx_poly_seq_scheme.ndb_seq_num 
_pdbx_poly_seq_scheme.pdb_seq_num 
_pdbx_poly_seq_scheme.auth_seq_num 
_pdbx_poly_seq_scheme.pdb_mon_id 
_pdbx_poly_seq_scheme.auth_mon_id 
_pdbx_poly_seq_scheme.pdb_strand_id 
_pdbx_poly_seq_scheme.pdb_ins_code 
_pdbx_poly_seq_scheme.hetero 
A 1 1   SER 1   1856 1856 SER SER A . n 
A 1 2   MET 2   1857 1857 MET MET A . n 
A 1 3   SER 3   1858 1858 SER SER A . n 
A 1 4   VAL 4   1859 1859 VAL VAL A . n 
A 1 5   LYS 5   1860 1860 LYS LYS A . n 
A 1 6   LYS 6   1861 1861 LYS LYS A . n 
A 1 7   PRO 7   1862 1862 PRO PRO A . n 
A 1 8   LYS 8   1863 1863 LYS LYS A . n 
A 1 9   ARG 9   1864 1864 ARG ARG A . n 
A 1 10  ASP 10  1865 1865 ASP ASP A . n 
A 1 11  ASP 11  1866 1866 ASP ASP A . n 
A 1 12  SER 12  1867 1867 SER SER A . n 
A 1 13  LYS 13  1868 1868 LYS LYS A . n 
A 1 14  ASP 14  1869 1869 ASP ASP A . n 
A 1 15  LEU 15  1870 1870 LEU LEU A . n 
A 1 16  ALA 16  1871 1871 ALA ALA A . n 
A 1 17  LEU 17  1872 1872 LEU LEU A . n 
A 1 18  CYS 18  1873 1873 CYS CYS A . n 
A 1 19  SER 19  1874 1874 SER SER A . n 
A 1 20  MET 20  1875 1875 MET MET A . n 
A 1 21  ILE 21  1876 1876 ILE ILE A . n 
A 1 22  LEU 22  1877 1877 LEU LEU A . n 
A 1 23  THR 23  1878 1878 THR THR A . n 
A 1 24  GLU 24  1879 1879 GLU GLU A . n 
A 1 25  MET 25  1880 1880 MET MET A . n 
A 1 26  GLU 26  1881 1881 GLU GLU A . n 
A 1 27  THR 27  1882 1882 THR THR A . n 
A 1 28  HIS 28  1883 1883 HIS HIS A . n 
A 1 29  GLU 29  1884 1884 GLU GLU A . n 
A 1 30  ASP 30  1885 1885 ASP ASP A . n 
A 1 31  ALA 31  1886 1886 ALA ALA A . n 
A 1 32  TRP 32  1887 1887 TRP TRP A . n 
A 1 33  PRO 33  1888 1888 PRO PRO A . n 
A 1 34  PHE 34  1889 1889 PHE PHE A . n 
A 1 35  LEU 35  1890 1890 LEU LEU A . n 
A 1 36  LEU 36  1891 1891 LEU LEU A . n 
A 1 37  PRO 37  1892 1892 PRO PRO A . n 
A 1 38  VAL 38  1893 1893 VAL VAL A . n 
A 1 39  ASN 39  1894 1894 ASN ASN A . n 
A 1 40  LEU 40  1895 1895 LEU LEU A . n 
A 1 41  LYS 41  1896 1896 LYS LYS A . n 
A 1 42  LEU 42  1897 1897 LEU LEU A . n 
A 1 43  VAL 43  1898 1898 VAL VAL A . n 
A 1 44  PRO 44  1899 1899 PRO PRO A . n 
A 1 45  GLY 45  1900 1900 GLY GLY A . n 
A 1 46  TYR 46  1901 1901 TYR TYR A . n 
A 1 47  LYS 47  1902 1902 LYS LYS A . n 
A 1 48  LYS 48  1903 1903 LYS LYS A . n 
A 1 49  VAL 49  1904 1904 VAL VAL A . n 
A 1 50  ILE 50  1905 1905 ILE ILE A . n 
A 1 51  LYS 51  1906 1906 LYS LYS A . n 
A 1 52  LYS 52  1907 1907 LYS LYS A . n 
A 1 53  PRO 53  1908 1908 PRO PRO A . n 
A 1 54  MET 54  1909 1909 MET MET A . n 
A 1 55  ASP 55  1910 1910 ASP ASP A . n 
A 1 56  PHE 56  1911 1911 PHE PHE A . n 
A 1 57  SER 57  1912 1912 SER SER A . n 
A 1 58  THR 58  1913 1913 THR THR A . n 
A 1 59  ILE 59  1914 1914 ILE ILE A . n 
A 1 60  ARG 60  1915 1915 ARG ARG A . n 
A 1 61  GLU 61  1916 1916 GLU GLU A . n 
A 1 62  LYS 62  1917 1917 LYS LYS A . n 
A 1 63  LEU 63  1918 1918 LEU LEU A . n 
A 1 64  SER 64  1919 1919 SER SER A . n 
A 1 65  SER 65  1920 1920 SER SER A . n 
A 1 66  GLY 66  1921 1921 GLY GLY A . n 
A 1 67  GLN 67  1922 1922 GLN GLN A . n 
A 1 68  TYR 68  1923 1923 TYR TYR A . n 
A 1 69  PRO 69  1924 1924 PRO PRO A . n 
A 1 70  ASN 70  1925 1925 ASN ASN A . n 
A 1 71  LEU 71  1926 1926 LEU LEU A . n 
A 1 72  GLU 72  1927 1927 GLU GLU A . n 
A 1 73  THR 73  1928 1928 THR THR A . n 
A 1 74  PHE 74  1929 1929 PHE PHE A . n 
A 1 75  ALA 75  1930 1930 ALA ALA A . n 
A 1 76  LEU 76  1931 1931 LEU LEU A . n 
A 1 77  ASP 77  1932 1932 ASP ASP A . n 
A 1 78  VAL 78  1933 1933 VAL VAL A . n 
A 1 79  ARG 79  1934 1934 ARG ARG A . n 
A 1 80  LEU 80  1935 1935 LEU LEU A . n 
A 1 81  VAL 81  1936 1936 VAL VAL A . n 
A 1 82  PHE 82  1937 1937 PHE PHE A . n 
A 1 83  ASP 83  1938 1938 ASP ASP A . n 
A 1 84  ASN 84  1939 1939 ASN ASN A . n 
A 1 85  CYS 85  1940 1940 CYS CYS A . n 
A 1 86  GLU 86  1941 1941 GLU GLU A . n 
A 1 87  THR 87  1942 1942 THR THR A . n 
A 1 88  PHE 88  1943 1943 PHE PHE A . n 
A 1 89  ASN 89  1944 1944 ASN ASN A . n 
A 1 90  GLU 90  1945 1945 GLU GLU A . n 
A 1 91  ASP 91  1946 1946 ASP ASP A . n 
A 1 92  ASP 92  1947 1947 ASP ASP A . n 
A 1 93  SER 93  1948 1948 SER SER A . n 
A 1 94  ASP 94  1949 1949 ASP ASP A . n 
A 1 95  ILE 95  1950 1950 ILE ILE A . n 
A 1 96  GLY 96  1951 1951 GLY GLY A . n 
A 1 97  ARG 97  1952 1952 ARG ARG A . n 
A 1 98  ALA 98  1953 1953 ALA ALA A . n 
A 1 99  GLY 99  1954 1954 GLY GLY A . n 
A 1 100 HIS 100 1955 1955 HIS HIS A . n 
A 1 101 ASN 101 1956 1956 ASN ASN A . n 
A 1 102 MET 102 1957 1957 MET MET A . n 
A 1 103 ARG 103 1958 1958 ARG ARG A . n 
A 1 104 LYS 104 1959 1959 LYS LYS A . n 
A 1 105 TYR 105 1960 1960 TYR TYR A . n 
A 1 106 PHE 106 1961 1961 PHE PHE A . n 
A 1 107 GLU 107 1962 1962 GLU GLU A . n 
A 1 108 LYS 108 1963 1963 LYS LYS A . n 
A 1 109 LYS 109 1964 1964 LYS LYS A . n 
A 1 110 TRP 110 1965 1965 TRP TRP A . n 
A 1 111 THR 111 1966 1966 THR THR A . n 
A 1 112 ASP 112 1967 1967 ASP ASP A . n 
A 1 113 THR 113 1968 1968 THR THR A . n 
A 1 114 PHE 114 1969 1969 PHE PHE A . n 
A 1 115 LYS 115 1970 1970 LYS LYS A . n 
A 1 116 VAL 116 1971 ?    ?   ?   A . n 
A 1 117 SER 117 1972 ?    ?   ?   A . n 
# 
loop_
_pdbx_nonpoly_scheme.asym_id 
_pdbx_nonpoly_scheme.entity_id 
_pdbx_nonpoly_scheme.mon_id 
_pdbx_nonpoly_scheme.ndb_seq_num 
_pdbx_nonpoly_scheme.pdb_seq_num 
_pdbx_nonpoly_scheme.auth_seq_num 
_pdbx_nonpoly_scheme.pdb_mon_id 
_pdbx_nonpoly_scheme.auth_mon_id 
_pdbx_nonpoly_scheme.pdb_strand_id 
_pdbx_nonpoly_scheme.pdb_ins_code 
B 2 D8Q 1  2001 1  D8Q EN1 A . 
C 3 HOH 1  2101 44 HOH HOH A . 
C 3 HOH 2  2102 16 HOH HOH A . 
C 3 HOH 3  2103 4  HOH HOH A . 
C 3 HOH 4  2104 65 HOH HOH A . 
C 3 HOH 5  2105 79 HOH HOH A . 
C 3 HOH 6  2106 75 HOH HOH A . 
C 3 HOH 7  2107 54 HOH HOH A . 
C 3 HOH 8  2108 52 HOH HOH A . 
C 3 HOH 9  2109 57 HOH HOH A . 
C 3 HOH 10 2110 9  HOH HOH A . 
C 3 HOH 11 2111 7  HOH HOH A . 
C 3 HOH 12 2112 64 HOH HOH A . 
C 3 HOH 13 2113 33 HOH HOH A . 
C 3 HOH 14 2114 10 HOH HOH A . 
C 3 HOH 15 2115 49 HOH HOH A . 
C 3 HOH 16 2116 12 HOH HOH A . 
C 3 HOH 17 2117 66 HOH HOH A . 
C 3 HOH 18 2118 48 HOH HOH A . 
C 3 HOH 19 2119 32 HOH HOH A . 
C 3 HOH 20 2120 27 HOH HOH A . 
C 3 HOH 21 2121 14 HOH HOH A . 
C 3 HOH 22 2122 8  HOH HOH A . 
C 3 HOH 23 2123 30 HOH HOH A . 
C 3 HOH 24 2124 60 HOH HOH A . 
C 3 HOH 25 2125 11 HOH HOH A . 
C 3 HOH 26 2126 19 HOH HOH A . 
C 3 HOH 27 2127 46 HOH HOH A . 
C 3 HOH 28 2128 34 HOH HOH A . 
C 3 HOH 29 2129 41 HOH HOH A . 
C 3 HOH 30 2130 23 HOH HOH A . 
C 3 HOH 31 2131 28 HOH HOH A . 
C 3 HOH 32 2132 5  HOH HOH A . 
C 3 HOH 33 2133 31 HOH HOH A . 
C 3 HOH 34 2134 25 HOH HOH A . 
C 3 HOH 35 2135 40 HOH HOH A . 
C 3 HOH 36 2136 1  HOH HOH A . 
C 3 HOH 37 2137 36 HOH HOH A . 
C 3 HOH 38 2138 26 HOH HOH A . 
C 3 HOH 39 2139 68 HOH HOH A . 
C 3 HOH 40 2140 43 HOH HOH A . 
C 3 HOH 41 2141 35 HOH HOH A . 
C 3 HOH 42 2142 15 HOH HOH A . 
C 3 HOH 43 2143 78 HOH HOH A . 
C 3 HOH 44 2144 24 HOH HOH A . 
C 3 HOH 45 2145 76 HOH HOH A . 
C 3 HOH 46 2146 3  HOH HOH A . 
C 3 HOH 47 2147 13 HOH HOH A . 
C 3 HOH 48 2148 21 HOH HOH A . 
C 3 HOH 49 2149 22 HOH HOH A . 
C 3 HOH 50 2150 45 HOH HOH A . 
C 3 HOH 51 2151 38 HOH HOH A . 
C 3 HOH 52 2152 62 HOH HOH A . 
C 3 HOH 53 2153 84 HOH HOH A . 
C 3 HOH 54 2154 47 HOH HOH A . 
C 3 HOH 55 2155 67 HOH HOH A . 
C 3 HOH 56 2156 37 HOH HOH A . 
C 3 HOH 57 2157 69 HOH HOH A . 
C 3 HOH 58 2158 71 HOH HOH A . 
C 3 HOH 59 2159 2  HOH HOH A . 
C 3 HOH 60 2160 74 HOH HOH A . 
C 3 HOH 61 2161 51 HOH HOH A . 
C 3 HOH 62 2162 80 HOH HOH A . 
C 3 HOH 63 2163 53 HOH HOH A . 
C 3 HOH 64 2164 6  HOH HOH A . 
C 3 HOH 65 2165 50 HOH HOH A . 
C 3 HOH 66 2166 63 HOH HOH A . 
C 3 HOH 67 2167 81 HOH HOH A . 
C 3 HOH 68 2168 39 HOH HOH A . 
C 3 HOH 69 2169 77 HOH HOH A . 
C 3 HOH 70 2170 82 HOH HOH A . 
C 3 HOH 71 2171 73 HOH HOH A . 
C 3 HOH 72 2172 61 HOH HOH A . 
C 3 HOH 73 2173 83 HOH HOH A . 
C 3 HOH 74 2174 42 HOH HOH A . 
C 3 HOH 75 2175 55 HOH HOH A . 
C 3 HOH 76 2176 18 HOH HOH A . 
C 3 HOH 77 2177 70 HOH HOH A . 
C 3 HOH 78 2178 59 HOH HOH A . 
C 3 HOH 79 2179 17 HOH HOH A . 
C 3 HOH 80 2180 72 HOH HOH A . 
C 3 HOH 81 2181 58 HOH HOH A . 
C 3 HOH 82 2182 20 HOH HOH A . 
C 3 HOH 83 2183 56 HOH HOH A . 
C 3 HOH 84 2184 29 HOH HOH A . 
# 
loop_
_software.citation_id 
_software.classification 
_software.compiler_name 
_software.compiler_version 
_software.contact_author 
_software.contact_author_email 
_software.date 
_software.description 
_software.dependencies 
_software.hardware 
_software.language 
_software.location 
_software.mods 
_software.name 
_software.os 
_software.os_version 
_software.type 
_software.version 
_software.pdbx_ordinal 
? refinement        ? ? ? ? ? ? ? ? ? ? ? PHENIX      ? ? ? .    1 
? 'data reduction'  ? ? ? ? ? ? ? ? ? ? ? XDS         ? ? ? .    2 
? phasing           ? ? ? ? ? ? ? ? ? ? ? PHASER      ? ? ? .    3 
? 'data extraction' ? ? ? ? ? ? ? ? ? ? ? PDB_EXTRACT ? ? ? 3.24 4 
? 'data scaling'    ? ? ? ? ? ? ? ? ? ? ? STARANISO   ? ? ? .    5 
# 
_cell.angle_alpha                  90.000 
_cell.angle_alpha_esd              ? 
_cell.angle_beta                   90.000 
_cell.angle_beta_esd               ? 
_cell.angle_gamma                  90.000 
_cell.angle_gamma_esd              ? 
_cell.entry_id                     6FH6 
_cell.details                      ? 
_cell.formula_units_Z              ? 
_cell.length_a                     79.744 
_cell.length_a_esd                 ? 
_cell.length_b                     95.997 
_cell.length_b_esd                 ? 
_cell.length_c                     57.725 
_cell.length_c_esd                 ? 
_cell.volume                       ? 
_cell.volume_esd                   ? 
_cell.Z_PDB                        8 
_cell.reciprocal_angle_alpha       ? 
_cell.reciprocal_angle_beta        ? 
_cell.reciprocal_angle_gamma       ? 
_cell.reciprocal_angle_alpha_esd   ? 
_cell.reciprocal_angle_beta_esd    ? 
_cell.reciprocal_angle_gamma_esd   ? 
_cell.reciprocal_length_a          ? 
_cell.reciprocal_length_b          ? 
_cell.reciprocal_length_c          ? 
_cell.reciprocal_length_a_esd      ? 
_cell.reciprocal_length_b_esd      ? 
_cell.reciprocal_length_c_esd      ? 
_cell.pdbx_unique_axis             ? 
# 
_symmetry.entry_id                         6FH6 
_symmetry.cell_setting                     ? 
_symmetry.Int_Tables_number                20 
_symmetry.space_group_name_Hall            ? 
_symmetry.space_group_name_H-M             'C 2 2 21' 
_symmetry.pdbx_full_space_group_name_H-M   ? 
# 
_exptl.absorpt_coefficient_mu     ? 
_exptl.absorpt_correction_T_max   ? 
_exptl.absorpt_correction_T_min   ? 
_exptl.absorpt_correction_type    ? 
_exptl.absorpt_process_details    ? 
_exptl.entry_id                   6FH6 
_exptl.crystals_number            1 
_exptl.details                    ? 
_exptl.method                     'X-RAY DIFFRACTION' 
_exptl.method_details             ? 
# 
_exptl_crystal.colour                      ? 
_exptl_crystal.density_diffrn              ? 
_exptl_crystal.density_Matthews            4.06 
_exptl_crystal.density_method              ? 
_exptl_crystal.density_percent_sol         69.67 
_exptl_crystal.description                 ? 
_exptl_crystal.F_000                       ? 
_exptl_crystal.id                          1 
_exptl_crystal.preparation                 ? 
_exptl_crystal.size_max                    ? 
_exptl_crystal.size_mid                    ? 
_exptl_crystal.size_min                    ? 
_exptl_crystal.size_rad                    ? 
_exptl_crystal.colour_lustre               ? 
_exptl_crystal.colour_modifier             ? 
_exptl_crystal.colour_primary              ? 
_exptl_crystal.density_meas                ? 
_exptl_crystal.density_meas_esd            ? 
_exptl_crystal.density_meas_gt             ? 
_exptl_crystal.density_meas_lt             ? 
_exptl_crystal.density_meas_temp           ? 
_exptl_crystal.density_meas_temp_esd       ? 
_exptl_crystal.density_meas_temp_gt        ? 
_exptl_crystal.density_meas_temp_lt        ? 
_exptl_crystal.pdbx_crystal_image_url      ? 
_exptl_crystal.pdbx_crystal_image_format   ? 
_exptl_crystal.pdbx_mosaicity              ? 
_exptl_crystal.pdbx_mosaicity_esd          ? 
# 
_exptl_crystal_grow.apparatus       ? 
_exptl_crystal_grow.atmosphere      ? 
_exptl_crystal_grow.crystal_id      1 
_exptl_crystal_grow.details         ? 
_exptl_crystal_grow.method          'VAPOR DIFFUSION, SITTING DROP' 
_exptl_crystal_grow.method_ref      ? 
_exptl_crystal_grow.pH              7.5 
_exptl_crystal_grow.pressure        ? 
_exptl_crystal_grow.pressure_esd    ? 
_exptl_crystal_grow.seeding         ? 
_exptl_crystal_grow.seeding_ref     ? 
_exptl_crystal_grow.temp            277 
_exptl_crystal_grow.temp_details    ? 
_exptl_crystal_grow.temp_esd        ? 
_exptl_crystal_grow.time            ? 
_exptl_crystal_grow.pdbx_details    '20% PEG500MME, 2% PEG1000, 2% PEG3350, 10% PEG20000, 2% MPD' 
_exptl_crystal_grow.pdbx_pH_range   ? 
# 
_diffrn.ambient_environment    ? 
_diffrn.ambient_temp           100 
_diffrn.ambient_temp_details   ? 
_diffrn.ambient_temp_esd       ? 
_diffrn.crystal_id             1 
_diffrn.crystal_support        ? 
_diffrn.crystal_treatment      ? 
_diffrn.details                ? 
_diffrn.id                     1 
_diffrn.ambient_pressure       ? 
_diffrn.ambient_pressure_esd   ? 
_diffrn.ambient_pressure_gt    ? 
_diffrn.ambient_pressure_lt    ? 
_diffrn.ambient_temp_gt        ? 
_diffrn.ambient_temp_lt        ? 
# 
_diffrn_detector.details                      ? 
_diffrn_detector.detector                     PIXEL 
_diffrn_detector.diffrn_id                    1 
_diffrn_detector.type                         'DECTRIS EIGER X 16M' 
_diffrn_detector.area_resol_mean              ? 
_diffrn_detector.dtime                        ? 
_diffrn_detector.pdbx_frames_total            ? 
_diffrn_detector.pdbx_collection_time_total   ? 
_diffrn_detector.pdbx_collection_date         2017-06-11 
# 
_diffrn_radiation.collimation                      ? 
_diffrn_radiation.diffrn_id                        1 
_diffrn_radiation.filter_edge                      ? 
_diffrn_radiation.inhomogeneity                    ? 
_diffrn_radiation.monochromator                    ? 
_diffrn_radiation.polarisn_norm                    ? 
_diffrn_radiation.polarisn_ratio                   ? 
_diffrn_radiation.probe                            ? 
_diffrn_radiation.type                             ? 
_diffrn_radiation.xray_symbol                      ? 
_diffrn_radiation.wavelength_id                    1 
_diffrn_radiation.pdbx_monochromatic_or_laue_m_l   M 
_diffrn_radiation.pdbx_wavelength_list             ? 
_diffrn_radiation.pdbx_wavelength                  ? 
_diffrn_radiation.pdbx_diffrn_protocol             'SINGLE WAVELENGTH' 
_diffrn_radiation.pdbx_analyzer                    ? 
_diffrn_radiation.pdbx_scattering_type             x-ray 
# 
_diffrn_radiation_wavelength.id           1 
_diffrn_radiation_wavelength.wavelength   1.00 
_diffrn_radiation_wavelength.wt           1.0 
# 
_diffrn_source.current                     ? 
_diffrn_source.details                     ? 
_diffrn_source.diffrn_id                   1 
_diffrn_source.power                       ? 
_diffrn_source.size                        ? 
_diffrn_source.source                      SYNCHROTRON 
_diffrn_source.target                      ? 
_diffrn_source.type                        'SLS BEAMLINE X06SA' 
_diffrn_source.voltage                     ? 
_diffrn_source.take-off_angle              ? 
_diffrn_source.pdbx_wavelength_list        1.00 
_diffrn_source.pdbx_wavelength             ? 
_diffrn_source.pdbx_synchrotron_beamline   X06SA 
_diffrn_source.pdbx_synchrotron_site       SLS 
# 
_reflns.B_iso_Wilson_estimate            ? 
_reflns.entry_id                         6FH6 
_reflns.data_reduction_details           ? 
_reflns.data_reduction_method            ? 
_reflns.d_resolution_high                2.082 
_reflns.d_resolution_low                 47.999 
_reflns.details                          ? 
_reflns.limit_h_max                      ? 
_reflns.limit_h_min                      ? 
_reflns.limit_k_max                      ? 
_reflns.limit_k_min                      ? 
_reflns.limit_l_max                      ? 
_reflns.limit_l_min                      ? 
_reflns.number_all                       ? 
_reflns.number_obs                       8432 
_reflns.observed_criterion               ? 
_reflns.observed_criterion_F_max         ? 
_reflns.observed_criterion_F_min         ? 
_reflns.observed_criterion_I_max         ? 
_reflns.observed_criterion_I_min         ? 
_reflns.observed_criterion_sigma_F       ? 
_reflns.observed_criterion_sigma_I       ? 
_reflns.percent_possible_obs             61.9 
_reflns.R_free_details                   ? 
_reflns.Rmerge_F_all                     ? 
_reflns.Rmerge_F_obs                     ? 
_reflns.Friedel_coverage                 ? 
_reflns.number_gt                        ? 
_reflns.threshold_expression             ? 
_reflns.pdbx_redundancy                  7.4 
_reflns.pdbx_Rmerge_I_obs                0.045 
_reflns.pdbx_Rmerge_I_all                ? 
_reflns.pdbx_Rsym_value                  ? 
_reflns.pdbx_netI_over_av_sigmaI         ? 
_reflns.pdbx_netI_over_sigmaI            20.7 
_reflns.pdbx_res_netI_over_av_sigmaI_2   ? 
_reflns.pdbx_res_netI_over_sigmaI_2      ? 
_reflns.pdbx_chi_squared                 ? 
_reflns.pdbx_scaling_rejects             ? 
_reflns.pdbx_d_res_high_opt              ? 
_reflns.pdbx_d_res_low_opt               ? 
_reflns.pdbx_d_res_opt_method            ? 
_reflns.phase_calculation_details        ? 
_reflns.pdbx_Rrim_I_all                  0.051 
_reflns.pdbx_Rpim_I_all                  0.019 
_reflns.pdbx_d_opt                       ? 
_reflns.pdbx_number_measured_all         ? 
_reflns.pdbx_diffrn_id                   1 
_reflns.pdbx_ordinal                     1 
_reflns.pdbx_CC_half                     1.000 
_reflns.pdbx_R_split                     ? 
# 
_reflns_shell.d_res_high                  2.082 
_reflns_shell.d_res_low                   2.152 
_reflns_shell.meanI_over_sigI_all         ? 
_reflns_shell.meanI_over_sigI_obs         4.1 
_reflns_shell.number_measured_all         ? 
_reflns_shell.number_measured_obs         ? 
_reflns_shell.number_possible             ? 
_reflns_shell.number_unique_all           ? 
_reflns_shell.number_unique_obs           420 
_reflns_shell.percent_possible_all        33.5 
_reflns_shell.percent_possible_obs        ? 
_reflns_shell.Rmerge_F_all                ? 
_reflns_shell.Rmerge_F_obs                ? 
_reflns_shell.Rmerge_I_all                ? 
_reflns_shell.Rmerge_I_obs                0.461 
_reflns_shell.meanI_over_sigI_gt          ? 
_reflns_shell.meanI_over_uI_all           ? 
_reflns_shell.meanI_over_uI_gt            ? 
_reflns_shell.number_measured_gt          ? 
_reflns_shell.number_unique_gt            ? 
_reflns_shell.percent_possible_gt         ? 
_reflns_shell.Rmerge_F_gt                 ? 
_reflns_shell.Rmerge_I_gt                 ? 
_reflns_shell.pdbx_redundancy             7.9 
_reflns_shell.pdbx_Rsym_value             ? 
_reflns_shell.pdbx_chi_squared            ? 
_reflns_shell.pdbx_netI_over_sigmaI_all   ? 
_reflns_shell.pdbx_netI_over_sigmaI_obs   ? 
_reflns_shell.pdbx_Rrim_I_all             0.496 
_reflns_shell.pdbx_Rpim_I_all             0.175 
_reflns_shell.pdbx_rejects                ? 
_reflns_shell.pdbx_ordinal                1 
_reflns_shell.pdbx_diffrn_id              1 
_reflns_shell.pdbx_CC_half                0.966 
_reflns_shell.pdbx_R_split                ? 
# 
_refine.aniso_B[1][1]                            ? 
_refine.aniso_B[1][2]                            ? 
_refine.aniso_B[1][3]                            ? 
_refine.aniso_B[2][2]                            ? 
_refine.aniso_B[2][3]                            ? 
_refine.aniso_B[3][3]                            ? 
_refine.B_iso_max                                81.310 
_refine.B_iso_mean                               31.8278 
_refine.B_iso_min                                14.670 
_refine.correlation_coeff_Fo_to_Fc               ? 
_refine.correlation_coeff_Fo_to_Fc_free          ? 
_refine.details                                  ? 
_refine.diff_density_max                         ? 
_refine.diff_density_max_esd                     ? 
_refine.diff_density_min                         ? 
_refine.diff_density_min_esd                     ? 
_refine.diff_density_rms                         ? 
_refine.diff_density_rms_esd                     ? 
_refine.entry_id                                 6FH6 
_refine.pdbx_refine_id                           'X-RAY DIFFRACTION' 
_refine.ls_abs_structure_details                 ? 
_refine.ls_abs_structure_Flack                   ? 
_refine.ls_abs_structure_Flack_esd               ? 
_refine.ls_abs_structure_Rogers                  ? 
_refine.ls_abs_structure_Rogers_esd              ? 
_refine.ls_d_res_high                            2.0820 
_refine.ls_d_res_low                             47.9980 
_refine.ls_extinction_coef                       ? 
_refine.ls_extinction_coef_esd                   ? 
_refine.ls_extinction_expression                 ? 
_refine.ls_extinction_method                     ? 
_refine.ls_goodness_of_fit_all                   ? 
_refine.ls_goodness_of_fit_all_esd               ? 
_refine.ls_goodness_of_fit_obs                   ? 
_refine.ls_goodness_of_fit_obs_esd               ? 
_refine.ls_hydrogen_treatment                    ? 
_refine.ls_matrix_type                           ? 
_refine.ls_number_constraints                    ? 
_refine.ls_number_parameters                     ? 
_refine.ls_number_reflns_all                     ? 
_refine.ls_number_reflns_obs                     8418 
_refine.ls_number_reflns_R_free                  446 
_refine.ls_number_reflns_R_work                  ? 
_refine.ls_number_restraints                     ? 
_refine.ls_percent_reflns_obs                    61.8400 
_refine.ls_percent_reflns_R_free                 5.3000 
_refine.ls_R_factor_all                          ? 
_refine.ls_R_factor_obs                          0.2120 
_refine.ls_R_factor_R_free                       0.2459 
_refine.ls_R_factor_R_free_error                 ? 
_refine.ls_R_factor_R_free_error_details         ? 
_refine.ls_R_factor_R_work                       0.2101 
_refine.ls_R_Fsqd_factor_obs                     ? 
_refine.ls_R_I_factor_obs                        ? 
_refine.ls_redundancy_reflns_all                 ? 
_refine.ls_redundancy_reflns_obs                 ? 
_refine.ls_restrained_S_all                      ? 
_refine.ls_restrained_S_obs                      ? 
_refine.ls_shift_over_esd_max                    ? 
_refine.ls_shift_over_esd_mean                   ? 
_refine.ls_structure_factor_coef                 ? 
_refine.ls_weighting_details                     ? 
_refine.ls_weighting_scheme                      ? 
_refine.ls_wR_factor_all                         ? 
_refine.ls_wR_factor_obs                         ? 
_refine.ls_wR_factor_R_free                      ? 
_refine.ls_wR_factor_R_work                      ? 
_refine.occupancy_max                            ? 
_refine.occupancy_min                            ? 
_refine.solvent_model_details                    ? 
_refine.solvent_model_param_bsol                 ? 
_refine.solvent_model_param_ksol                 ? 
_refine.ls_R_factor_gt                           ? 
_refine.ls_goodness_of_fit_gt                    ? 
_refine.ls_goodness_of_fit_ref                   ? 
_refine.ls_shift_over_su_max                     ? 
_refine.ls_shift_over_su_max_lt                  ? 
_refine.ls_shift_over_su_mean                    ? 
_refine.ls_shift_over_su_mean_lt                 ? 
_refine.pdbx_ls_sigma_I                          ? 
_refine.pdbx_ls_sigma_F                          1.340 
_refine.pdbx_ls_sigma_Fsqd                       ? 
_refine.pdbx_data_cutoff_high_absF               ? 
_refine.pdbx_data_cutoff_high_rms_absF           ? 
_refine.pdbx_data_cutoff_low_absF                ? 
_refine.pdbx_isotropic_thermal_model             ? 
_refine.pdbx_ls_cross_valid_method               'FREE R-VALUE' 
_refine.pdbx_method_to_determine_struct          'MOLECULAR REPLACEMENT' 
_refine.pdbx_starting_model                      4IR5 
_refine.pdbx_stereochemistry_target_values       ? 
_refine.pdbx_R_Free_selection_details            ? 
_refine.pdbx_stereochem_target_val_spec_case     ? 
_refine.pdbx_overall_ESU_R                       ? 
_refine.pdbx_overall_ESU_R_Free                  ? 
_refine.pdbx_solvent_vdw_probe_radii             1.1100 
_refine.pdbx_solvent_ion_probe_radii             ? 
_refine.pdbx_solvent_shrinkage_radii             0.9000 
_refine.pdbx_real_space_R                        ? 
_refine.pdbx_density_correlation                 ? 
_refine.pdbx_pd_number_of_powder_patterns        ? 
_refine.pdbx_pd_number_of_points                 ? 
_refine.pdbx_pd_meas_number_of_points            ? 
_refine.pdbx_pd_proc_ls_prof_R_factor            ? 
_refine.pdbx_pd_proc_ls_prof_wR_factor           ? 
_refine.pdbx_pd_Marquardt_correlation_coeff      ? 
_refine.pdbx_pd_Fsqrd_R_factor                   ? 
_refine.pdbx_pd_ls_matrix_band_width             ? 
_refine.pdbx_overall_phase_error                 27.0300 
_refine.pdbx_overall_SU_R_free_Cruickshank_DPI   ? 
_refine.pdbx_overall_SU_R_free_Blow_DPI          ? 
_refine.pdbx_overall_SU_R_Blow_DPI               ? 
_refine.pdbx_TLS_residual_ADP_flag               ? 
_refine.pdbx_diffrn_id                           1 
_refine.overall_SU_B                             ? 
_refine.overall_SU_ML                            0.2700 
_refine.overall_SU_R_Cruickshank_DPI             ? 
_refine.overall_SU_R_free                        ? 
_refine.overall_FOM_free_R_set                   ? 
_refine.overall_FOM_work_R_set                   ? 
_refine.pdbx_average_fsc_overall                 ? 
_refine.pdbx_average_fsc_work                    ? 
_refine.pdbx_average_fsc_free                    ? 
# 
_refine_hist.cycle_id                         final 
_refine_hist.pdbx_refine_id                   'X-RAY DIFFRACTION' 
_refine_hist.d_res_high                       2.0820 
_refine_hist.d_res_low                        47.9980 
_refine_hist.pdbx_number_atoms_ligand         14 
_refine_hist.number_atoms_solvent             84 
_refine_hist.number_atoms_total               1038 
_refine_hist.pdbx_number_residues_total       115 
_refine_hist.pdbx_B_iso_mean_ligand           56.90 
_refine_hist.pdbx_B_iso_mean_solvent          36.36 
_refine_hist.pdbx_number_atoms_protein        940 
_refine_hist.pdbx_number_atoms_nucleic_acid   0 
# 
loop_
_refine_ls_restr.pdbx_refine_id 
_refine_ls_restr.criterion 
_refine_ls_restr.dev_ideal 
_refine_ls_restr.dev_ideal_target 
_refine_ls_restr.number 
_refine_ls_restr.rejects 
_refine_ls_restr.type 
_refine_ls_restr.weight 
_refine_ls_restr.pdbx_restraint_function 
'X-RAY DIFFRACTION' ? 0.003  ? 975  ? f_bond_d           ? ? 
'X-RAY DIFFRACTION' ? 0.572  ? 1310 ? f_angle_d          ? ? 
'X-RAY DIFFRACTION' ? 0.041  ? 139  ? f_chiral_restr     ? ? 
'X-RAY DIFFRACTION' ? 0.004  ? 166  ? f_plane_restr      ? ? 
'X-RAY DIFFRACTION' ? 13.802 ? 596  ? f_dihedral_angle_d ? ? 
# 
loop_
_refine_ls_shell.pdbx_refine_id 
_refine_ls_shell.d_res_high 
_refine_ls_shell.d_res_low 
_refine_ls_shell.number_reflns_all 
_refine_ls_shell.number_reflns_obs 
_refine_ls_shell.number_reflns_R_free 
_refine_ls_shell.number_reflns_R_work 
_refine_ls_shell.percent_reflns_obs 
_refine_ls_shell.percent_reflns_R_free 
_refine_ls_shell.R_factor_all 
_refine_ls_shell.R_factor_obs 
_refine_ls_shell.R_factor_R_free 
_refine_ls_shell.R_factor_R_free_error 
_refine_ls_shell.R_factor_R_work 
_refine_ls_shell.redundancy_reflns_all 
_refine_ls_shell.redundancy_reflns_obs 
_refine_ls_shell.wR_factor_all 
_refine_ls_shell.wR_factor_obs 
_refine_ls_shell.wR_factor_R_free 
_refine_ls_shell.wR_factor_R_work 
_refine_ls_shell.pdbx_total_number_of_bins_used 
_refine_ls_shell.pdbx_phase_error 
_refine_ls_shell.pdbx_fsc_work 
_refine_ls_shell.pdbx_fsc_free 
'X-RAY DIFFRACTION' 2.0820 2.3833  1659 . 93  1566 37.0000 . . . 0.3293 0.0000 0.2366 . . . . . . 3 . . . 
'X-RAY DIFFRACTION' 2.3833 3.0026  2479 . 133 2346 55.0000 . . . 0.2806 0.0000 0.2405 . . . . . . 3 . . . 
'X-RAY DIFFRACTION' 3.0026 48.0112 4280 . 220 4060 92.0000 . . . 0.2251 0.0000 0.1988 . . . . . . 3 . . . 
# 
_struct.entry_id                     6FH6 
_struct.title                        'Crystal Structure of BAZ2B bromodomain in complex with 1-methylpyridinone compound 1' 
_struct.pdbx_model_details           ? 
_struct.pdbx_formula_weight          ? 
_struct.pdbx_formula_weight_method   ? 
_struct.pdbx_model_type_details      ? 
_struct.pdbx_CASP_flag               N 
# 
_struct_keywords.entry_id        6FH6 
_struct_keywords.text            'four helical bundle, transcription' 
_struct_keywords.pdbx_keywords   TRANSCRIPTION 
# 
loop_
_struct_asym.id 
_struct_asym.pdbx_blank_PDB_chainid_flag 
_struct_asym.pdbx_modified 
_struct_asym.entity_id 
_struct_asym.details 
A N N 1 ? 
B N N 2 ? 
C N N 3 ? 
# 
_struct_ref.id                         1 
_struct_ref.db_name                    UNP 
_struct_ref.db_code                    BAZ2B_HUMAN 
_struct_ref.pdbx_db_accession          Q9UIF8 
_struct_ref.pdbx_db_isoform            ? 
_struct_ref.entity_id                  1 
_struct_ref.pdbx_seq_one_letter_code   
;SVKKPKRDDSKDLALCSMILTEMETHEDAWPFLLPVNLKLVPGYKKVIKKPMDFSTIREKLSSGQYPNLETFALDVRLVF
DNCETFNEDDSDIGRAGHNMRKYFEKKWTDTFKVS
;
_struct_ref.pdbx_align_begin           2054 
# 
_struct_ref_seq.align_id                      1 
_struct_ref_seq.ref_id                        1 
_struct_ref_seq.pdbx_PDB_id_code              6FH6 
_struct_ref_seq.pdbx_strand_id                A 
_struct_ref_seq.seq_align_beg                 3 
_struct_ref_seq.pdbx_seq_align_beg_ins_code   ? 
_struct_ref_seq.seq_align_end                 117 
_struct_ref_seq.pdbx_seq_align_end_ins_code   ? 
_struct_ref_seq.pdbx_db_accession             Q9UIF8 
_struct_ref_seq.db_align_beg                  2054 
_struct_ref_seq.pdbx_db_align_beg_ins_code    ? 
_struct_ref_seq.db_align_end                  2168 
_struct_ref_seq.pdbx_db_align_end_ins_code    ? 
_struct_ref_seq.pdbx_auth_seq_align_beg       1858 
_struct_ref_seq.pdbx_auth_seq_align_end       1972 
# 
loop_
_struct_ref_seq_dif.align_id 
_struct_ref_seq_dif.pdbx_pdb_id_code 
_struct_ref_seq_dif.mon_id 
_struct_ref_seq_dif.pdbx_pdb_strand_id 
_struct_ref_seq_dif.seq_num 
_struct_ref_seq_dif.pdbx_pdb_ins_code 
_struct_ref_seq_dif.pdbx_seq_db_name 
_struct_ref_seq_dif.pdbx_seq_db_accession_code 
_struct_ref_seq_dif.db_mon_id 
_struct_ref_seq_dif.pdbx_seq_db_seq_num 
_struct_ref_seq_dif.details 
_struct_ref_seq_dif.pdbx_auth_seq_num 
_struct_ref_seq_dif.pdbx_ordinal 
1 6FH6 SER A 1 ? UNP Q9UIF8 ? ? 'expression tag' 1856 1 
1 6FH6 MET A 2 ? UNP Q9UIF8 ? ? 'expression tag' 1857 2 
# 
_pdbx_struct_assembly.id                   1 
_pdbx_struct_assembly.details              author_and_software_defined_assembly 
_pdbx_struct_assembly.method_details       PISA 
_pdbx_struct_assembly.oligomeric_details   monomeric 
_pdbx_struct_assembly.oligomeric_count     1 
# 
loop_
_pdbx_struct_assembly_prop.biol_id 
_pdbx_struct_assembly_prop.type 
_pdbx_struct_assembly_prop.value 
_pdbx_struct_assembly_prop.details 
1 'ABSA (A^2)' 0    ? 
1 MORE         0    ? 
1 'SSA (A^2)'  7730 ? 
# 
_pdbx_struct_assembly_gen.assembly_id       1 
_pdbx_struct_assembly_gen.oper_expression   1 
_pdbx_struct_assembly_gen.asym_id_list      A,B,C 
# 
_pdbx_struct_assembly_auth_evidence.id                     1 
_pdbx_struct_assembly_auth_evidence.assembly_id            1 
_pdbx_struct_assembly_auth_evidence.experimental_support   'gel filtration' 
_pdbx_struct_assembly_auth_evidence.details                ? 
# 
_pdbx_struct_oper_list.id                   1 
_pdbx_struct_oper_list.type                 'identity operation' 
_pdbx_struct_oper_list.name                 1_555 
_pdbx_struct_oper_list.symmetry_operation   x,y,z 
_pdbx_struct_oper_list.matrix[1][1]         1.0000000000 
_pdbx_struct_oper_list.matrix[1][2]         0.0000000000 
_pdbx_struct_oper_list.matrix[1][3]         0.0000000000 
_pdbx_struct_oper_list.vector[1]            0.0000000000 
_pdbx_struct_oper_list.matrix[2][1]         0.0000000000 
_pdbx_struct_oper_list.matrix[2][2]         1.0000000000 
_pdbx_struct_oper_list.matrix[2][3]         0.0000000000 
_pdbx_struct_oper_list.vector[2]            0.0000000000 
_pdbx_struct_oper_list.matrix[3][1]         0.0000000000 
_pdbx_struct_oper_list.matrix[3][2]         0.0000000000 
_pdbx_struct_oper_list.matrix[3][3]         1.0000000000 
_pdbx_struct_oper_list.vector[3]            0.0000000000 
# 
loop_
_struct_conf.conf_type_id 
_struct_conf.id 
_struct_conf.pdbx_PDB_helix_id 
_struct_conf.beg_label_comp_id 
_struct_conf.beg_label_asym_id 
_struct_conf.beg_label_seq_id 
_struct_conf.pdbx_beg_PDB_ins_code 
_struct_conf.end_label_comp_id 
_struct_conf.end_label_asym_id 
_struct_conf.end_label_seq_id 
_struct_conf.pdbx_end_PDB_ins_code 
_struct_conf.beg_auth_comp_id 
_struct_conf.beg_auth_asym_id 
_struct_conf.beg_auth_seq_id 
_struct_conf.end_auth_comp_id 
_struct_conf.end_auth_asym_id 
_struct_conf.end_auth_seq_id 
_struct_conf.pdbx_PDB_helix_class 
_struct_conf.details 
_struct_conf.pdbx_PDB_helix_length 
HELX_P HELX_P1 AA1 LYS A 13 ? HIS A 28  ? LYS A 1868 HIS A 1883 1 ? 16 
HELX_P HELX_P2 AA2 GLU A 29 ? LEU A 35  ? GLU A 1884 LEU A 1890 5 ? 7  
HELX_P HELX_P3 AA3 GLY A 45 ? ILE A 50  ? GLY A 1900 ILE A 1905 1 ? 6  
HELX_P HELX_P4 AA4 ASP A 55 ? SER A 65  ? ASP A 1910 SER A 1920 1 ? 11 
HELX_P HELX_P5 AA5 ASN A 70 ? ASN A 89  ? ASN A 1925 ASN A 1944 1 ? 20 
HELX_P HELX_P6 AA6 SER A 93 ? LYS A 115 ? SER A 1948 LYS A 1970 1 ? 23 
# 
_struct_conf_type.id          HELX_P 
_struct_conf_type.criteria    ? 
_struct_conf_type.reference   ? 
# 
_struct_site.id                   AC1 
_struct_site.pdbx_evidence_code   Software 
_struct_site.pdbx_auth_asym_id    A 
_struct_site.pdbx_auth_comp_id    D8Q 
_struct_site.pdbx_auth_seq_id     2001 
_struct_site.pdbx_auth_ins_code   ? 
_struct_site.pdbx_num_residues    8 
_struct_site.details              'binding site for residue D8Q A 2001' 
# 
loop_
_struct_site_gen.id 
_struct_site_gen.site_id 
_struct_site_gen.pdbx_num_res 
_struct_site_gen.label_comp_id 
_struct_site_gen.label_asym_id 
_struct_site_gen.label_seq_id 
_struct_site_gen.pdbx_auth_ins_code 
_struct_site_gen.auth_comp_id 
_struct_site_gen.auth_asym_id 
_struct_site_gen.auth_seq_id 
_struct_site_gen.label_atom_id 
_struct_site_gen.label_alt_id 
_struct_site_gen.symmetry 
_struct_site_gen.details 
1 AC1 8 PRO A 33 ? PRO A 1888 . ? 1_555 ? 
2 AC1 8 PRO A 44 ? PRO A 1899 . ? 4_555 ? 
3 AC1 8 TYR A 46 ? TYR A 1901 . ? 1_555 ? 
4 AC1 8 PHE A 88 ? PHE A 1943 . ? 1_555 ? 
5 AC1 8 ASN A 89 ? ASN A 1944 . ? 1_555 ? 
6 AC1 8 ILE A 95 ? ILE A 1950 . ? 1_555 ? 
7 AC1 8 HOH C .  ? HOH A 2104 . ? 1_555 ? 
8 AC1 8 HOH C .  ? HOH A 2152 . ? 1_555 ? 
# 
_phasing.method   MR 
# 
loop_
_pdbx_unobs_or_zero_occ_residues.id 
_pdbx_unobs_or_zero_occ_residues.PDB_model_num 
_pdbx_unobs_or_zero_occ_residues.polymer_flag 
_pdbx_unobs_or_zero_occ_residues.occupancy_flag 
_pdbx_unobs_or_zero_occ_residues.auth_asym_id 
_pdbx_unobs_or_zero_occ_residues.auth_comp_id 
_pdbx_unobs_or_zero_occ_residues.auth_seq_id 
_pdbx_unobs_or_zero_occ_residues.PDB_ins_code 
_pdbx_unobs_or_zero_occ_residues.label_asym_id 
_pdbx_unobs_or_zero_occ_residues.label_comp_id 
_pdbx_unobs_or_zero_occ_residues.label_seq_id 
1 1 Y 1 A VAL 1971 ? A VAL 116 
2 1 Y 1 A SER 1972 ? A SER 117 
# 
loop_
_chem_comp_atom.comp_id 
_chem_comp_atom.atom_id 
_chem_comp_atom.type_symbol 
_chem_comp_atom.pdbx_aromatic_flag 
_chem_comp_atom.pdbx_stereo_config 
_chem_comp_atom.pdbx_ordinal 
ALA N    N N N 1   
ALA CA   C N S 2   
ALA C    C N N 3   
ALA O    O N N 4   
ALA CB   C N N 5   
ALA OXT  O N N 6   
ALA H    H N N 7   
ALA H2   H N N 8   
ALA HA   H N N 9   
ALA HB1  H N N 10  
ALA HB2  H N N 11  
ALA HB3  H N N 12  
ALA HXT  H N N 13  
ARG N    N N N 14  
ARG CA   C N S 15  
ARG C    C N N 16  
ARG O    O N N 17  
ARG CB   C N N 18  
ARG CG   C N N 19  
ARG CD   C N N 20  
ARG NE   N N N 21  
ARG CZ   C N N 22  
ARG NH1  N N N 23  
ARG NH2  N N N 24  
ARG OXT  O N N 25  
ARG H    H N N 26  
ARG H2   H N N 27  
ARG HA   H N N 28  
ARG HB2  H N N 29  
ARG HB3  H N N 30  
ARG HG2  H N N 31  
ARG HG3  H N N 32  
ARG HD2  H N N 33  
ARG HD3  H N N 34  
ARG HE   H N N 35  
ARG HH11 H N N 36  
ARG HH12 H N N 37  
ARG HH21 H N N 38  
ARG HH22 H N N 39  
ARG HXT  H N N 40  
ASN N    N N N 41  
ASN CA   C N S 42  
ASN C    C N N 43  
ASN O    O N N 44  
ASN CB   C N N 45  
ASN CG   C N N 46  
ASN OD1  O N N 47  
ASN ND2  N N N 48  
ASN OXT  O N N 49  
ASN H    H N N 50  
ASN H2   H N N 51  
ASN HA   H N N 52  
ASN HB2  H N N 53  
ASN HB3  H N N 54  
ASN HD21 H N N 55  
ASN HD22 H N N 56  
ASN HXT  H N N 57  
ASP N    N N N 58  
ASP CA   C N S 59  
ASP C    C N N 60  
ASP O    O N N 61  
ASP CB   C N N 62  
ASP CG   C N N 63  
ASP OD1  O N N 64  
ASP OD2  O N N 65  
ASP OXT  O N N 66  
ASP H    H N N 67  
ASP H2   H N N 68  
ASP HA   H N N 69  
ASP HB2  H N N 70  
ASP HB3  H N N 71  
ASP HD2  H N N 72  
ASP HXT  H N N 73  
CYS N    N N N 74  
CYS CA   C N R 75  
CYS C    C N N 76  
CYS O    O N N 77  
CYS CB   C N N 78  
CYS SG   S N N 79  
CYS OXT  O N N 80  
CYS H    H N N 81  
CYS H2   H N N 82  
CYS HA   H N N 83  
CYS HB2  H N N 84  
CYS HB3  H N N 85  
CYS HG   H N N 86  
CYS HXT  H N N 87  
D8Q C01  C N N 88  
D8Q C03  C N N 89  
D8Q C04  C N N 90  
D8Q C05  C N N 91  
D8Q C06  C N N 92  
D8Q C07  C N N 93  
D8Q C09  C N N 94  
D8Q C12  C N N 95  
D8Q C13  C N N 96  
D8Q N02  N N N 97  
D8Q N11  N N N 98  
D8Q N14  N N N 99  
D8Q O08  O N N 100 
D8Q O10  O N N 101 
D8Q H1   H N N 102 
D8Q H2   H N N 103 
D8Q H3   H N N 104 
D8Q H4   H N N 105 
D8Q H5   H N N 106 
D8Q H6   H N N 107 
D8Q H7   H N N 108 
D8Q H8   H N N 109 
D8Q H9   H N N 110 
D8Q H10  H N N 111 
D8Q H11  H N N 112 
D8Q H12  H N N 113 
D8Q H13  H N N 114 
GLN N    N N N 115 
GLN CA   C N S 116 
GLN C    C N N 117 
GLN O    O N N 118 
GLN CB   C N N 119 
GLN CG   C N N 120 
GLN CD   C N N 121 
GLN OE1  O N N 122 
GLN NE2  N N N 123 
GLN OXT  O N N 124 
GLN H    H N N 125 
GLN H2   H N N 126 
GLN HA   H N N 127 
GLN HB2  H N N 128 
GLN HB3  H N N 129 
GLN HG2  H N N 130 
GLN HG3  H N N 131 
GLN HE21 H N N 132 
GLN HE22 H N N 133 
GLN HXT  H N N 134 
GLU N    N N N 135 
GLU CA   C N S 136 
GLU C    C N N 137 
GLU O    O N N 138 
GLU CB   C N N 139 
GLU CG   C N N 140 
GLU CD   C N N 141 
GLU OE1  O N N 142 
GLU OE2  O N N 143 
GLU OXT  O N N 144 
GLU H    H N N 145 
GLU H2   H N N 146 
GLU HA   H N N 147 
GLU HB2  H N N 148 
GLU HB3  H N N 149 
GLU HG2  H N N 150 
GLU HG3  H N N 151 
GLU HE2  H N N 152 
GLU HXT  H N N 153 
GLY N    N N N 154 
GLY CA   C N N 155 
GLY C    C N N 156 
GLY O    O N N 157 
GLY OXT  O N N 158 
GLY H    H N N 159 
GLY H2   H N N 160 
GLY HA2  H N N 161 
GLY HA3  H N N 162 
GLY HXT  H N N 163 
HIS N    N N N 164 
HIS CA   C N S 165 
HIS C    C N N 166 
HIS O    O N N 167 
HIS CB   C N N 168 
HIS CG   C Y N 169 
HIS ND1  N Y N 170 
HIS CD2  C Y N 171 
HIS CE1  C Y N 172 
HIS NE2  N Y N 173 
HIS OXT  O N N 174 
HIS H    H N N 175 
HIS H2   H N N 176 
HIS HA   H N N 177 
HIS HB2  H N N 178 
HIS HB3  H N N 179 
HIS HD1  H N N 180 
HIS HD2  H N N 181 
HIS HE1  H N N 182 
HIS HE2  H N N 183 
HIS HXT  H N N 184 
HOH O    O N N 185 
HOH H1   H N N 186 
HOH H2   H N N 187 
ILE N    N N N 188 
ILE CA   C N S 189 
ILE C    C N N 190 
ILE O    O N N 191 
ILE CB   C N S 192 
ILE CG1  C N N 193 
ILE CG2  C N N 194 
ILE CD1  C N N 195 
ILE OXT  O N N 196 
ILE H    H N N 197 
ILE H2   H N N 198 
ILE HA   H N N 199 
ILE HB   H N N 200 
ILE HG12 H N N 201 
ILE HG13 H N N 202 
ILE HG21 H N N 203 
ILE HG22 H N N 204 
ILE HG23 H N N 205 
ILE HD11 H N N 206 
ILE HD12 H N N 207 
ILE HD13 H N N 208 
ILE HXT  H N N 209 
LEU N    N N N 210 
LEU CA   C N S 211 
LEU C    C N N 212 
LEU O    O N N 213 
LEU CB   C N N 214 
LEU CG   C N N 215 
LEU CD1  C N N 216 
LEU CD2  C N N 217 
LEU OXT  O N N 218 
LEU H    H N N 219 
LEU H2   H N N 220 
LEU HA   H N N 221 
LEU HB2  H N N 222 
LEU HB3  H N N 223 
LEU HG   H N N 224 
LEU HD11 H N N 225 
LEU HD12 H N N 226 
LEU HD13 H N N 227 
LEU HD21 H N N 228 
LEU HD22 H N N 229 
LEU HD23 H N N 230 
LEU HXT  H N N 231 
LYS N    N N N 232 
LYS CA   C N S 233 
LYS C    C N N 234 
LYS O    O N N 235 
LYS CB   C N N 236 
LYS CG   C N N 237 
LYS CD   C N N 238 
LYS CE   C N N 239 
LYS NZ   N N N 240 
LYS OXT  O N N 241 
LYS H    H N N 242 
LYS H2   H N N 243 
LYS HA   H N N 244 
LYS HB2  H N N 245 
LYS HB3  H N N 246 
LYS HG2  H N N 247 
LYS HG3  H N N 248 
LYS HD2  H N N 249 
LYS HD3  H N N 250 
LYS HE2  H N N 251 
LYS HE3  H N N 252 
LYS HZ1  H N N 253 
LYS HZ2  H N N 254 
LYS HZ3  H N N 255 
LYS HXT  H N N 256 
MET N    N N N 257 
MET CA   C N S 258 
MET C    C N N 259 
MET O    O N N 260 
MET CB   C N N 261 
MET CG   C N N 262 
MET SD   S N N 263 
MET CE   C N N 264 
MET OXT  O N N 265 
MET H    H N N 266 
MET H2   H N N 267 
MET HA   H N N 268 
MET HB2  H N N 269 
MET HB3  H N N 270 
MET HG2  H N N 271 
MET HG3  H N N 272 
MET HE1  H N N 273 
MET HE2  H N N 274 
MET HE3  H N N 275 
MET HXT  H N N 276 
PHE N    N N N 277 
PHE CA   C N S 278 
PHE C    C N N 279 
PHE O    O N N 280 
PHE CB   C N N 281 
PHE CG   C Y N 282 
PHE CD1  C Y N 283 
PHE CD2  C Y N 284 
PHE CE1  C Y N 285 
PHE CE2  C Y N 286 
PHE CZ   C Y N 287 
PHE OXT  O N N 288 
PHE H    H N N 289 
PHE H2   H N N 290 
PHE HA   H N N 291 
PHE HB2  H N N 292 
PHE HB3  H N N 293 
PHE HD1  H N N 294 
PHE HD2  H N N 295 
PHE HE1  H N N 296 
PHE HE2  H N N 297 
PHE HZ   H N N 298 
PHE HXT  H N N 299 
PRO N    N N N 300 
PRO CA   C N S 301 
PRO C    C N N 302 
PRO O    O N N 303 
PRO CB   C N N 304 
PRO CG   C N N 305 
PRO CD   C N N 306 
PRO OXT  O N N 307 
PRO H    H N N 308 
PRO HA   H N N 309 
PRO HB2  H N N 310 
PRO HB3  H N N 311 
PRO HG2  H N N 312 
PRO HG3  H N N 313 
PRO HD2  H N N 314 
PRO HD3  H N N 315 
PRO HXT  H N N 316 
SER N    N N N 317 
SER CA   C N S 318 
SER C    C N N 319 
SER O    O N N 320 
SER CB   C N N 321 
SER OG   O N N 322 
SER OXT  O N N 323 
SER H    H N N 324 
SER H2   H N N 325 
SER HA   H N N 326 
SER HB2  H N N 327 
SER HB3  H N N 328 
SER HG   H N N 329 
SER HXT  H N N 330 
THR N    N N N 331 
THR CA   C N S 332 
THR C    C N N 333 
THR O    O N N 334 
THR CB   C N R 335 
THR OG1  O N N 336 
THR CG2  C N N 337 
THR OXT  O N N 338 
THR H    H N N 339 
THR H2   H N N 340 
THR HA   H N N 341 
THR HB   H N N 342 
THR HG1  H N N 343 
THR HG21 H N N 344 
THR HG22 H N N 345 
THR HG23 H N N 346 
THR HXT  H N N 347 
TRP N    N N N 348 
TRP CA   C N S 349 
TRP C    C N N 350 
TRP O    O N N 351 
TRP CB   C N N 352 
TRP CG   C Y N 353 
TRP CD1  C Y N 354 
TRP CD2  C Y N 355 
TRP NE1  N Y N 356 
TRP CE2  C Y N 357 
TRP CE3  C Y N 358 
TRP CZ2  C Y N 359 
TRP CZ3  C Y N 360 
TRP CH2  C Y N 361 
TRP OXT  O N N 362 
TRP H    H N N 363 
TRP H2   H N N 364 
TRP HA   H N N 365 
TRP HB2  H N N 366 
TRP HB3  H N N 367 
TRP HD1  H N N 368 
TRP HE1  H N N 369 
TRP HE3  H N N 370 
TRP HZ2  H N N 371 
TRP HZ3  H N N 372 
TRP HH2  H N N 373 
TRP HXT  H N N 374 
TYR N    N N N 375 
TYR CA   C N S 376 
TYR C    C N N 377 
TYR O    O N N 378 
TYR CB   C N N 379 
TYR CG   C Y N 380 
TYR CD1  C Y N 381 
TYR CD2  C Y N 382 
TYR CE1  C Y N 383 
TYR CE2  C Y N 384 
TYR CZ   C Y N 385 
TYR OH   O N N 386 
TYR OXT  O N N 387 
TYR H    H N N 388 
TYR H2   H N N 389 
TYR HA   H N N 390 
TYR HB2  H N N 391 
TYR HB3  H N N 392 
TYR HD1  H N N 393 
TYR HD2  H N N 394 
TYR HE1  H N N 395 
TYR HE2  H N N 396 
TYR HH   H N N 397 
TYR HXT  H N N 398 
VAL N    N N N 399 
VAL CA   C N S 400 
VAL C    C N N 401 
VAL O    O N N 402 
VAL CB   C N N 403 
VAL CG1  C N N 404 
VAL CG2  C N N 405 
VAL OXT  O N N 406 
VAL H    H N N 407 
VAL H2   H N N 408 
VAL HA   H N N 409 
VAL HB   H N N 410 
VAL HG11 H N N 411 
VAL HG12 H N N 412 
VAL HG13 H N N 413 
VAL HG21 H N N 414 
VAL HG22 H N N 415 
VAL HG23 H N N 416 
VAL HXT  H N N 417 
# 
loop_
_chem_comp_bond.comp_id 
_chem_comp_bond.atom_id_1 
_chem_comp_bond.atom_id_2 
_chem_comp_bond.value_order 
_chem_comp_bond.pdbx_aromatic_flag 
_chem_comp_bond.pdbx_stereo_config 
_chem_comp_bond.pdbx_ordinal 
ALA N   CA   sing N N 1   
ALA N   H    sing N N 2   
ALA N   H2   sing N N 3   
ALA CA  C    sing N N 4   
ALA CA  CB   sing N N 5   
ALA CA  HA   sing N N 6   
ALA C   O    doub N N 7   
ALA C   OXT  sing N N 8   
ALA CB  HB1  sing N N 9   
ALA CB  HB2  sing N N 10  
ALA CB  HB3  sing N N 11  
ALA OXT HXT  sing N N 12  
ARG N   CA   sing N N 13  
ARG N   H    sing N N 14  
ARG N   H2   sing N N 15  
ARG CA  C    sing N N 16  
ARG CA  CB   sing N N 17  
ARG CA  HA   sing N N 18  
ARG C   O    doub N N 19  
ARG C   OXT  sing N N 20  
ARG CB  CG   sing N N 21  
ARG CB  HB2  sing N N 22  
ARG CB  HB3  sing N N 23  
ARG CG  CD   sing N N 24  
ARG CG  HG2  sing N N 25  
ARG CG  HG3  sing N N 26  
ARG CD  NE   sing N N 27  
ARG CD  HD2  sing N N 28  
ARG CD  HD3  sing N N 29  
ARG NE  CZ   sing N N 30  
ARG NE  HE   sing N N 31  
ARG CZ  NH1  sing N N 32  
ARG CZ  NH2  doub N N 33  
ARG NH1 HH11 sing N N 34  
ARG NH1 HH12 sing N N 35  
ARG NH2 HH21 sing N N 36  
ARG NH2 HH22 sing N N 37  
ARG OXT HXT  sing N N 38  
ASN N   CA   sing N N 39  
ASN N   H    sing N N 40  
ASN N   H2   sing N N 41  
ASN CA  C    sing N N 42  
ASN CA  CB   sing N N 43  
ASN CA  HA   sing N N 44  
ASN C   O    doub N N 45  
ASN C   OXT  sing N N 46  
ASN CB  CG   sing N N 47  
ASN CB  HB2  sing N N 48  
ASN CB  HB3  sing N N 49  
ASN CG  OD1  doub N N 50  
ASN CG  ND2  sing N N 51  
ASN ND2 HD21 sing N N 52  
ASN ND2 HD22 sing N N 53  
ASN OXT HXT  sing N N 54  
ASP N   CA   sing N N 55  
ASP N   H    sing N N 56  
ASP N   H2   sing N N 57  
ASP CA  C    sing N N 58  
ASP CA  CB   sing N N 59  
ASP CA  HA   sing N N 60  
ASP C   O    doub N N 61  
ASP C   OXT  sing N N 62  
ASP CB  CG   sing N N 63  
ASP CB  HB2  sing N N 64  
ASP CB  HB3  sing N N 65  
ASP CG  OD1  doub N N 66  
ASP CG  OD2  sing N N 67  
ASP OD2 HD2  sing N N 68  
ASP OXT HXT  sing N N 69  
CYS N   CA   sing N N 70  
CYS N   H    sing N N 71  
CYS N   H2   sing N N 72  
CYS CA  C    sing N N 73  
CYS CA  CB   sing N N 74  
CYS CA  HA   sing N N 75  
CYS C   O    doub N N 76  
CYS C   OXT  sing N N 77  
CYS CB  SG   sing N N 78  
CYS CB  HB2  sing N N 79  
CYS CB  HB3  sing N N 80  
CYS SG  HG   sing N N 81  
CYS OXT HXT  sing N N 82  
D8Q C06 C05  doub N N 83  
D8Q C06 C07  sing N N 84  
D8Q O08 C07  doub N N 85  
D8Q C05 C04  sing N N 86  
D8Q C07 N02  sing N N 87  
D8Q C04 C09  sing N N 88  
D8Q C04 C03  doub N N 89  
D8Q N02 C03  sing N N 90  
D8Q N02 C01  sing N N 91  
D8Q O10 C09  doub N N 92  
D8Q N14 C13  sing N N 93  
D8Q C13 C12  sing N N 94  
D8Q C09 N11  sing N N 95  
D8Q N11 C12  sing N N 96  
D8Q C01 H1   sing N N 97  
D8Q C01 H2   sing N N 98  
D8Q C01 H3   sing N N 99  
D8Q C03 H4   sing N N 100 
D8Q C05 H5   sing N N 101 
D8Q C06 H6   sing N N 102 
D8Q C12 H7   sing N N 103 
D8Q C12 H8   sing N N 104 
D8Q C13 H9   sing N N 105 
D8Q C13 H10  sing N N 106 
D8Q N11 H11  sing N N 107 
D8Q N14 H12  sing N N 108 
D8Q N14 H13  sing N N 109 
GLN N   CA   sing N N 110 
GLN N   H    sing N N 111 
GLN N   H2   sing N N 112 
GLN CA  C    sing N N 113 
GLN CA  CB   sing N N 114 
GLN CA  HA   sing N N 115 
GLN C   O    doub N N 116 
GLN C   OXT  sing N N 117 
GLN CB  CG   sing N N 118 
GLN CB  HB2  sing N N 119 
GLN CB  HB3  sing N N 120 
GLN CG  CD   sing N N 121 
GLN CG  HG2  sing N N 122 
GLN CG  HG3  sing N N 123 
GLN CD  OE1  doub N N 124 
GLN CD  NE2  sing N N 125 
GLN NE2 HE21 sing N N 126 
GLN NE2 HE22 sing N N 127 
GLN OXT HXT  sing N N 128 
GLU N   CA   sing N N 129 
GLU N   H    sing N N 130 
GLU N   H2   sing N N 131 
GLU CA  C    sing N N 132 
GLU CA  CB   sing N N 133 
GLU CA  HA   sing N N 134 
GLU C   O    doub N N 135 
GLU C   OXT  sing N N 136 
GLU CB  CG   sing N N 137 
GLU CB  HB2  sing N N 138 
GLU CB  HB3  sing N N 139 
GLU CG  CD   sing N N 140 
GLU CG  HG2  sing N N 141 
GLU CG  HG3  sing N N 142 
GLU CD  OE1  doub N N 143 
GLU CD  OE2  sing N N 144 
GLU OE2 HE2  sing N N 145 
GLU OXT HXT  sing N N 146 
GLY N   CA   sing N N 147 
GLY N   H    sing N N 148 
GLY N   H2   sing N N 149 
GLY CA  C    sing N N 150 
GLY CA  HA2  sing N N 151 
GLY CA  HA3  sing N N 152 
GLY C   O    doub N N 153 
GLY C   OXT  sing N N 154 
GLY OXT HXT  sing N N 155 
HIS N   CA   sing N N 156 
HIS N   H    sing N N 157 
HIS N   H2   sing N N 158 
HIS CA  C    sing N N 159 
HIS CA  CB   sing N N 160 
HIS CA  HA   sing N N 161 
HIS C   O    doub N N 162 
HIS C   OXT  sing N N 163 
HIS CB  CG   sing N N 164 
HIS CB  HB2  sing N N 165 
HIS CB  HB3  sing N N 166 
HIS CG  ND1  sing Y N 167 
HIS CG  CD2  doub Y N 168 
HIS ND1 CE1  doub Y N 169 
HIS ND1 HD1  sing N N 170 
HIS CD2 NE2  sing Y N 171 
HIS CD2 HD2  sing N N 172 
HIS CE1 NE2  sing Y N 173 
HIS CE1 HE1  sing N N 174 
HIS NE2 HE2  sing N N 175 
HIS OXT HXT  sing N N 176 
HOH O   H1   sing N N 177 
HOH O   H2   sing N N 178 
ILE N   CA   sing N N 179 
ILE N   H    sing N N 180 
ILE N   H2   sing N N 181 
ILE CA  C    sing N N 182 
ILE CA  CB   sing N N 183 
ILE CA  HA   sing N N 184 
ILE C   O    doub N N 185 
ILE C   OXT  sing N N 186 
ILE CB  CG1  sing N N 187 
ILE CB  CG2  sing N N 188 
ILE CB  HB   sing N N 189 
ILE CG1 CD1  sing N N 190 
ILE CG1 HG12 sing N N 191 
ILE CG1 HG13 sing N N 192 
ILE CG2 HG21 sing N N 193 
ILE CG2 HG22 sing N N 194 
ILE CG2 HG23 sing N N 195 
ILE CD1 HD11 sing N N 196 
ILE CD1 HD12 sing N N 197 
ILE CD1 HD13 sing N N 198 
ILE OXT HXT  sing N N 199 
LEU N   CA   sing N N 200 
LEU N   H    sing N N 201 
LEU N   H2   sing N N 202 
LEU CA  C    sing N N 203 
LEU CA  CB   sing N N 204 
LEU CA  HA   sing N N 205 
LEU C   O    doub N N 206 
LEU C   OXT  sing N N 207 
LEU CB  CG   sing N N 208 
LEU CB  HB2  sing N N 209 
LEU CB  HB3  sing N N 210 
LEU CG  CD1  sing N N 211 
LEU CG  CD2  sing N N 212 
LEU CG  HG   sing N N 213 
LEU CD1 HD11 sing N N 214 
LEU CD1 HD12 sing N N 215 
LEU CD1 HD13 sing N N 216 
LEU CD2 HD21 sing N N 217 
LEU CD2 HD22 sing N N 218 
LEU CD2 HD23 sing N N 219 
LEU OXT HXT  sing N N 220 
LYS N   CA   sing N N 221 
LYS N   H    sing N N 222 
LYS N   H2   sing N N 223 
LYS CA  C    sing N N 224 
LYS CA  CB   sing N N 225 
LYS CA  HA   sing N N 226 
LYS C   O    doub N N 227 
LYS C   OXT  sing N N 228 
LYS CB  CG   sing N N 229 
LYS CB  HB2  sing N N 230 
LYS CB  HB3  sing N N 231 
LYS CG  CD   sing N N 232 
LYS CG  HG2  sing N N 233 
LYS CG  HG3  sing N N 234 
LYS CD  CE   sing N N 235 
LYS CD  HD2  sing N N 236 
LYS CD  HD3  sing N N 237 
LYS CE  NZ   sing N N 238 
LYS CE  HE2  sing N N 239 
LYS CE  HE3  sing N N 240 
LYS NZ  HZ1  sing N N 241 
LYS NZ  HZ2  sing N N 242 
LYS NZ  HZ3  sing N N 243 
LYS OXT HXT  sing N N 244 
MET N   CA   sing N N 245 
MET N   H    sing N N 246 
MET N   H2   sing N N 247 
MET CA  C    sing N N 248 
MET CA  CB   sing N N 249 
MET CA  HA   sing N N 250 
MET C   O    doub N N 251 
MET C   OXT  sing N N 252 
MET CB  CG   sing N N 253 
MET CB  HB2  sing N N 254 
MET CB  HB3  sing N N 255 
MET CG  SD   sing N N 256 
MET CG  HG2  sing N N 257 
MET CG  HG3  sing N N 258 
MET SD  CE   sing N N 259 
MET CE  HE1  sing N N 260 
MET CE  HE2  sing N N 261 
MET CE  HE3  sing N N 262 
MET OXT HXT  sing N N 263 
PHE N   CA   sing N N 264 
PHE N   H    sing N N 265 
PHE N   H2   sing N N 266 
PHE CA  C    sing N N 267 
PHE CA  CB   sing N N 268 
PHE CA  HA   sing N N 269 
PHE C   O    doub N N 270 
PHE C   OXT  sing N N 271 
PHE CB  CG   sing N N 272 
PHE CB  HB2  sing N N 273 
PHE CB  HB3  sing N N 274 
PHE CG  CD1  doub Y N 275 
PHE CG  CD2  sing Y N 276 
PHE CD1 CE1  sing Y N 277 
PHE CD1 HD1  sing N N 278 
PHE CD2 CE2  doub Y N 279 
PHE CD2 HD2  sing N N 280 
PHE CE1 CZ   doub Y N 281 
PHE CE1 HE1  sing N N 282 
PHE CE2 CZ   sing Y N 283 
PHE CE2 HE2  sing N N 284 
PHE CZ  HZ   sing N N 285 
PHE OXT HXT  sing N N 286 
PRO N   CA   sing N N 287 
PRO N   CD   sing N N 288 
PRO N   H    sing N N 289 
PRO CA  C    sing N N 290 
PRO CA  CB   sing N N 291 
PRO CA  HA   sing N N 292 
PRO C   O    doub N N 293 
PRO C   OXT  sing N N 294 
PRO CB  CG   sing N N 295 
PRO CB  HB2  sing N N 296 
PRO CB  HB3  sing N N 297 
PRO CG  CD   sing N N 298 
PRO CG  HG2  sing N N 299 
PRO CG  HG3  sing N N 300 
PRO CD  HD2  sing N N 301 
PRO CD  HD3  sing N N 302 
PRO OXT HXT  sing N N 303 
SER N   CA   sing N N 304 
SER N   H    sing N N 305 
SER N   H2   sing N N 306 
SER CA  C    sing N N 307 
SER CA  CB   sing N N 308 
SER CA  HA   sing N N 309 
SER C   O    doub N N 310 
SER C   OXT  sing N N 311 
SER CB  OG   sing N N 312 
SER CB  HB2  sing N N 313 
SER CB  HB3  sing N N 314 
SER OG  HG   sing N N 315 
SER OXT HXT  sing N N 316 
THR N   CA   sing N N 317 
THR N   H    sing N N 318 
THR N   H2   sing N N 319 
THR CA  C    sing N N 320 
THR CA  CB   sing N N 321 
THR CA  HA   sing N N 322 
THR C   O    doub N N 323 
THR C   OXT  sing N N 324 
THR CB  OG1  sing N N 325 
THR CB  CG2  sing N N 326 
THR CB  HB   sing N N 327 
THR OG1 HG1  sing N N 328 
THR CG2 HG21 sing N N 329 
THR CG2 HG22 sing N N 330 
THR CG2 HG23 sing N N 331 
THR OXT HXT  sing N N 332 
TRP N   CA   sing N N 333 
TRP N   H    sing N N 334 
TRP N   H2   sing N N 335 
TRP CA  C    sing N N 336 
TRP CA  CB   sing N N 337 
TRP CA  HA   sing N N 338 
TRP C   O    doub N N 339 
TRP C   OXT  sing N N 340 
TRP CB  CG   sing N N 341 
TRP CB  HB2  sing N N 342 
TRP CB  HB3  sing N N 343 
TRP CG  CD1  doub Y N 344 
TRP CG  CD2  sing Y N 345 
TRP CD1 NE1  sing Y N 346 
TRP CD1 HD1  sing N N 347 
TRP CD2 CE2  doub Y N 348 
TRP CD2 CE3  sing Y N 349 
TRP NE1 CE2  sing Y N 350 
TRP NE1 HE1  sing N N 351 
TRP CE2 CZ2  sing Y N 352 
TRP CE3 CZ3  doub Y N 353 
TRP CE3 HE3  sing N N 354 
TRP CZ2 CH2  doub Y N 355 
TRP CZ2 HZ2  sing N N 356 
TRP CZ3 CH2  sing Y N 357 
TRP CZ3 HZ3  sing N N 358 
TRP CH2 HH2  sing N N 359 
TRP OXT HXT  sing N N 360 
TYR N   CA   sing N N 361 
TYR N   H    sing N N 362 
TYR N   H2   sing N N 363 
TYR CA  C    sing N N 364 
TYR CA  CB   sing N N 365 
TYR CA  HA   sing N N 366 
TYR C   O    doub N N 367 
TYR C   OXT  sing N N 368 
TYR CB  CG   sing N N 369 
TYR CB  HB2  sing N N 370 
TYR CB  HB3  sing N N 371 
TYR CG  CD1  doub Y N 372 
TYR CG  CD2  sing Y N 373 
TYR CD1 CE1  sing Y N 374 
TYR CD1 HD1  sing N N 375 
TYR CD2 CE2  doub Y N 376 
TYR CD2 HD2  sing N N 377 
TYR CE1 CZ   doub Y N 378 
TYR CE1 HE1  sing N N 379 
TYR CE2 CZ   sing Y N 380 
TYR CE2 HE2  sing N N 381 
TYR CZ  OH   sing N N 382 
TYR OH  HH   sing N N 383 
TYR OXT HXT  sing N N 384 
VAL N   CA   sing N N 385 
VAL N   H    sing N N 386 
VAL N   H2   sing N N 387 
VAL CA  C    sing N N 388 
VAL CA  CB   sing N N 389 
VAL CA  HA   sing N N 390 
VAL C   O    doub N N 391 
VAL C   OXT  sing N N 392 
VAL CB  CG1  sing N N 393 
VAL CB  CG2  sing N N 394 
VAL CB  HB   sing N N 395 
VAL CG1 HG11 sing N N 396 
VAL CG1 HG12 sing N N 397 
VAL CG1 HG13 sing N N 398 
VAL CG2 HG21 sing N N 399 
VAL CG2 HG22 sing N N 400 
VAL CG2 HG23 sing N N 401 
VAL OXT HXT  sing N N 402 
# 
_pdbx_audit_support.funding_organization   'Swiss National Science Foundation' 
_pdbx_audit_support.country                Switzerland 
_pdbx_audit_support.grant_number           31003A_169007 
_pdbx_audit_support.ordinal                1 
# 
_pdbx_initial_refinement_model.id               1 
_pdbx_initial_refinement_model.entity_id_list   ? 
_pdbx_initial_refinement_model.type             'experimental model' 
_pdbx_initial_refinement_model.source_name      PDB 
_pdbx_initial_refinement_model.accession_code   4IR5 
_pdbx_initial_refinement_model.details          ? 
# 
_atom_sites.entry_id                    6FH6 
_atom_sites.fract_transf_matrix[1][1]   0.00452331 
_atom_sites.fract_transf_matrix[1][2]   -0.01053239 
_atom_sites.fract_transf_matrix[1][3]   0.00508528 
_atom_sites.fract_transf_matrix[2][1]   0.00302957 
_atom_sites.fract_transf_matrix[2][2]   0.00535857 
_atom_sites.fract_transf_matrix[2][3]   0.00840365 
_atom_sites.fract_transf_matrix[3][1]   -0.01535210 
_atom_sites.fract_transf_matrix[3][2]   -0.00299801 
_atom_sites.fract_transf_matrix[3][3]   0.00744621 
_atom_sites.fract_transf_vector[1]      -0.214354 
_atom_sites.fract_transf_vector[2]      -0.206774 
_atom_sites.fract_transf_vector[3]      -0.037626 
# 
loop_
_atom_type.symbol 
C 
N 
O 
S 
# 
loop_
_atom_site.group_PDB 
_atom_site.id 
_atom_site.type_symbol 
_atom_site.label_atom_id 
_atom_site.label_alt_id 
_atom_site.label_comp_id 
_atom_site.label_asym_id 
_atom_site.label_entity_id 
_atom_site.label_seq_id 
_atom_site.pdbx_PDB_ins_code 
_atom_site.Cartn_x 
_atom_site.Cartn_y 
_atom_site.Cartn_z 
_atom_site.occupancy 
_atom_site.B_iso_or_equiv 
_atom_site.pdbx_formal_charge 
_atom_site.auth_seq_id 
_atom_site.auth_comp_id 
_atom_site.auth_asym_id 
_atom_site.auth_atom_id 
_atom_site.pdbx_PDB_model_num 
ATOM   1    N N   . SER A 1 1   ? 15.952  -26.218 -0.507  1.00 31.19 ? 1856 SER A N   1 
ATOM   2    C CA  . SER A 1 1   ? 17.398  -26.069 -0.389  1.00 30.40 ? 1856 SER A CA  1 
ATOM   3    C C   . SER A 1 1   ? 18.075  -26.227 -1.749  1.00 33.62 ? 1856 SER A C   1 
ATOM   4    O O   . SER A 1 1   ? 17.416  -26.158 -2.790  1.00 33.19 ? 1856 SER A O   1 
ATOM   5    C CB  . SER A 1 1   ? 17.961  -27.088 0.603   1.00 27.46 ? 1856 SER A CB  1 
ATOM   6    O OG  . SER A 1 1   ? 17.685  -28.418 0.187   1.00 28.17 ? 1856 SER A OG  1 
ATOM   7    N N   . MET A 1 2   ? 19.394  -26.438 -1.729  1.00 30.89 ? 1857 MET A N   1 
ATOM   8    C CA  . MET A 1 2   ? 20.167  -26.557 -2.960  1.00 27.98 ? 1857 MET A CA  1 
ATOM   9    C C   . MET A 1 2   ? 19.707  -27.769 -3.755  1.00 29.63 ? 1857 MET A C   1 
ATOM   10   O O   . MET A 1 2   ? 19.721  -28.893 -3.246  1.00 35.18 ? 1857 MET A O   1 
ATOM   11   C CB  . MET A 1 2   ? 21.656  -26.667 -2.628  1.00 29.06 ? 1857 MET A CB  1 
ATOM   12   C CG  . MET A 1 2   ? 22.581  -26.270 -3.767  1.00 31.36 ? 1857 MET A CG  1 
ATOM   13   S SD  . MET A 1 2   ? 24.331  -26.608 -3.456  1.00 32.80 ? 1857 MET A SD  1 
ATOM   14   C CE  . MET A 1 2   ? 24.511  -26.062 -1.763  1.00 25.54 ? 1857 MET A CE  1 
ATOM   15   N N   . SER A 1 3   ? 19.292  -27.533 -5.000  1.00 30.51 ? 1858 SER A N   1 
ATOM   16   C CA  . SER A 1 3   ? 18.798  -28.568 -5.907  1.00 30.95 ? 1858 SER A CA  1 
ATOM   17   C C   . SER A 1 3   ? 17.523  -29.238 -5.401  1.00 37.47 ? 1858 SER A C   1 
ATOM   18   O O   . SER A 1 3   ? 17.192  -30.349 -5.830  1.00 37.09 ? 1858 SER A O   1 
ATOM   19   C CB  . SER A 1 3   ? 19.867  -29.629 -6.184  1.00 33.32 ? 1858 SER A CB  1 
ATOM   20   O OG  . SER A 1 3   ? 21.032  -29.028 -6.717  1.00 32.92 ? 1858 SER A OG  1 
ATOM   21   N N   . VAL A 1 4   ? 16.805  -28.593 -4.486  1.00 33.68 ? 1859 VAL A N   1 
ATOM   22   C CA  . VAL A 1 4   ? 15.488  -29.041 -4.044  1.00 36.31 ? 1859 VAL A CA  1 
ATOM   23   C C   . VAL A 1 4   ? 14.532  -27.899 -4.355  1.00 38.22 ? 1859 VAL A C   1 
ATOM   24   O O   . VAL A 1 4   ? 14.386  -26.962 -3.560  1.00 36.22 ? 1859 VAL A O   1 
ATOM   25   C CB  . VAL A 1 4   ? 15.459  -29.411 -2.559  1.00 32.02 ? 1859 VAL A CB  1 
ATOM   26   C CG1 . VAL A 1 4   ? 14.051  -29.838 -2.140  1.00 32.21 ? 1859 VAL A CG1 1 
ATOM   27   C CG2 . VAL A 1 4   ? 16.454  -30.518 -2.275  1.00 32.48 ? 1859 VAL A CG2 1 
ATOM   28   N N   . LYS A 1 5   ? 13.886  -27.968 -5.516  1.00 43.23 ? 1860 LYS A N   1 
ATOM   29   C CA  . LYS A 1 5   ? 13.092  -26.864 -6.045  1.00 46.72 ? 1860 LYS A CA  1 
ATOM   30   C C   . LYS A 1 5   ? 11.642  -27.028 -5.606  1.00 44.48 ? 1860 LYS A C   1 
ATOM   31   O O   . LYS A 1 5   ? 10.971  -27.988 -5.998  1.00 44.12 ? 1860 LYS A O   1 
ATOM   32   C CB  . LYS A 1 5   ? 13.202  -26.813 -7.567  1.00 43.37 ? 1860 LYS A CB  1 
ATOM   33   C CG  . LYS A 1 5   ? 14.632  -26.839 -8.084  1.00 44.95 ? 1860 LYS A CG  1 
ATOM   34   C CD  . LYS A 1 5   ? 14.853  -28.016 -9.022  1.00 51.57 ? 1860 LYS A CD  1 
ATOM   35   C CE  . LYS A 1 5   ? 16.328  -28.362 -9.152  1.00 48.59 ? 1860 LYS A CE  1 
ATOM   36   N NZ  . LYS A 1 5   ? 16.509  -29.816 -9.434  1.00 48.80 ? 1860 LYS A NZ  1 
ATOM   37   N N   . LYS A 1 6   ? 11.164  -26.093 -4.793  1.00 42.89 ? 1861 LYS A N   1 
ATOM   38   C CA  . LYS A 1 6   ? 9.757   -26.078 -4.433  1.00 45.16 ? 1861 LYS A CA  1 
ATOM   39   C C   . LYS A 1 6   ? 8.926   -25.657 -5.643  1.00 47.00 ? 1861 LYS A C   1 
ATOM   40   O O   . LYS A 1 6   ? 9.317   -24.743 -6.374  1.00 52.32 ? 1861 LYS A O   1 
ATOM   41   C CB  . LYS A 1 6   ? 9.510   -25.118 -3.266  1.00 44.73 ? 1861 LYS A CB  1 
ATOM   42   C CG  . LYS A 1 6   ? 8.095   -25.173 -2.700  1.00 48.39 ? 1861 LYS A CG  1 
ATOM   43   C CD  . LYS A 1 6   ? 7.608   -23.804 -2.236  1.00 55.10 ? 1861 LYS A CD  1 
ATOM   44   C CE  . LYS A 1 6   ? 8.109   -23.455 -0.842  1.00 57.22 ? 1861 LYS A CE  1 
ATOM   45   N NZ  . LYS A 1 6   ? 7.273   -24.080 0.226   1.00 51.37 ? 1861 LYS A NZ  1 
ATOM   46   N N   . PRO A 1 7   ? 7.797   -26.316 -5.899  1.00 47.97 ? 1862 PRO A N   1 
ATOM   47   C CA  . PRO A 1 7   ? 6.905   -25.846 -6.965  1.00 50.81 ? 1862 PRO A CA  1 
ATOM   48   C C   . PRO A 1 7   ? 6.359   -24.476 -6.603  1.00 53.69 ? 1862 PRO A C   1 
ATOM   49   O O   . PRO A 1 7   ? 5.840   -24.269 -5.503  1.00 55.31 ? 1862 PRO A O   1 
ATOM   50   C CB  . PRO A 1 7   ? 5.799   -26.909 -7.006  1.00 45.65 ? 1862 PRO A CB  1 
ATOM   51   C CG  . PRO A 1 7   ? 6.355   -28.088 -6.272  1.00 46.69 ? 1862 PRO A CG  1 
ATOM   52   C CD  . PRO A 1 7   ? 7.272   -27.519 -5.237  1.00 46.31 ? 1862 PRO A CD  1 
ATOM   53   N N   . LYS A 1 8   ? 6.498   -23.529 -7.524  1.00 56.41 ? 1863 LYS A N   1 
ATOM   54   C CA  . LYS A 1 8   ? 6.125   -22.153 -7.244  1.00 61.41 ? 1863 LYS A CA  1 
ATOM   55   C C   . LYS A 1 8   ? 5.044   -21.663 -8.198  1.00 61.52 ? 1863 LYS A C   1 
ATOM   56   O O   . LYS A 1 8   ? 4.932   -22.122 -9.340  1.00 58.10 ? 1863 LYS A O   1 
ATOM   57   C CB  . LYS A 1 8   ? 7.339   -21.213 -7.303  1.00 59.53 ? 1863 LYS A CB  1 
ATOM   58   C CG  . LYS A 1 8   ? 8.097   -21.128 -5.983  1.00 61.41 ? 1863 LYS A CG  1 
ATOM   59   C CD  . LYS A 1 8   ? 7.138   -21.139 -4.791  1.00 62.88 ? 1863 LYS A CD  1 
ATOM   60   C CE  . LYS A 1 8   ? 6.293   -19.868 -4.704  1.00 65.66 ? 1863 LYS A CE  1 
ATOM   61   N NZ  . LYS A 1 8   ? 4.959   -20.143 -4.095  1.00 65.00 ? 1863 LYS A NZ  1 
ATOM   62   N N   . ARG A 1 9   ? 4.257   -20.713 -7.701  1.00 59.67 ? 1864 ARG A N   1 
ATOM   63   C CA  . ARG A 1 9   ? 3.120   -20.190 -8.439  1.00 58.76 ? 1864 ARG A CA  1 
ATOM   64   C C   . ARG A 1 9   ? 3.577   -19.343 -9.620  1.00 53.80 ? 1864 ARG A C   1 
ATOM   65   O O   . ARG A 1 9   ? 4.691   -18.813 -9.645  1.00 49.00 ? 1864 ARG A O   1 
ATOM   66   C CB  . ARG A 1 9   ? 2.228   -19.358 -7.514  1.00 58.81 ? 1864 ARG A CB  1 
ATOM   67   C CG  . ARG A 1 9   ? 2.979   -18.294 -6.719  1.00 56.69 ? 1864 ARG A CG  1 
ATOM   68   C CD  . ARG A 1 9   ? 2.031   -17.400 -5.926  1.00 49.42 ? 1864 ARG A CD  1 
ATOM   69   N NE  . ARG A 1 9   ? 1.063   -16.724 -6.786  1.00 50.19 ? 1864 ARG A NE  1 
ATOM   70   C CZ  . ARG A 1 9   ? 1.313   -15.600 -7.453  1.00 48.66 ? 1864 ARG A CZ  1 
ATOM   71   N NH1 . ARG A 1 9   ? 2.503   -15.022 -7.360  1.00 49.13 ? 1864 ARG A NH1 1 
ATOM   72   N NH2 . ARG A 1 9   ? 0.374   -15.055 -8.216  1.00 44.50 ? 1864 ARG A NH2 1 
ATOM   73   N N   . ASP A 1 10  ? 2.695   -19.226 -10.608 1.00 57.09 ? 1865 ASP A N   1 
ATOM   74   C CA  . ASP A 1 10  ? 2.952   -18.379 -11.764 1.00 49.83 ? 1865 ASP A CA  1 
ATOM   75   C C   . ASP A 1 10  ? 2.886   -16.915 -11.342 1.00 52.77 ? 1865 ASP A C   1 
ATOM   76   O O   . ASP A 1 10  ? 1.849   -16.448 -10.855 1.00 54.61 ? 1865 ASP A O   1 
ATOM   77   C CB  . ASP A 1 10  ? 1.934   -18.674 -12.861 1.00 46.93 ? 1865 ASP A CB  1 
ATOM   78   C CG  . ASP A 1 10  ? 2.298   -18.036 -14.183 1.00 48.70 ? 1865 ASP A CG  1 
ATOM   79   O OD1 . ASP A 1 10  ? 3.395   -17.444 -14.278 1.00 47.28 ? 1865 ASP A OD1 1 
ATOM   80   O OD2 . ASP A 1 10  ? 1.485   -18.128 -15.128 1.00 48.53 ? 1865 ASP A OD2 1 
ATOM   81   N N   . ASP A 1 11  ? 3.990   -16.191 -11.520 1.00 45.61 ? 1866 ASP A N   1 
ATOM   82   C CA  . ASP A 1 11  ? 4.077   -14.793 -11.117 1.00 44.64 ? 1866 ASP A CA  1 
ATOM   83   C C   . ASP A 1 11  ? 4.137   -13.842 -12.304 1.00 40.70 ? 1866 ASP A C   1 
ATOM   84   O O   . ASP A 1 11  ? 4.392   -12.648 -12.115 1.00 40.76 ? 1866 ASP A O   1 
ATOM   85   C CB  . ASP A 1 11  ? 5.292   -14.581 -10.206 1.00 44.35 ? 1866 ASP A CB  1 
ATOM   86   C CG  . ASP A 1 11  ? 6.612   -14.919 -10.889 1.00 44.63 ? 1866 ASP A CG  1 
ATOM   87   O OD1 . ASP A 1 11  ? 6.604   -15.327 -12.069 1.00 44.58 ? 1866 ASP A OD1 1 
ATOM   88   O OD2 . ASP A 1 11  ? 7.668   -14.772 -10.234 1.00 47.14 ? 1866 ASP A OD2 1 
ATOM   89   N N   . SER A 1 12  ? 3.912   -14.342 -13.521 1.00 38.04 ? 1867 SER A N   1 
ATOM   90   C CA  . SER A 1 12  ? 4.050   -13.510 -14.711 1.00 38.63 ? 1867 SER A CA  1 
ATOM   91   C C   . SER A 1 12  ? 2.987   -12.423 -14.799 1.00 34.41 ? 1867 SER A C   1 
ATOM   92   O O   . SER A 1 12  ? 3.211   -11.412 -15.470 1.00 38.89 ? 1867 SER A O   1 
ATOM   93   C CB  . SER A 1 12  ? 4.002   -14.379 -15.970 1.00 43.64 ? 1867 SER A CB  1 
ATOM   94   O OG  . SER A 1 12  ? 2.760   -15.061 -16.075 1.00 41.10 ? 1867 SER A OG  1 
ATOM   95   N N   . LYS A 1 13  ? 1.842   -12.601 -14.146 1.00 34.28 ? 1868 LYS A N   1 
ATOM   96   C CA  . LYS A 1 13  ? 0.787   -11.599 -14.158 1.00 29.53 ? 1868 LYS A CA  1 
ATOM   97   C C   . LYS A 1 13  ? 0.808   -10.701 -12.928 1.00 28.49 ? 1868 LYS A C   1 
ATOM   98   O O   . LYS A 1 13  ? -0.026  -9.797  -12.826 1.00 26.02 ? 1868 LYS A O   1 
ATOM   99   C CB  . LYS A 1 13  ? -0.582  -12.280 -14.285 1.00 36.13 ? 1868 LYS A CB  1 
ATOM   100  C CG  . LYS A 1 13  ? -0.851  -12.885 -15.662 1.00 41.49 ? 1868 LYS A CG  1 
ATOM   101  C CD  . LYS A 1 13  ? -1.094  -11.793 -16.699 1.00 51.42 ? 1868 LYS A CD  1 
ATOM   102  C CE  . LYS A 1 13  ? -0.988  -12.324 -18.125 1.00 54.89 ? 1868 LYS A CE  1 
ATOM   103  N NZ  . LYS A 1 13  ? -1.157  -11.233 -19.132 1.00 55.36 ? 1868 LYS A NZ  1 
ATOM   104  N N   . ASP A 1 14  ? 1.758   -10.906 -12.008 1.00 30.40 ? 1869 ASP A N   1 
ATOM   105  C CA  . ASP A 1 14  ? 1.723   -10.201 -10.729 1.00 28.25 ? 1869 ASP A CA  1 
ATOM   106  C C   . ASP A 1 14  ? 1.819   -8.691  -10.910 1.00 27.15 ? 1869 ASP A C   1 
ATOM   107  O O   . ASP A 1 14  ? 1.113   -7.934  -10.235 1.00 26.04 ? 1869 ASP A O   1 
ATOM   108  C CB  . ASP A 1 14  ? 2.848   -10.706 -9.824  1.00 32.23 ? 1869 ASP A CB  1 
ATOM   109  C CG  . ASP A 1 14  ? 2.537   -12.057 -9.214  1.00 38.08 ? 1869 ASP A CG  1 
ATOM   110  O OD1 . ASP A 1 14  ? 1.454   -12.605 -9.510  1.00 41.34 ? 1869 ASP A OD1 1 
ATOM   111  O OD2 . ASP A 1 14  ? 3.371   -12.569 -8.434  1.00 38.24 ? 1869 ASP A OD2 1 
ATOM   112  N N   . LEU A 1 15  ? 2.684   -8.234  -11.817 1.00 25.89 ? 1870 LEU A N   1 
ATOM   113  C CA  . LEU A 1 15  ? 2.854   -6.798  -12.030 1.00 26.47 ? 1870 LEU A CA  1 
ATOM   114  C C   . LEU A 1 15  ? 1.557   -6.153  -12.506 1.00 29.08 ? 1870 LEU A C   1 
ATOM   115  O O   . LEU A 1 15  ? 1.148   -5.100  -12.002 1.00 26.68 ? 1870 LEU A O   1 
ATOM   116  C CB  . LEU A 1 15  ? 3.978   -6.555  -13.037 1.00 25.31 ? 1870 LEU A CB  1 
ATOM   117  C CG  . LEU A 1 15  ? 4.347   -5.100  -13.317 1.00 30.28 ? 1870 LEU A CG  1 
ATOM   118  C CD1 . LEU A 1 15  ? 4.784   -4.414  -12.037 1.00 26.57 ? 1870 LEU A CD1 1 
ATOM   119  C CD2 . LEU A 1 15  ? 5.446   -5.035  -14.358 1.00 31.82 ? 1870 LEU A CD2 1 
ATOM   120  N N   . ALA A 1 16  ? 0.891   -6.777  -13.478 1.00 27.18 ? 1871 ALA A N   1 
ATOM   121  C CA  . ALA A 1 16  ? -0.346  -6.216  -14.011 1.00 27.34 ? 1871 ALA A CA  1 
ATOM   122  C C   . ALA A 1 16  ? -1.468  -6.264  -12.982 1.00 23.63 ? 1871 ALA A C   1 
ATOM   123  O O   . ALA A 1 16  ? -2.310  -5.359  -12.934 1.00 25.09 ? 1871 ALA A O   1 
ATOM   124  C CB  . ALA A 1 16  ? -0.753  -6.962  -15.283 1.00 22.48 ? 1871 ALA A CB  1 
ATOM   125  N N   . LEU A 1 17  ? -1.502  -7.312  -12.158 1.00 23.60 ? 1872 LEU A N   1 
ATOM   126  C CA  . LEU A 1 17  ? -2.553  -7.419  -11.150 1.00 24.73 ? 1872 LEU A CA  1 
ATOM   127  C C   . LEU A 1 17  ? -2.346  -6.413  -10.023 1.00 25.86 ? 1872 LEU A C   1 
ATOM   128  O O   . LEU A 1 17  ? -3.309  -5.805  -9.539  1.00 21.20 ? 1872 LEU A O   1 
ATOM   129  C CB  . LEU A 1 17  ? -2.606  -8.846  -10.601 1.00 27.21 ? 1872 LEU A CB  1 
ATOM   130  C CG  . LEU A 1 17  ? -3.040  -9.936  -11.585 1.00 25.36 ? 1872 LEU A CG  1 
ATOM   131  C CD1 . LEU A 1 17  ? -2.710  -11.318 -11.042 1.00 27.09 ? 1872 LEU A CD1 1 
ATOM   132  C CD2 . LEU A 1 17  ? -4.527  -9.823  -11.888 1.00 23.50 ? 1872 LEU A CD2 1 
ATOM   133  N N   . CYS A 1 18  ? -1.099  -6.223  -9.587  1.00 20.97 ? 1873 CYS A N   1 
ATOM   134  C CA  . CYS A 1 18  ? -0.829  -5.210  -8.572  1.00 23.44 ? 1873 CYS A CA  1 
ATOM   135  C C   . CYS A 1 18  ? -1.149  -3.814  -9.095  1.00 22.64 ? 1873 CYS A C   1 
ATOM   136  O O   . CYS A 1 18  ? -1.678  -2.974  -8.359  1.00 21.51 ? 1873 CYS A O   1 
ATOM   137  C CB  . CYS A 1 18  ? 0.624   -5.299  -8.107  1.00 21.12 ? 1873 CYS A CB  1 
ATOM   138  S SG  . CYS A 1 18  ? 0.967   -6.706  -7.024  1.00 23.36 ? 1873 CYS A SG  1 
ATOM   139  N N   . SER A 1 19  ? -0.859  -3.555  -10.373 1.00 25.31 ? 1874 SER A N   1 
ATOM   140  C CA  . SER A 1 19  ? -1.204  -2.262  -10.954 1.00 23.76 ? 1874 SER A CA  1 
ATOM   141  C C   . SER A 1 19  ? -2.712  -2.045  -10.968 1.00 27.02 ? 1874 SER A C   1 
ATOM   142  O O   . SER A 1 19  ? -3.187  -0.943  -10.668 1.00 25.62 ? 1874 SER A O   1 
ATOM   143  C CB  . SER A 1 19  ? -0.633  -2.144  -12.368 1.00 24.93 ? 1874 SER A CB  1 
ATOM   144  O OG  . SER A 1 19  ? -1.051  -0.936  -12.976 1.00 23.55 ? 1874 SER A OG  1 
ATOM   145  N N   . MET A 1 20  ? -3.487  -3.080  -11.307 1.00 24.64 ? 1875 MET A N   1 
ATOM   146  C CA  . MET A 1 20  ? -4.934  -2.896  -11.341 1.00 27.18 ? 1875 MET A CA  1 
ATOM   147  C C   . MET A 1 20  ? -5.498  -2.754  -9.932  1.00 22.61 ? 1875 MET A C   1 
ATOM   148  O O   . MET A 1 20  ? -6.432  -1.977  -9.716  1.00 24.72 ? 1875 MET A O   1 
ATOM   149  C CB  . MET A 1 20  ? -5.614  -4.036  -12.111 1.00 26.43 ? 1875 MET A CB  1 
ATOM   150  C CG  . MET A 1 20  ? -5.837  -5.346  -11.353 1.00 35.05 ? 1875 MET A CG  1 
ATOM   151  S SD  . MET A 1 20  ? -7.581  -5.735  -11.046 1.00 68.12 ? 1875 MET A SD  1 
ATOM   152  C CE  . MET A 1 20  ? -7.502  -7.491  -10.678 1.00 42.42 ? 1875 MET A CE  1 
ATOM   153  N N   . ILE A 1 21  ? -4.930  -3.465  -8.954  1.00 23.25 ? 1876 ILE A N   1 
ATOM   154  C CA  . ILE A 1 21  ? -5.368  -3.284  -7.571  1.00 25.83 ? 1876 ILE A CA  1 
ATOM   155  C C   . ILE A 1 21  ? -5.058  -1.871  -7.102  1.00 23.19 ? 1876 ILE A C   1 
ATOM   156  O O   . ILE A 1 21  ? -5.883  -1.226  -6.446  1.00 22.61 ? 1876 ILE A O   1 
ATOM   157  C CB  . ILE A 1 21  ? -4.723  -4.333  -6.645  1.00 22.17 ? 1876 ILE A CB  1 
ATOM   158  C CG1 . ILE A 1 21  ? -5.253  -5.730  -6.950  1.00 19.45 ? 1876 ILE A CG1 1 
ATOM   159  C CG2 . ILE A 1 21  ? -4.991  -3.984  -5.184  1.00 18.32 ? 1876 ILE A CG2 1 
ATOM   160  C CD1 . ILE A 1 21  ? -4.654  -6.799  -6.073  1.00 22.57 ? 1876 ILE A CD1 1 
ATOM   161  N N   . LEU A 1 22  ? -3.866  -1.365  -7.426  1.00 21.94 ? 1877 LEU A N   1 
ATOM   162  C CA  . LEU A 1 22  ? -3.513  -0.008  -7.023  1.00 23.18 ? 1877 LEU A CA  1 
ATOM   163  C C   . LEU A 1 22  ? -4.426  1.017   -7.687  1.00 25.56 ? 1877 LEU A C   1 
ATOM   164  O O   . LEU A 1 22  ? -4.757  2.045   -7.085  1.00 22.41 ? 1877 LEU A O   1 
ATOM   165  C CB  . LEU A 1 22  ? -2.049  0.275   -7.357  1.00 20.45 ? 1877 LEU A CB  1 
ATOM   166  C CG  . LEU A 1 22  ? -1.479  1.610   -6.882  1.00 19.58 ? 1877 LEU A CG  1 
ATOM   167  C CD1 . LEU A 1 22  ? -1.615  1.765   -5.372  1.00 16.85 ? 1877 LEU A CD1 1 
ATOM   168  C CD2 . LEU A 1 22  ? -0.026  1.714   -7.304  1.00 17.08 ? 1877 LEU A CD2 1 
ATOM   169  N N   . THR A 1 23  ? -4.847  0.751   -8.928  1.00 22.80 ? 1878 THR A N   1 
ATOM   170  C CA  . THR A 1 23  ? -5.762  1.666   -9.604  1.00 22.36 ? 1878 THR A CA  1 
ATOM   171  C C   . THR A 1 23  ? -7.100  1.739   -8.878  1.00 23.78 ? 1878 THR A C   1 
ATOM   172  O O   . THR A 1 23  ? -7.670  2.824   -8.714  1.00 25.85 ? 1878 THR A O   1 
ATOM   173  C CB  . THR A 1 23  ? -5.951  1.237   -11.061 1.00 23.88 ? 1878 THR A CB  1 
ATOM   174  O OG1 . THR A 1 23  ? -4.733  1.458   -11.783 1.00 25.26 ? 1878 THR A OG1 1 
ATOM   175  C CG2 . THR A 1 23  ? -7.068  2.030   -11.719 1.00 23.49 ? 1878 THR A CG2 1 
ATOM   176  N N   . GLU A 1 24  ? -7.605  0.597   -8.409  1.00 24.75 ? 1879 GLU A N   1 
ATOM   177  C CA  . GLU A 1 24  ? -8.848  0.609   -7.645  1.00 24.52 ? 1879 GLU A CA  1 
ATOM   178  C C   . GLU A 1 24  ? -8.680  1.364   -6.335  1.00 24.64 ? 1879 GLU A C   1 
ATOM   179  O O   . GLU A 1 24  ? -9.618  2.019   -5.865  1.00 26.05 ? 1879 GLU A O   1 
ATOM   180  C CB  . GLU A 1 24  ? -9.317  -0.818  -7.383  1.00 26.65 ? 1879 GLU A CB  1 
ATOM   181  C CG  . GLU A 1 24  ? -9.284  -1.685  -8.618  1.00 31.98 ? 1879 GLU A CG  1 
ATOM   182  C CD  . GLU A 1 24  ? -10.404 -2.689  -8.649  1.00 47.30 ? 1879 GLU A CD  1 
ATOM   183  O OE1 . GLU A 1 24  ? -11.566 -2.283  -8.434  1.00 51.99 ? 1879 GLU A OE1 1 
ATOM   184  O OE2 . GLU A 1 24  ? -10.120 -3.883  -8.881  1.00 57.11 ? 1879 GLU A OE2 1 
ATOM   185  N N   . MET A 1 25  ? -7.495  1.277   -5.727  1.00 22.54 ? 1880 MET A N   1 
ATOM   186  C CA  . MET A 1 25  ? -7.216  2.055   -4.526  1.00 24.16 ? 1880 MET A CA  1 
ATOM   187  C C   . MET A 1 25  ? -7.242  3.543   -4.835  1.00 27.21 ? 1880 MET A C   1 
ATOM   188  O O   . MET A 1 25  ? -7.919  4.320   -4.153  1.00 26.42 ? 1880 MET A O   1 
ATOM   189  C CB  . MET A 1 25  ? -5.855  1.661   -3.951  1.00 25.68 ? 1880 MET A CB  1 
ATOM   190  C CG  . MET A 1 25  ? -5.671  0.182   -3.753  1.00 23.50 ? 1880 MET A CG  1 
ATOM   191  S SD  . MET A 1 25  ? -6.450  -0.385  -2.248  1.00 34.95 ? 1880 MET A SD  1 
ATOM   192  C CE  . MET A 1 25  ? -5.183  0.108   -1.084  1.00 26.35 ? 1880 MET A CE  1 
ATOM   193  N N   . GLU A 1 26  ? -6.504  3.952   -5.870  1.00 23.46 ? 1881 GLU A N   1 
ATOM   194  C CA  . GLU A 1 26  ? -6.385  5.364   -6.215  1.00 26.38 ? 1881 GLU A CA  1 
ATOM   195  C C   . GLU A 1 26  ? -7.737  5.991   -6.534  1.00 28.08 ? 1881 GLU A C   1 
ATOM   196  O O   . GLU A 1 26  ? -7.940  7.183   -6.279  1.00 29.92 ? 1881 GLU A O   1 
ATOM   197  C CB  . GLU A 1 26  ? -5.424  5.525   -7.398  1.00 22.36 ? 1881 GLU A CB  1 
ATOM   198  C CG  . GLU A 1 26  ? -3.973  5.149   -7.098  1.00 22.85 ? 1881 GLU A CG  1 
ATOM   199  C CD  . GLU A 1 26  ? -3.167  4.833   -8.355  1.00 26.96 ? 1881 GLU A CD  1 
ATOM   200  O OE1 . GLU A 1 26  ? -3.751  4.328   -9.339  1.00 27.49 ? 1881 GLU A OE1 1 
ATOM   201  O OE2 . GLU A 1 26  ? -1.947  5.089   -8.364  1.00 25.19 ? 1881 GLU A OE2 1 
ATOM   202  N N   . THR A 1 27  ? -8.674  5.216   -7.077  1.00 25.96 ? 1882 THR A N   1 
ATOM   203  C CA  . THR A 1 27  ? -9.976  5.744   -7.467  1.00 29.63 ? 1882 THR A CA  1 
ATOM   204  C C   . THR A 1 27  ? -11.049 5.554   -6.399  1.00 28.73 ? 1882 THR A C   1 
ATOM   205  O O   . THR A 1 27  ? -12.173 6.031   -6.579  1.00 31.95 ? 1882 THR A O   1 
ATOM   206  C CB  . THR A 1 27  ? -10.429 5.112   -8.790  1.00 28.68 ? 1882 THR A CB  1 
ATOM   207  O OG1 . THR A 1 27  ? -10.542 3.694   -8.643  1.00 31.09 ? 1882 THR A OG1 1 
ATOM   208  C CG2 . THR A 1 27  ? -9.418  5.411   -9.884  1.00 27.92 ? 1882 THR A CG2 1 
ATOM   209  N N   . HIS A 1 28  ? -10.732 4.882   -5.294  1.00 25.83 ? 1883 HIS A N   1 
ATOM   210  C CA  . HIS A 1 28  ? -11.649 4.823   -4.164  1.00 25.23 ? 1883 HIS A CA  1 
ATOM   211  C C   . HIS A 1 28  ? -11.884 6.221   -3.605  1.00 28.71 ? 1883 HIS A C   1 
ATOM   212  O O   . HIS A 1 28  ? -10.951 7.020   -3.480  1.00 28.98 ? 1883 HIS A O   1 
ATOM   213  C CB  . HIS A 1 28  ? -11.077 3.908   -3.081  1.00 26.31 ? 1883 HIS A CB  1 
ATOM   214  C CG  . HIS A 1 28  ? -12.067 3.511   -2.031  1.00 28.71 ? 1883 HIS A CG  1 
ATOM   215  N ND1 . HIS A 1 28  ? -12.708 4.425   -1.224  1.00 26.37 ? 1883 HIS A ND1 1 
ATOM   216  C CD2 . HIS A 1 28  ? -12.509 2.292   -1.643  1.00 23.93 ? 1883 HIS A CD2 1 
ATOM   217  C CE1 . HIS A 1 28  ? -13.510 3.789   -0.391  1.00 23.41 ? 1883 HIS A CE1 1 
ATOM   218  N NE2 . HIS A 1 28  ? -13.407 2.493   -0.623  1.00 26.48 ? 1883 HIS A NE2 1 
ATOM   219  N N   . GLU A 1 29  ? -13.142 6.516   -3.258  1.00 27.16 ? 1884 GLU A N   1 
ATOM   220  C CA  . GLU A 1 29  ? -13.481 7.864   -2.815  1.00 28.54 ? 1884 GLU A CA  1 
ATOM   221  C C   . GLU A 1 29  ? -12.809 8.232   -1.496  1.00 28.85 ? 1884 GLU A C   1 
ATOM   222  O O   . GLU A 1 29  ? -12.616 9.424   -1.226  1.00 31.94 ? 1884 GLU A O   1 
ATOM   223  C CB  . GLU A 1 29  ? -15.004 8.020   -2.701  1.00 28.76 ? 1884 GLU A CB  1 
ATOM   224  C CG  . GLU A 1 29  ? -15.552 7.826   -1.308  1.00 29.22 ? 1884 GLU A CG  1 
ATOM   225  C CD  . GLU A 1 29  ? -17.004 8.244   -1.166  1.00 36.99 ? 1884 GLU A CD  1 
ATOM   226  O OE1 . GLU A 1 29  ? -17.887 7.561   -1.728  1.00 39.98 ? 1884 GLU A OE1 1 
ATOM   227  O OE2 . GLU A 1 29  ? -17.260 9.254   -0.477  1.00 37.13 ? 1884 GLU A OE2 1 
ATOM   228  N N   . ASP A 1 30  ? -12.431 7.252   -0.680  1.00 24.74 ? 1885 ASP A N   1 
ATOM   229  C CA  . ASP A 1 30  ? -11.731 7.522   0.568   1.00 23.32 ? 1885 ASP A CA  1 
ATOM   230  C C   . ASP A 1 30  ? -10.212 7.515   0.413   1.00 25.61 ? 1885 ASP A C   1 
ATOM   231  O O   . ASP A 1 30  ? -9.501  7.462   1.423   1.00 25.46 ? 1885 ASP A O   1 
ATOM   232  C CB  . ASP A 1 30  ? -12.134 6.505   1.637   1.00 24.84 ? 1885 ASP A CB  1 
ATOM   233  C CG  . ASP A 1 30  ? -13.595 6.616   2.042   1.00 26.50 ? 1885 ASP A CG  1 
ATOM   234  O OD1 . ASP A 1 30  ? -14.292 7.533   1.561   1.00 27.04 ? 1885 ASP A OD1 1 
ATOM   235  O OD2 . ASP A 1 30  ? -14.043 5.779   2.851   1.00 24.27 ? 1885 ASP A OD2 1 
ATOM   236  N N   . ALA A 1 31  ? -9.697  7.552   -0.815  1.00 26.51 ? 1886 ALA A N   1 
ATOM   237  C CA  . ALA A 1 31  ? -8.254  7.492   -1.012  1.00 27.12 ? 1886 ALA A CA  1 
ATOM   238  C C   . ALA A 1 31  ? -7.573  8.849   -0.900  1.00 24.53 ? 1886 ALA A C   1 
ATOM   239  O O   . ALA A 1 31  ? -6.343  8.908   -1.005  1.00 29.14 ? 1886 ALA A O   1 
ATOM   240  C CB  . ALA A 1 31  ? -7.930  6.874   -2.374  1.00 22.73 ? 1886 ALA A CB  1 
ATOM   241  N N   . TRP A 1 32  ? -8.322  9.925   -0.669  1.00 27.46 ? 1887 TRP A N   1 
ATOM   242  C CA  . TRP A 1 32  ? -7.717  11.255  -0.681  1.00 26.66 ? 1887 TRP A CA  1 
ATOM   243  C C   . TRP A 1 32  ? -6.591  11.457  0.333   1.00 23.27 ? 1887 TRP A C   1 
ATOM   244  O O   . TRP A 1 32  ? -5.634  12.175  -0.005  1.00 25.58 ? 1887 TRP A O   1 
ATOM   245  C CB  . TRP A 1 32  ? -8.807  12.321  -0.514  1.00 32.73 ? 1887 TRP A CB  1 
ATOM   246  C CG  . TRP A 1 32  ? -9.667  12.160  0.687   1.00 31.44 ? 1887 TRP A CG  1 
ATOM   247  C CD1 . TRP A 1 32  ? -10.841 11.476  0.767   1.00 32.58 ? 1887 TRP A CD1 1 
ATOM   248  C CD2 . TRP A 1 32  ? -9.434  12.717  1.983   1.00 30.83 ? 1887 TRP A CD2 1 
ATOM   249  N NE1 . TRP A 1 32  ? -11.351 11.562  2.041   1.00 32.81 ? 1887 TRP A NE1 1 
ATOM   250  C CE2 . TRP A 1 32  ? -10.503 12.316  2.807   1.00 33.64 ? 1887 TRP A CE2 1 
ATOM   251  C CE3 . TRP A 1 32  ? -8.417  13.504  2.531   1.00 29.02 ? 1887 TRP A CE3 1 
ATOM   252  C CZ2 . TRP A 1 32  ? -10.588 12.680  4.147   1.00 35.39 ? 1887 TRP A CZ2 1 
ATOM   253  C CZ3 . TRP A 1 32  ? -8.500  13.861  3.862   1.00 31.86 ? 1887 TRP A CZ3 1 
ATOM   254  C CH2 . TRP A 1 32  ? -9.578  13.449  4.654   1.00 38.98 ? 1887 TRP A CH2 1 
ATOM   255  N N   . PRO A 1 33  ? -6.606  10.885  1.546   1.00 24.69 ? 1888 PRO A N   1 
ATOM   256  C CA  . PRO A 1 33  ? -5.472  11.121  2.455   1.00 28.25 ? 1888 PRO A CA  1 
ATOM   257  C C   . PRO A 1 33  ? -4.193  10.421  2.030   1.00 24.29 ? 1888 PRO A C   1 
ATOM   258  O O   . PRO A 1 33  ? -3.140  10.690  2.620   1.00 26.73 ? 1888 PRO A O   1 
ATOM   259  C CB  . PRO A 1 33  ? -5.968  10.570  3.803   1.00 27.58 ? 1888 PRO A CB  1 
ATOM   260  C CG  . PRO A 1 33  ? -7.432  10.323  3.636   1.00 27.89 ? 1888 PRO A CG  1 
ATOM   261  C CD  . PRO A 1 33  ? -7.610  10.017  2.188   1.00 25.15 ? 1888 PRO A CD  1 
ATOM   262  N N   . PHE A 1 34  ? -4.246  9.546   1.028   1.00 22.71 ? 1889 PHE A N   1 
ATOM   263  C CA  . PHE A 1 34  ? -3.131  8.669   0.709   1.00 24.98 ? 1889 PHE A CA  1 
ATOM   264  C C   . PHE A 1 34  ? -2.637  8.809   -0.723  1.00 22.27 ? 1889 PHE A C   1 
ATOM   265  O O   . PHE A 1 34  ? -1.717  8.084   -1.118  1.00 25.11 ? 1889 PHE A O   1 
ATOM   266  C CB  . PHE A 1 34  ? -3.531  7.213   0.980   1.00 23.96 ? 1889 PHE A CB  1 
ATOM   267  C CG  . PHE A 1 34  ? -4.338  7.039   2.239   1.00 25.87 ? 1889 PHE A CG  1 
ATOM   268  C CD1 . PHE A 1 34  ? -3.731  7.114   3.484   1.00 24.90 ? 1889 PHE A CD1 1 
ATOM   269  C CD2 . PHE A 1 34  ? -5.706  6.814   2.179   1.00 24.59 ? 1889 PHE A CD2 1 
ATOM   270  C CE1 . PHE A 1 34  ? -4.471  6.963   4.644   1.00 25.66 ? 1889 PHE A CE1 1 
ATOM   271  C CE2 . PHE A 1 34  ? -6.450  6.660   3.335   1.00 23.10 ? 1889 PHE A CE2 1 
ATOM   272  C CZ  . PHE A 1 34  ? -5.832  6.733   4.568   1.00 24.66 ? 1889 PHE A CZ  1 
ATOM   273  N N   . LEU A 1 35  ? -3.210  9.720   -1.512  1.00 22.34 ? 1890 LEU A N   1 
ATOM   274  C CA  . LEU A 1 35  ? -2.813  9.832   -2.909  1.00 22.27 ? 1890 LEU A CA  1 
ATOM   275  C C   . LEU A 1 35  ? -1.418  10.428  -3.058  1.00 22.53 ? 1890 LEU A C   1 
ATOM   276  O O   . LEU A 1 35  ? -0.684  10.053  -3.976  1.00 25.00 ? 1890 LEU A O   1 
ATOM   277  C CB  . LEU A 1 35  ? -3.835  10.670  -3.680  1.00 26.80 ? 1890 LEU A CB  1 
ATOM   278  C CG  . LEU A 1 35  ? -5.241  10.080  -3.807  1.00 25.18 ? 1890 LEU A CG  1 
ATOM   279  C CD1 . LEU A 1 35  ? -6.195  11.072  -4.448  1.00 29.23 ? 1890 LEU A CD1 1 
ATOM   280  C CD2 . LEU A 1 35  ? -5.217  8.786   -4.606  1.00 27.06 ? 1890 LEU A CD2 1 
ATOM   281  N N   . LEU A 1 36  ? -1.036  11.342  -2.177  1.00 26.60 ? 1891 LEU A N   1 
ATOM   282  C CA  . LEU A 1 36  ? 0.225   12.059  -2.259  1.00 25.90 ? 1891 LEU A CA  1 
ATOM   283  C C   . LEU A 1 36  ? 0.961   11.972  -0.932  1.00 25.04 ? 1891 LEU A C   1 
ATOM   284  O O   . LEU A 1 36  ? 0.346   11.740  0.114   1.00 25.84 ? 1891 LEU A O   1 
ATOM   285  C CB  . LEU A 1 36  ? -0.009  13.530  -2.631  1.00 23.31 ? 1891 LEU A CB  1 
ATOM   286  C CG  . LEU A 1 36  ? -0.615  13.718  -4.021  1.00 25.64 ? 1891 LEU A CG  1 
ATOM   287  C CD1 . LEU A 1 36  ? -0.777  15.190  -4.331  1.00 32.56 ? 1891 LEU A CD1 1 
ATOM   288  C CD2 . LEU A 1 36  ? 0.251   13.036  -5.067  1.00 26.65 ? 1891 LEU A CD2 1 
ATOM   289  N N   . PRO A 1 37  ? 2.283   12.144  -0.944  1.00 22.55 ? 1892 PRO A N   1 
ATOM   290  C CA  . PRO A 1 37  ? 3.038   12.059  0.312   1.00 26.53 ? 1892 PRO A CA  1 
ATOM   291  C C   . PRO A 1 37  ? 2.574   13.106  1.312   1.00 26.52 ? 1892 PRO A C   1 
ATOM   292  O O   . PRO A 1 37  ? 2.169   14.209  0.944   1.00 28.91 ? 1892 PRO A O   1 
ATOM   293  C CB  . PRO A 1 37  ? 4.485   12.308  -0.129  1.00 24.60 ? 1892 PRO A CB  1 
ATOM   294  C CG  . PRO A 1 37  ? 4.505   11.946  -1.575  1.00 23.56 ? 1892 PRO A CG  1 
ATOM   295  C CD  . PRO A 1 37  ? 3.168   12.356  -2.099  1.00 24.50 ? 1892 PRO A CD  1 
ATOM   296  N N   . VAL A 1 38  ? 2.620   12.734  2.593   1.00 25.89 ? 1893 VAL A N   1 
ATOM   297  C CA  . VAL A 1 38  ? 2.318   13.681  3.659   1.00 34.52 ? 1893 VAL A CA  1 
ATOM   298  C C   . VAL A 1 38  ? 3.324   14.821  3.601   1.00 32.58 ? 1893 VAL A C   1 
ATOM   299  O O   . VAL A 1 38  ? 4.537   14.596  3.526   1.00 32.86 ? 1893 VAL A O   1 
ATOM   300  C CB  . VAL A 1 38  ? 2.334   12.971  5.023   1.00 34.88 ? 1893 VAL A CB  1 
ATOM   301  C CG1 . VAL A 1 38  ? 2.219   13.971  6.131   1.00 34.83 ? 1893 VAL A CG1 1 
ATOM   302  C CG2 . VAL A 1 38  ? 1.197   11.965  5.120   1.00 32.60 ? 1893 VAL A CG2 1 
ATOM   303  N N   . ASN A 1 39  ? 2.824   16.054  3.607   1.00 36.73 ? 1894 ASN A N   1 
ATOM   304  C CA  . ASN A 1 39  ? 3.671   17.233  3.416   1.00 42.33 ? 1894 ASN A CA  1 
ATOM   305  C C   . ASN A 1 39  ? 4.425   17.513  4.709   1.00 44.75 ? 1894 ASN A C   1 
ATOM   306  O O   . ASN A 1 39  ? 3.924   18.175  5.617   1.00 42.09 ? 1894 ASN A O   1 
ATOM   307  C CB  . ASN A 1 39  ? 2.835   18.431  2.990   1.00 41.93 ? 1894 ASN A CB  1 
ATOM   308  C CG  . ASN A 1 39  ? 3.677   19.560  2.434   1.00 47.22 ? 1894 ASN A CG  1 
ATOM   309  O OD1 . ASN A 1 39  ? 4.785   19.822  2.903   1.00 46.68 ? 1894 ASN A OD1 1 
ATOM   310  N ND2 . ASN A 1 39  ? 3.155   20.232  1.417   1.00 51.39 ? 1894 ASN A ND2 1 
ATOM   311  N N   . LEU A 1 40  ? 5.667   17.026  4.776   1.00 39.62 ? 1895 LEU A N   1 
ATOM   312  C CA  . LEU A 1 40  ? 6.425   17.054  6.025   1.00 40.94 ? 1895 LEU A CA  1 
ATOM   313  C C   . LEU A 1 40  ? 6.676   18.466  6.539   1.00 48.00 ? 1895 LEU A C   1 
ATOM   314  O O   . LEU A 1 40  ? 6.942   18.640  7.735   1.00 43.43 ? 1895 LEU A O   1 
ATOM   315  C CB  . LEU A 1 40  ? 7.757   16.320  5.845   1.00 38.49 ? 1895 LEU A CB  1 
ATOM   316  C CG  . LEU A 1 40  ? 7.648   14.851  5.420   1.00 40.47 ? 1895 LEU A CG  1 
ATOM   317  C CD1 . LEU A 1 40  ? 9.029   14.233  5.260   1.00 38.58 ? 1895 LEU A CD1 1 
ATOM   318  C CD2 . LEU A 1 40  ? 6.812   14.051  6.413   1.00 34.06 ? 1895 LEU A CD2 1 
ATOM   319  N N   . LYS A 1 41  ? 6.587   19.477  5.677   1.00 49.02 ? 1896 LYS A N   1 
ATOM   320  C CA  . LYS A 1 41  ? 6.810   20.855  6.094   1.00 51.06 ? 1896 LYS A CA  1 
ATOM   321  C C   . LYS A 1 41  ? 5.521   21.585  6.459   1.00 48.75 ? 1896 LYS A C   1 
ATOM   322  O O   . LYS A 1 41  ? 5.588   22.707  6.969   1.00 57.89 ? 1896 LYS A O   1 
ATOM   323  C CB  . LYS A 1 41  ? 7.556   21.628  4.996   1.00 52.15 ? 1896 LYS A CB  1 
ATOM   324  C CG  . LYS A 1 41  ? 9.082   21.508  5.068   1.00 57.54 ? 1896 LYS A CG  1 
ATOM   325  C CD  . LYS A 1 41  ? 9.554   20.074  4.858   1.00 57.26 ? 1896 LYS A CD  1 
ATOM   326  C CE  . LYS A 1 41  ? 10.971  19.859  5.358   1.00 55.78 ? 1896 LYS A CE  1 
ATOM   327  N NZ  . LYS A 1 41  ? 11.362  18.421  5.257   1.00 52.16 ? 1896 LYS A NZ  1 
ATOM   328  N N   . LEU A 1 42  ? 4.356   20.980  6.227   1.00 45.91 ? 1897 LEU A N   1 
ATOM   329  C CA  . LEU A 1 42  ? 3.083   21.592  6.577   1.00 41.79 ? 1897 LEU A CA  1 
ATOM   330  C C   . LEU A 1 42  ? 2.306   20.843  7.649   1.00 48.14 ? 1897 LEU A C   1 
ATOM   331  O O   . LEU A 1 42  ? 1.288   21.364  8.120   1.00 52.56 ? 1897 LEU A O   1 
ATOM   332  C CB  . LEU A 1 42  ? 2.189   21.732  5.334   1.00 46.71 ? 1897 LEU A CB  1 
ATOM   333  C CG  . LEU A 1 42  ? 2.773   22.535  4.170   1.00 55.07 ? 1897 LEU A CG  1 
ATOM   334  C CD1 . LEU A 1 42  ? 1.733   22.732  3.075   1.00 51.91 ? 1897 LEU A CD1 1 
ATOM   335  C CD2 . LEU A 1 42  ? 3.312   23.873  4.656   1.00 55.67 ? 1897 LEU A CD2 1 
ATOM   336  N N   . VAL A 1 43  ? 2.737   19.652  8.048   1.00 43.61 ? 1898 VAL A N   1 
ATOM   337  C CA  . VAL A 1 43  ? 2.052   18.882  9.076   1.00 44.22 ? 1898 VAL A CA  1 
ATOM   338  C C   . VAL A 1 43  ? 2.985   18.749  10.272  1.00 45.87 ? 1898 VAL A C   1 
ATOM   339  O O   . VAL A 1 43  ? 4.132   18.311  10.124  1.00 42.19 ? 1898 VAL A O   1 
ATOM   340  C CB  . VAL A 1 43  ? 1.594   17.501  8.574   1.00 45.07 ? 1898 VAL A CB  1 
ATOM   341  C CG1 . VAL A 1 43  ? 2.759   16.709  8.049   1.00 48.67 ? 1898 VAL A CG1 1 
ATOM   342  C CG2 . VAL A 1 43  ? 0.887   16.736  9.683   1.00 46.95 ? 1898 VAL A CG2 1 
ATOM   343  N N   . PRO A 1 44  ? 2.555   19.147  11.471  1.00 49.41 ? 1899 PRO A N   1 
ATOM   344  C CA  . PRO A 1 44  ? 3.429   19.088  12.653  1.00 49.01 ? 1899 PRO A CA  1 
ATOM   345  C C   . PRO A 1 44  ? 3.550   17.661  13.170  1.00 43.56 ? 1899 PRO A C   1 
ATOM   346  O O   . PRO A 1 44  ? 2.546   17.003  13.453  1.00 41.58 ? 1899 PRO A O   1 
ATOM   347  C CB  . PRO A 1 44  ? 2.716   19.997  13.667  1.00 53.75 ? 1899 PRO A CB  1 
ATOM   348  C CG  . PRO A 1 44  ? 1.718   20.796  12.855  1.00 48.48 ? 1899 PRO A CG  1 
ATOM   349  C CD  . PRO A 1 44  ? 1.319   19.898  11.733  1.00 46.63 ? 1899 PRO A CD  1 
ATOM   350  N N   . GLY A 1 45  ? 4.789   17.180  13.284  1.00 39.11 ? 1900 GLY A N   1 
ATOM   351  C CA  . GLY A 1 45  ? 5.086   15.937  13.956  1.00 36.99 ? 1900 GLY A CA  1 
ATOM   352  C C   . GLY A 1 45  ? 5.301   14.737  13.056  1.00 38.97 ? 1900 GLY A C   1 
ATOM   353  O O   . GLY A 1 45  ? 5.855   13.733  13.517  1.00 37.08 ? 1900 GLY A O   1 
ATOM   354  N N   . TYR A 1 46  ? 4.889   14.806  11.786  1.00 38.30 ? 1901 TYR A N   1 
ATOM   355  C CA  . TYR A 1 46  ? 4.864   13.596  10.968  1.00 40.22 ? 1901 TYR A CA  1 
ATOM   356  C C   . TYR A 1 46  ? 6.266   13.072  10.686  1.00 34.24 ? 1901 TYR A C   1 
ATOM   357  O O   . TYR A 1 46  ? 6.508   11.863  10.780  1.00 27.40 ? 1901 TYR A O   1 
ATOM   358  C CB  . TYR A 1 46  ? 4.119   13.841  9.657   1.00 37.01 ? 1901 TYR A CB  1 
ATOM   359  C CG  . TYR A 1 46  ? 3.631   12.561  9.008   1.00 32.39 ? 1901 TYR A CG  1 
ATOM   360  C CD1 . TYR A 1 46  ? 4.418   11.882  8.089   1.00 30.84 ? 1901 TYR A CD1 1 
ATOM   361  C CD2 . TYR A 1 46  ? 2.394   12.022  9.337   1.00 35.83 ? 1901 TYR A CD2 1 
ATOM   362  C CE1 . TYR A 1 46  ? 3.981   10.705  7.499   1.00 30.68 ? 1901 TYR A CE1 1 
ATOM   363  C CE2 . TYR A 1 46  ? 1.946   10.847  8.756   1.00 38.29 ? 1901 TYR A CE2 1 
ATOM   364  C CZ  . TYR A 1 46  ? 2.744   10.193  7.839   1.00 31.52 ? 1901 TYR A CZ  1 
ATOM   365  O OH  . TYR A 1 46  ? 2.295   9.026   7.269   1.00 32.69 ? 1901 TYR A OH  1 
ATOM   366  N N   . LYS A 1 47  ? 7.204   13.963  10.348  1.00 38.60 ? 1902 LYS A N   1 
ATOM   367  C CA  . LYS A 1 47  ? 8.548   13.518  9.996   1.00 36.60 ? 1902 LYS A CA  1 
ATOM   368  C C   . LYS A 1 47  ? 9.211   12.800  11.163  1.00 36.95 ? 1902 LYS A C   1 
ATOM   369  O O   . LYS A 1 47  ? 9.858   11.762  10.979  1.00 31.09 ? 1902 LYS A O   1 
ATOM   370  C CB  . LYS A 1 47  ? 9.392   14.709  9.538   1.00 39.13 ? 1902 LYS A CB  1 
ATOM   371  C CG  . LYS A 1 47  ? 10.785  14.341  9.024   1.00 46.10 ? 1902 LYS A CG  1 
ATOM   372  C CD  . LYS A 1 47  ? 11.603  15.580  8.653   1.00 47.05 ? 1902 LYS A CD  1 
ATOM   373  C CE  . LYS A 1 47  ? 13.094  15.261  8.541   1.00 50.15 ? 1902 LYS A CE  1 
ATOM   374  N NZ  . LYS A 1 47  ? 13.363  14.104  7.638   1.00 50.57 ? 1902 LYS A NZ  1 
ATOM   375  N N   . LYS A 1 48  ? 9.033   13.323  12.378  1.00 36.49 ? 1903 LYS A N   1 
ATOM   376  C CA  . LYS A 1 48  ? 9.679   12.725  13.540  1.00 34.93 ? 1903 LYS A CA  1 
ATOM   377  C C   . LYS A 1 48  ? 9.000   11.421  13.945  1.00 33.83 ? 1903 LYS A C   1 
ATOM   378  O O   . LYS A 1 48  ? 9.677   10.449  14.303  1.00 30.50 ? 1903 LYS A O   1 
ATOM   379  C CB  . LYS A 1 48  ? 9.681   13.717  14.705  1.00 34.72 ? 1903 LYS A CB  1 
ATOM   380  C CG  . LYS A 1 48  ? 10.397  13.204  15.950  1.00 34.09 ? 1903 LYS A CG  1 
ATOM   381  C CD  . LYS A 1 48  ? 11.853  12.845  15.648  1.00 38.34 ? 1903 LYS A CD  1 
ATOM   382  C CE  . LYS A 1 48  ? 12.613  12.448  16.909  1.00 32.58 ? 1903 LYS A CE  1 
ATOM   383  N NZ  . LYS A 1 48  ? 12.702  13.582  17.865  1.00 35.01 ? 1903 LYS A NZ  1 
ATOM   384  N N   . VAL A 1 49  ? 7.667   11.380  13.886  1.00 30.31 ? 1904 VAL A N   1 
ATOM   385  C CA  . VAL A 1 49  ? 6.916   10.230  14.383  1.00 29.25 ? 1904 VAL A CA  1 
ATOM   386  C C   . VAL A 1 49  ? 6.916   9.088   13.374  1.00 30.47 ? 1904 VAL A C   1 
ATOM   387  O O   . VAL A 1 49  ? 7.081   7.920   13.744  1.00 30.92 ? 1904 VAL A O   1 
ATOM   388  C CB  . VAL A 1 49  ? 5.483   10.664  14.743  1.00 33.59 ? 1904 VAL A CB  1 
ATOM   389  C CG1 . VAL A 1 49  ? 4.589   9.451   14.974  1.00 26.72 ? 1904 VAL A CG1 1 
ATOM   390  C CG2 . VAL A 1 49  ? 5.492   11.569  15.970  1.00 30.14 ? 1904 VAL A CG2 1 
ATOM   391  N N   . ILE A 1 50  ? 6.730   9.396   12.096  1.00 30.10 ? 1905 ILE A N   1 
ATOM   392  C CA  . ILE A 1 50  ? 6.553   8.392   11.052  1.00 25.91 ? 1905 ILE A CA  1 
ATOM   393  C C   . ILE A 1 50  ? 7.900   8.186   10.372  1.00 24.14 ? 1905 ILE A C   1 
ATOM   394  O O   . ILE A 1 50  ? 8.351   9.033   9.593   1.00 23.20 ? 1905 ILE A O   1 
ATOM   395  C CB  . ILE A 1 50  ? 5.471   8.812   10.049  1.00 28.92 ? 1905 ILE A CB  1 
ATOM   396  C CG1 . ILE A 1 50  ? 4.153   9.087   10.776  1.00 28.63 ? 1905 ILE A CG1 1 
ATOM   397  C CG2 . ILE A 1 50  ? 5.261   7.740   8.993   1.00 24.37 ? 1905 ILE A CG2 1 
ATOM   398  C CD1 . ILE A 1 50  ? 3.612   7.892   11.524  1.00 29.41 ? 1905 ILE A CD1 1 
ATOM   399  N N   . LYS A 1 51  ? 8.542   7.053   10.661  1.00 25.52 ? 1906 LYS A N   1 
ATOM   400  C CA  . LYS A 1 51  ? 9.903   6.826   10.190  1.00 30.17 ? 1906 LYS A CA  1 
ATOM   401  C C   . LYS A 1 51  ? 9.958   6.317   8.757   1.00 30.07 ? 1906 LYS A C   1 
ATOM   402  O O   . LYS A 1 51  ? 11.028  6.359   8.139   1.00 30.22 ? 1906 LYS A O   1 
ATOM   403  C CB  . LYS A 1 51  ? 10.620  5.846   11.119  1.00 34.05 ? 1906 LYS A CB  1 
ATOM   404  C CG  . LYS A 1 51  ? 10.553  6.248   12.591  1.00 42.58 ? 1906 LYS A CG  1 
ATOM   405  C CD  . LYS A 1 51  ? 10.843  7.736   12.781  1.00 38.32 ? 1906 LYS A CD  1 
ATOM   406  C CE  . LYS A 1 51  ? 12.271  7.982   13.233  1.00 49.45 ? 1906 LYS A CE  1 
ATOM   407  N NZ  . LYS A 1 51  ? 12.494  7.510   14.628  1.00 54.53 ? 1906 LYS A NZ  1 
ATOM   408  N N   . LYS A 1 52  ? 8.843   5.836   8.215   1.00 31.57 ? 1907 LYS A N   1 
ATOM   409  C CA  . LYS A 1 52  ? 8.788   5.364   6.833   1.00 23.01 ? 1907 LYS A CA  1 
ATOM   410  C C   . LYS A 1 52  ? 7.492   5.854   6.211   1.00 24.88 ? 1907 LYS A C   1 
ATOM   411  O O   . LYS A 1 52  ? 6.486   5.131   6.176   1.00 23.72 ? 1907 LYS A O   1 
ATOM   412  C CB  . LYS A 1 52  ? 8.909   3.841   6.755   1.00 29.25 ? 1907 LYS A CB  1 
ATOM   413  C CG  . LYS A 1 52  ? 10.206  3.311   7.357   1.00 37.22 ? 1907 LYS A CG  1 
ATOM   414  C CD  . LYS A 1 52  ? 10.579  1.930   6.835   1.00 43.50 ? 1907 LYS A CD  1 
ATOM   415  C CE  . LYS A 1 52  ? 9.861   0.806   7.569   1.00 48.31 ? 1907 LYS A CE  1 
ATOM   416  N NZ  . LYS A 1 52  ? 10.820  -0.292  7.900   1.00 55.37 ? 1907 LYS A NZ  1 
ATOM   417  N N   . PRO A 1 53  ? 7.470   7.096   5.727   1.00 21.92 ? 1908 PRO A N   1 
ATOM   418  C CA  . PRO A 1 53  ? 6.279   7.590   5.029   1.00 21.48 ? 1908 PRO A CA  1 
ATOM   419  C C   . PRO A 1 53  ? 6.059   6.828   3.733   1.00 22.57 ? 1908 PRO A C   1 
ATOM   420  O O   . PRO A 1 53  ? 7.005   6.371   3.088   1.00 23.86 ? 1908 PRO A O   1 
ATOM   421  C CB  . PRO A 1 53  ? 6.603   9.065   4.761   1.00 22.81 ? 1908 PRO A CB  1 
ATOM   422  C CG  . PRO A 1 53  ? 7.730   9.394   5.681   1.00 26.83 ? 1908 PRO A CG  1 
ATOM   423  C CD  . PRO A 1 53  ? 8.511   8.130   5.837   1.00 24.58 ? 1908 PRO A CD  1 
ATOM   424  N N   . MET A 1 54  ? 4.789   6.688   3.357   1.00 21.29 ? 1909 MET A N   1 
ATOM   425  C CA  . MET A 1 54  ? 4.432   5.959   2.150   1.00 20.90 ? 1909 MET A CA  1 
ATOM   426  C C   . MET A 1 54  ? 3.045   6.401   1.708   1.00 22.18 ? 1909 MET A C   1 
ATOM   427  O O   . MET A 1 54  ? 2.177   6.668   2.543   1.00 22.42 ? 1909 MET A O   1 
ATOM   428  C CB  . MET A 1 54  ? 4.471   4.442   2.384   1.00 18.74 ? 1909 MET A CB  1 
ATOM   429  C CG  . MET A 1 54  ? 4.281   3.603   1.129   1.00 20.43 ? 1909 MET A CG  1 
ATOM   430  S SD  . MET A 1 54  ? 5.512   3.974   -0.131  1.00 19.03 ? 1909 MET A SD  1 
ATOM   431  C CE  . MET A 1 54  ? 7.025   3.631   0.763   1.00 22.70 ? 1909 MET A CE  1 
ATOM   432  N N   . ASP A 1 55  ? 2.852   6.477   0.394   1.00 18.38 ? 1910 ASP A N   1 
ATOM   433  C CA  . ASP A 1 55  ? 1.593   6.912   -0.186  1.00 18.19 ? 1910 ASP A CA  1 
ATOM   434  C C   . ASP A 1 55  ? 1.403   6.180   -1.503  1.00 21.36 ? 1910 ASP A C   1 
ATOM   435  O O   . ASP A 1 55  ? 2.307   5.495   -1.985  1.00 22.59 ? 1910 ASP A O   1 
ATOM   436  C CB  . ASP A 1 55  ? 1.568   8.425   -0.393  1.00 18.75 ? 1910 ASP A CB  1 
ATOM   437  C CG  . ASP A 1 55  ? 2.599   8.886   -1.396  1.00 24.51 ? 1910 ASP A CG  1 
ATOM   438  O OD1 . ASP A 1 55  ? 3.813   8.791   -1.098  1.00 21.30 ? 1910 ASP A OD1 1 
ATOM   439  O OD2 . ASP A 1 55  ? 2.194   9.313   -2.498  1.00 23.80 ? 1910 ASP A OD2 1 
ATOM   440  N N   . PHE A 1 56  ? 0.215   6.340   -2.093  1.00 18.24 ? 1911 PHE A N   1 
ATOM   441  C CA  . PHE A 1 56  ? -0.109  5.593   -3.304  1.00 18.88 ? 1911 PHE A CA  1 
ATOM   442  C C   . PHE A 1 56  ? 0.759   6.024   -4.482  1.00 19.87 ? 1911 PHE A C   1 
ATOM   443  O O   . PHE A 1 56  ? 1.159   5.189   -5.302  1.00 21.96 ? 1911 PHE A O   1 
ATOM   444  C CB  . PHE A 1 56  ? -1.586  5.754   -3.658  1.00 19.22 ? 1911 PHE A CB  1 
ATOM   445  C CG  . PHE A 1 56  ? -2.531  5.117   -2.675  1.00 20.68 ? 1911 PHE A CG  1 
ATOM   446  C CD1 . PHE A 1 56  ? -2.079  4.238   -1.699  1.00 19.44 ? 1911 PHE A CD1 1 
ATOM   447  C CD2 . PHE A 1 56  ? -3.888  5.397   -2.744  1.00 20.95 ? 1911 PHE A CD2 1 
ATOM   448  C CE1 . PHE A 1 56  ? -2.971  3.659   -0.801  1.00 17.66 ? 1911 PHE A CE1 1 
ATOM   449  C CE2 . PHE A 1 56  ? -4.782  4.827   -1.854  1.00 21.19 ? 1911 PHE A CE2 1 
ATOM   450  C CZ  . PHE A 1 56  ? -4.325  3.957   -0.882  1.00 19.61 ? 1911 PHE A CZ  1 
ATOM   451  N N   . SER A 1 57  ? 1.057   7.322   -4.590  1.00 20.08 ? 1912 SER A N   1 
ATOM   452  C CA  . SER A 1 57  ? 1.857   7.798   -5.717  1.00 21.58 ? 1912 SER A CA  1 
ATOM   453  C C   . SER A 1 57  ? 3.284   7.268   -5.651  1.00 21.46 ? 1912 SER A C   1 
ATOM   454  O O   . SER A 1 57  ? 3.888   6.961   -6.686  1.00 22.28 ? 1912 SER A O   1 
ATOM   455  C CB  . SER A 1 57  ? 1.858   9.325   -5.757  1.00 24.45 ? 1912 SER A CB  1 
ATOM   456  O OG  . SER A 1 57  ? 2.616   9.862   -4.691  1.00 22.94 ? 1912 SER A OG  1 
ATOM   457  N N   . THR A 1 58  ? 3.848   7.167   -4.446  1.00 19.06 ? 1913 THR A N   1 
ATOM   458  C CA  . THR A 1 58  ? 5.175   6.570   -4.315  1.00 19.76 ? 1913 THR A CA  1 
ATOM   459  C C   . THR A 1 58  ? 5.136   5.084   -4.650  1.00 20.21 ? 1913 THR A C   1 
ATOM   460  O O   . THR A 1 58  ? 6.048   4.564   -5.306  1.00 20.96 ? 1913 THR A O   1 
ATOM   461  C CB  . THR A 1 58  ? 5.721   6.791   -2.902  1.00 22.26 ? 1913 THR A CB  1 
ATOM   462  O OG1 . THR A 1 58  ? 5.783   8.197   -2.626  1.00 22.30 ? 1913 THR A OG1 1 
ATOM   463  C CG2 . THR A 1 58  ? 7.111   6.197   -2.764  1.00 20.53 ? 1913 THR A CG2 1 
ATOM   464  N N   . ILE A 1 59  ? 4.078   4.391   -4.221  1.00 18.70 ? 1914 ILE A N   1 
ATOM   465  C CA  . ILE A 1 59  ? 3.895   2.991   -4.594  1.00 19.27 ? 1914 ILE A CA  1 
ATOM   466  C C   . ILE A 1 59  ? 3.735   2.861   -6.102  1.00 22.02 ? 1914 ILE A C   1 
ATOM   467  O O   . ILE A 1 59  ? 4.299   1.955   -6.729  1.00 21.96 ? 1914 ILE A O   1 
ATOM   468  C CB  . ILE A 1 59  ? 2.688   2.399   -3.843  1.00 20.33 ? 1914 ILE A CB  1 
ATOM   469  C CG1 . ILE A 1 59  ? 2.949   2.408   -2.337  1.00 18.51 ? 1914 ILE A CG1 1 
ATOM   470  C CG2 . ILE A 1 59  ? 2.379   0.993   -4.341  1.00 15.64 ? 1914 ILE A CG2 1 
ATOM   471  C CD1 . ILE A 1 59  ? 1.736   2.064   -1.514  1.00 15.28 ? 1914 ILE A CD1 1 
ATOM   472  N N   . ARG A 1 60  ? 2.957   3.763   -6.705  1.00 21.20 ? 1915 ARG A N   1 
ATOM   473  C CA  . ARG A 1 60  ? 2.795   3.756   -8.156  1.00 20.53 ? 1915 ARG A CA  1 
ATOM   474  C C   . ARG A 1 60  ? 4.123   3.989   -8.865  1.00 21.16 ? 1915 ARG A C   1 
ATOM   475  O O   . ARG A 1 60  ? 4.411   3.356   -9.889  1.00 22.23 ? 1915 ARG A O   1 
ATOM   476  C CB  . ARG A 1 60  ? 1.773   4.818   -8.565  1.00 22.28 ? 1915 ARG A CB  1 
ATOM   477  C CG  . ARG A 1 60  ? 1.649   5.006   -10.061 1.00 21.28 ? 1915 ARG A CG  1 
ATOM   478  C CD  . ARG A 1 60  ? 1.167   3.737   -10.720 1.00 20.68 ? 1915 ARG A CD  1 
ATOM   479  N NE  . ARG A 1 60  ? -0.239  3.469   -10.436 1.00 25.46 ? 1915 ARG A NE  1 
ATOM   480  C CZ  . ARG A 1 60  ? -0.881  2.371   -10.820 1.00 22.80 ? 1915 ARG A CZ  1 
ATOM   481  N NH1 . ARG A 1 60  ? -0.237  1.433   -11.496 1.00 21.39 ? 1915 ARG A NH1 1 
ATOM   482  N NH2 . ARG A 1 60  ? -2.162  2.210   -10.523 1.00 27.86 ? 1915 ARG A NH2 1 
ATOM   483  N N   . GLU A 1 61  ? 4.948   4.893   -8.338  1.00 22.81 ? 1916 GLU A N   1 
ATOM   484  C CA  . GLU A 1 61  ? 6.242   5.148   -8.961  1.00 26.72 ? 1916 GLU A CA  1 
ATOM   485  C C   . GLU A 1 61  ? 7.171   3.949   -8.816  1.00 24.24 ? 1916 GLU A C   1 
ATOM   486  O O   . GLU A 1 61  ? 7.852   3.566   -9.776  1.00 23.27 ? 1916 GLU A O   1 
ATOM   487  C CB  . GLU A 1 61  ? 6.883   6.397   -8.358  1.00 25.03 ? 1916 GLU A CB  1 
ATOM   488  C CG  . GLU A 1 61  ? 8.203   6.770   -9.005  1.00 30.85 ? 1916 GLU A CG  1 
ATOM   489  C CD  . GLU A 1 61  ? 8.060   7.100   -10.483 1.00 35.87 ? 1916 GLU A CD  1 
ATOM   490  O OE1 . GLU A 1 61  ? 7.018   7.671   -10.870 1.00 39.42 ? 1916 GLU A OE1 1 
ATOM   491  O OE2 . GLU A 1 61  ? 8.992   6.785   -11.257 1.00 35.13 ? 1916 GLU A OE2 1 
ATOM   492  N N   . LYS A 1 62  ? 7.210   3.344   -7.624  1.00 23.96 ? 1917 LYS A N   1 
ATOM   493  C CA  . LYS A 1 62  ? 8.037   2.160   -7.413  1.00 22.24 ? 1917 LYS A CA  1 
ATOM   494  C C   . LYS A 1 62  ? 7.559   0.982   -8.251  1.00 23.33 ? 1917 LYS A C   1 
ATOM   495  O O   . LYS A 1 62  ? 8.376   0.162   -8.684  1.00 22.72 ? 1917 LYS A O   1 
ATOM   496  C CB  . LYS A 1 62  ? 8.054   1.787   -5.929  1.00 18.52 ? 1917 LYS A CB  1 
ATOM   497  C CG  . LYS A 1 62  ? 8.781   2.790   -5.052  1.00 21.14 ? 1917 LYS A CG  1 
ATOM   498  C CD  . LYS A 1 62  ? 8.676   2.438   -3.577  1.00 23.72 ? 1917 LYS A CD  1 
ATOM   499  C CE  . LYS A 1 62  ? 9.368   1.122   -3.266  1.00 24.26 ? 1917 LYS A CE  1 
ATOM   500  N NZ  . LYS A 1 62  ? 9.305   0.818   -1.810  1.00 19.39 ? 1917 LYS A NZ  1 
ATOM   501  N N   . LEU A 1 63  ? 6.251   0.882   -8.495  1.00 22.28 ? 1918 LEU A N   1 
ATOM   502  C CA  . LEU A 1 63  ? 5.746   -0.217  -9.309  1.00 23.71 ? 1918 LEU A CA  1 
ATOM   503  C C   . LEU A 1 63  ? 6.054   0.011   -10.785 1.00 26.24 ? 1918 LEU A C   1 
ATOM   504  O O   . LEU A 1 63  ? 6.357   -0.940  -11.515 1.00 27.72 ? 1918 LEU A O   1 
ATOM   505  C CB  . LEU A 1 63  ? 4.243   -0.390  -9.087  1.00 24.67 ? 1918 LEU A CB  1 
ATOM   506  C CG  . LEU A 1 63  ? 3.619   -1.700  -9.580  1.00 25.28 ? 1918 LEU A CG  1 
ATOM   507  C CD1 . LEU A 1 63  ? 4.214   -2.891  -8.844  1.00 23.72 ? 1918 LEU A CD1 1 
ATOM   508  C CD2 . LEU A 1 63  ? 2.110   -1.678  -9.407  1.00 24.79 ? 1918 LEU A CD2 1 
ATOM   509  N N   . SER A 1 64  ? 5.995   1.264   -11.238 1.00 26.13 ? 1919 SER A N   1 
ATOM   510  C CA  . SER A 1 64  ? 6.244   1.578   -12.639 1.00 24.71 ? 1919 SER A CA  1 
ATOM   511  C C   . SER A 1 64  ? 7.726   1.565   -13.001 1.00 24.80 ? 1919 SER A C   1 
ATOM   512  O O   . SER A 1 64  ? 8.052   1.626   -14.189 1.00 24.88 ? 1919 SER A O   1 
ATOM   513  C CB  . SER A 1 64  ? 5.644   2.943   -12.985 1.00 24.53 ? 1919 SER A CB  1 
ATOM   514  O OG  . SER A 1 64  ? 4.231   2.923   -12.886 1.00 26.00 ? 1919 SER A OG  1 
ATOM   515  N N   . SER A 1 65  ? 8.628   1.477   -12.020 1.00 22.14 ? 1920 SER A N   1 
ATOM   516  C CA  . SER A 1 65  ? 10.065  1.490   -12.282 1.00 26.96 ? 1920 SER A CA  1 
ATOM   517  C C   . SER A 1 65  ? 10.767  0.235   -11.764 1.00 24.81 ? 1920 SER A C   1 
ATOM   518  O O   . SER A 1 65  ? 11.988  0.247   -11.580 1.00 22.66 ? 1920 SER A O   1 
ATOM   519  C CB  . SER A 1 65  ? 10.704  2.748   -11.685 1.00 23.73 ? 1920 SER A CB  1 
ATOM   520  O OG  . SER A 1 65  ? 10.464  2.834   -10.290 1.00 26.00 ? 1920 SER A OG  1 
ATOM   521  N N   . GLY A 1 66  ? 10.021  -0.842  -11.525 1.00 21.66 ? 1921 GLY A N   1 
ATOM   522  C CA  . GLY A 1 66  ? 10.607  -2.130  -11.174 1.00 21.36 ? 1921 GLY A CA  1 
ATOM   523  C C   . GLY A 1 66  ? 11.317  -2.168  -9.839  1.00 22.21 ? 1921 GLY A C   1 
ATOM   524  O O   . GLY A 1 66  ? 12.359  -2.822  -9.710  1.00 23.96 ? 1921 GLY A O   1 
ATOM   525  N N   . GLN A 1 67  ? 10.776  -1.482  -8.838  1.00 25.27 ? 1922 GLN A N   1 
ATOM   526  C CA  . GLN A 1 67  ? 11.385  -1.425  -7.519  1.00 26.84 ? 1922 GLN A CA  1 
ATOM   527  C C   . GLN A 1 67  ? 10.751  -2.392  -6.531  1.00 26.46 ? 1922 GLN A C   1 
ATOM   528  O O   . GLN A 1 67  ? 11.195  -2.463  -5.381  1.00 24.13 ? 1922 GLN A O   1 
ATOM   529  C CB  . GLN A 1 67  ? 11.321  0.005   -6.980  1.00 23.09 ? 1922 GLN A CB  1 
ATOM   530  C CG  . GLN A 1 67  ? 12.042  0.994   -7.880  1.00 23.21 ? 1922 GLN A CG  1 
ATOM   531  C CD  . GLN A 1 67  ? 12.205  2.348   -7.239  1.00 23.85 ? 1922 GLN A CD  1 
ATOM   532  O OE1 . GLN A 1 67  ? 12.702  2.460   -6.118  1.00 23.27 ? 1922 GLN A OE1 1 
ATOM   533  N NE2 . GLN A 1 67  ? 11.777  3.391   -7.942  1.00 25.52 ? 1922 GLN A NE2 1 
ATOM   534  N N   . TYR A 1 68  ? 9.736   -3.146  -6.945  1.00 23.55 ? 1923 TYR A N   1 
ATOM   535  C CA  . TYR A 1 68  ? 9.205   -4.204  -6.101  1.00 24.53 ? 1923 TYR A CA  1 
ATOM   536  C C   . TYR A 1 68  ? 9.686   -5.540  -6.641  1.00 29.12 ? 1923 TYR A C   1 
ATOM   537  O O   . TYR A 1 68  ? 9.323   -5.907  -7.769  1.00 30.27 ? 1923 TYR A O   1 
ATOM   538  C CB  . TYR A 1 68  ? 7.678   -4.162  -6.051  1.00 24.35 ? 1923 TYR A CB  1 
ATOM   539  C CG  . TYR A 1 68  ? 7.129   -2.958  -5.320  1.00 23.20 ? 1923 TYR A CG  1 
ATOM   540  C CD1 . TYR A 1 68  ? 7.422   -2.742  -3.981  1.00 21.18 ? 1923 TYR A CD1 1 
ATOM   541  C CD2 . TYR A 1 68  ? 6.314   -2.046  -5.968  1.00 22.13 ? 1923 TYR A CD2 1 
ATOM   542  C CE1 . TYR A 1 68  ? 6.926   -1.642  -3.311  1.00 20.88 ? 1923 TYR A CE1 1 
ATOM   543  C CE2 . TYR A 1 68  ? 5.810   -0.943  -5.309  1.00 19.67 ? 1923 TYR A CE2 1 
ATOM   544  C CZ  . TYR A 1 68  ? 6.119   -0.746  -3.980  1.00 20.01 ? 1923 TYR A CZ  1 
ATOM   545  O OH  . TYR A 1 68  ? 5.623   0.346   -3.318  1.00 18.10 ? 1923 TYR A OH  1 
ATOM   546  N N   . PRO A 1 69  ? 10.488  -6.300  -5.889  1.00 30.07 ? 1924 PRO A N   1 
ATOM   547  C CA  . PRO A 1 69  ? 10.972  -7.582  -6.426  1.00 28.42 ? 1924 PRO A CA  1 
ATOM   548  C C   . PRO A 1 69  ? 9.868   -8.611  -6.562  1.00 29.76 ? 1924 PRO A C   1 
ATOM   549  O O   . PRO A 1 69  ? 9.837   -9.357  -7.549  1.00 30.76 ? 1924 PRO A O   1 
ATOM   550  C CB  . PRO A 1 69  ? 12.035  -8.015  -5.404  1.00 34.36 ? 1924 PRO A CB  1 
ATOM   551  C CG  . PRO A 1 69  ? 12.307  -6.794  -4.561  1.00 34.05 ? 1924 PRO A CG  1 
ATOM   552  C CD  . PRO A 1 69  ? 11.033  -6.021  -4.554  1.00 26.16 ? 1924 PRO A CD  1 
ATOM   553  N N   . ASN A 1 70  ? 8.954   -8.668  -5.599  1.00 31.85 ? 1925 ASN A N   1 
ATOM   554  C CA  . ASN A 1 70  ? 7.823   -9.580  -5.646  1.00 32.53 ? 1925 ASN A CA  1 
ATOM   555  C C   . ASN A 1 70  ? 6.579   -8.852  -5.158  1.00 33.66 ? 1925 ASN A C   1 
ATOM   556  O O   . ASN A 1 70  ? 6.634   -7.705  -4.705  1.00 31.24 ? 1925 ASN A O   1 
ATOM   557  C CB  . ASN A 1 70  ? 8.071   -10.823 -4.794  1.00 32.94 ? 1925 ASN A CB  1 
ATOM   558  C CG  . ASN A 1 70  ? 8.622   -10.479 -3.435  1.00 30.62 ? 1925 ASN A CG  1 
ATOM   559  O OD1 . ASN A 1 70  ? 7.967   -9.804  -2.642  1.00 34.59 ? 1925 ASN A OD1 1 
ATOM   560  N ND2 . ASN A 1 70  ? 9.837   -10.931 -3.159  1.00 34.45 ? 1925 ASN A ND2 1 
ATOM   561  N N   . LEU A 1 71  ? 5.445   -9.547  -5.235  1.00 32.68 ? 1926 LEU A N   1 
ATOM   562  C CA  . LEU A 1 71  ? 4.187   -8.952  -4.811  1.00 30.99 ? 1926 LEU A CA  1 
ATOM   563  C C   . LEU A 1 71  ? 4.081   -8.834  -3.296  1.00 30.31 ? 1926 LEU A C   1 
ATOM   564  O O   . LEU A 1 71  ? 3.291   -8.019  -2.810  1.00 32.50 ? 1926 LEU A O   1 
ATOM   565  C CB  . LEU A 1 71  ? 3.010   -9.754  -5.372  1.00 32.62 ? 1926 LEU A CB  1 
ATOM   566  C CG  . LEU A 1 71  ? 2.604   -11.095 -4.759  1.00 34.61 ? 1926 LEU A CG  1 
ATOM   567  C CD1 . LEU A 1 71  ? 1.390   -11.615 -5.501  1.00 33.96 ? 1926 LEU A CD1 1 
ATOM   568  C CD2 . LEU A 1 71  ? 3.728   -12.131 -4.781  1.00 37.06 ? 1926 LEU A CD2 1 
ATOM   569  N N   . GLU A 1 72  ? 4.861   -9.609  -2.538  1.00 31.10 ? 1927 GLU A N   1 
ATOM   570  C CA  . GLU A 1 72  ? 4.838   -9.453  -1.087  1.00 31.34 ? 1927 GLU A CA  1 
ATOM   571  C C   . GLU A 1 72  ? 5.395   -8.098  -0.668  1.00 30.53 ? 1927 GLU A C   1 
ATOM   572  O O   . GLU A 1 72  ? 4.852   -7.452  0.234   1.00 30.42 ? 1927 GLU A O   1 
ATOM   573  C CB  . GLU A 1 72  ? 5.612   -10.585 -0.412  1.00 36.66 ? 1927 GLU A CB  1 
ATOM   574  C CG  . GLU A 1 72  ? 4.908   -11.936 -0.447  1.00 44.45 ? 1927 GLU A CG  1 
ATOM   575  C CD  . GLU A 1 72  ? 5.533   -12.897 -1.443  1.00 52.39 ? 1927 GLU A CD  1 
ATOM   576  O OE1 . GLU A 1 72  ? 6.392   -12.459 -2.238  1.00 49.72 ? 1927 GLU A OE1 1 
ATOM   577  O OE2 . GLU A 1 72  ? 5.169   -14.092 -1.427  1.00 61.57 ? 1927 GLU A OE2 1 
ATOM   578  N N   . THR A 1 73  ? 6.476   -7.644  -1.311  1.00 31.29 ? 1928 THR A N   1 
ATOM   579  C CA  . THR A 1 73  ? 7.005   -6.323  -0.988  1.00 28.25 ? 1928 THR A CA  1 
ATOM   580  C C   . THR A 1 73  ? 6.037   -5.220  -1.393  1.00 25.89 ? 1928 THR A C   1 
ATOM   581  O O   . THR A 1 73  ? 6.004   -4.164  -0.754  1.00 27.84 ? 1928 THR A O   1 
ATOM   582  C CB  . THR A 1 73  ? 8.362   -6.111  -1.660  1.00 31.67 ? 1928 THR A CB  1 
ATOM   583  O OG1 . THR A 1 73  ? 8.227   -6.248  -3.080  1.00 33.14 ? 1928 THR A OG1 1 
ATOM   584  C CG2 . THR A 1 73  ? 9.373   -7.129  -1.156  1.00 33.38 ? 1928 THR A CG2 1 
ATOM   585  N N   . PHE A 1 74  ? 5.241   -5.444  -2.440  1.00 25.52 ? 1929 PHE A N   1 
ATOM   586  C CA  . PHE A 1 74  ? 4.217   -4.472  -2.810  1.00 23.04 ? 1929 PHE A CA  1 
ATOM   587  C C   . PHE A 1 74  ? 3.163   -4.338  -1.715  1.00 24.53 ? 1929 PHE A C   1 
ATOM   588  O O   . PHE A 1 74  ? 2.806   -3.224  -1.315  1.00 24.22 ? 1929 PHE A O   1 
ATOM   589  C CB  . PHE A 1 74  ? 3.585   -4.871  -4.144  1.00 20.04 ? 1929 PHE A CB  1 
ATOM   590  C CG  . PHE A 1 74  ? 2.317   -4.129  -4.471  1.00 20.63 ? 1929 PHE A CG  1 
ATOM   591  C CD1 . PHE A 1 74  ? 2.357   -2.883  -5.075  1.00 17.84 ? 1929 PHE A CD1 1 
ATOM   592  C CD2 . PHE A 1 74  ? 1.082   -4.697  -4.201  1.00 19.94 ? 1929 PHE A CD2 1 
ATOM   593  C CE1 . PHE A 1 74  ? 1.188   -2.213  -5.387  1.00 17.68 ? 1929 PHE A CE1 1 
ATOM   594  C CE2 . PHE A 1 74  ? -0.089  -4.031  -4.508  1.00 18.44 ? 1929 PHE A CE2 1 
ATOM   595  C CZ  . PHE A 1 74  ? -0.036  -2.789  -5.101  1.00 19.22 ? 1929 PHE A CZ  1 
ATOM   596  N N   . ALA A 1 75  ? 2.655   -5.466  -1.208  1.00 23.36 ? 1930 ALA A N   1 
ATOM   597  C CA  . ALA A 1 75  ? 1.670   -5.404  -0.132  1.00 23.35 ? 1930 ALA A CA  1 
ATOM   598  C C   . ALA A 1 75  ? 2.265   -4.822  1.145   1.00 25.55 ? 1930 ALA A C   1 
ATOM   599  O O   . ALA A 1 75  ? 1.533   -4.264  1.974   1.00 24.27 ? 1930 ALA A O   1 
ATOM   600  C CB  . ALA A 1 75  ? 1.089   -6.791  0.141   1.00 22.22 ? 1930 ALA A CB  1 
ATOM   601  N N   . LEU A 1 76  ? 3.583   -4.942  1.328   1.00 25.91 ? 1931 LEU A N   1 
ATOM   602  C CA  . LEU A 1 76  ? 4.216   -4.333  2.494   1.00 29.04 ? 1931 LEU A CA  1 
ATOM   603  C C   . LEU A 1 76  ? 4.100   -2.815  2.451   1.00 24.62 ? 1931 LEU A C   1 
ATOM   604  O O   . LEU A 1 76  ? 3.798   -2.179  3.466   1.00 25.78 ? 1931 LEU A O   1 
ATOM   605  C CB  . LEU A 1 76  ? 5.683   -4.750  2.587   1.00 32.45 ? 1931 LEU A CB  1 
ATOM   606  C CG  . LEU A 1 76  ? 5.955   -6.151  3.134   1.00 33.52 ? 1931 LEU A CG  1 
ATOM   607  C CD1 . LEU A 1 76  ? 7.441   -6.340  3.377   1.00 32.42 ? 1931 LEU A CD1 1 
ATOM   608  C CD2 . LEU A 1 76  ? 5.167   -6.387  4.410   1.00 38.92 ? 1931 LEU A CD2 1 
ATOM   609  N N   . ASP A 1 77  ? 4.330   -2.217  1.282   1.00 25.87 ? 1932 ASP A N   1 
ATOM   610  C CA  . ASP A 1 77  ? 4.210   -0.767  1.158   1.00 22.62 ? 1932 ASP A CA  1 
ATOM   611  C C   . ASP A 1 77  ? 2.761   -0.316  1.278   1.00 22.14 ? 1932 ASP A C   1 
ATOM   612  O O   . ASP A 1 77  ? 2.486   0.746   1.853   1.00 21.71 ? 1932 ASP A O   1 
ATOM   613  C CB  . ASP A 1 77  ? 4.808   -0.298  -0.169  1.00 20.50 ? 1932 ASP A CB  1 
ATOM   614  C CG  . ASP A 1 77  ? 6.282   0.014   -0.059  1.00 23.07 ? 1932 ASP A CG  1 
ATOM   615  O OD1 . ASP A 1 77  ? 6.843   -0.165  1.045   1.00 25.24 ? 1932 ASP A OD1 1 
ATOM   616  O OD2 . ASP A 1 77  ? 6.875   0.448   -1.070  1.00 21.23 ? 1932 ASP A OD2 1 
ATOM   617  N N   . VAL A 1 78  ? 1.820   -1.096  0.735   1.00 19.48 ? 1933 VAL A N   1 
ATOM   618  C CA  . VAL A 1 78  ? 0.407   -0.751  0.876   1.00 17.68 ? 1933 VAL A CA  1 
ATOM   619  C C   . VAL A 1 78  ? 0.012   -0.757  2.346   1.00 21.06 ? 1933 VAL A C   1 
ATOM   620  O O   . VAL A 1 78  ? -0.612  0.187   2.848   1.00 18.64 ? 1933 VAL A O   1 
ATOM   621  C CB  . VAL A 1 78  ? -0.480  -1.708  0.056   1.00 17.13 ? 1933 VAL A CB  1 
ATOM   622  C CG1 . VAL A 1 78  ? -1.946  -1.365  0.270   1.00 14.67 ? 1933 VAL A CG1 1 
ATOM   623  C CG2 . VAL A 1 78  ? -0.131  -1.637  -1.420  1.00 18.11 ? 1933 VAL A CG2 1 
ATOM   624  N N   . ARG A 1 79  ? 0.375   -1.825  3.061   1.00 23.66 ? 1934 ARG A N   1 
ATOM   625  C CA  . ARG A 1 79  ? 0.028   -1.914  4.475   1.00 23.53 ? 1934 ARG A CA  1 
ATOM   626  C C   . ARG A 1 79  ? 0.767   -0.869  5.295   1.00 23.09 ? 1934 ARG A C   1 
ATOM   627  O O   . ARG A 1 79  ? 0.263   -0.426  6.332   1.00 24.03 ? 1934 ARG A O   1 
ATOM   628  C CB  . ARG A 1 79  ? 0.314   -3.323  4.997   1.00 25.11 ? 1934 ARG A CB  1 
ATOM   629  C CG  . ARG A 1 79  ? -0.721  -4.344  4.553   1.00 26.37 ? 1934 ARG A CG  1 
ATOM   630  C CD  . ARG A 1 79  ? -0.168  -5.760  4.533   1.00 27.32 ? 1934 ARG A CD  1 
ATOM   631  N NE  . ARG A 1 79  ? -1.102  -6.685  3.894   1.00 29.31 ? 1934 ARG A NE  1 
ATOM   632  C CZ  . ARG A 1 79  ? -0.794  -7.925  3.522   1.00 32.24 ? 1934 ARG A CZ  1 
ATOM   633  N NH1 . ARG A 1 79  ? 0.429   -8.401  3.723   1.00 32.78 ? 1934 ARG A NH1 1 
ATOM   634  N NH2 . ARG A 1 79  ? -1.711  -8.690  2.945   1.00 30.58 ? 1934 ARG A NH2 1 
ATOM   635  N N   . LEU A 1 80  ? 1.950   -0.454  4.836   1.00 22.98 ? 1935 LEU A N   1 
ATOM   636  C CA  . LEU A 1 80  ? 2.678   0.619   5.502   1.00 21.43 ? 1935 LEU A CA  1 
ATOM   637  C C   . LEU A 1 80  ? 1.889   1.921   5.477   1.00 21.39 ? 1935 LEU A C   1 
ATOM   638  O O   . LEU A 1 80  ? 1.939   2.706   6.432   1.00 23.03 ? 1935 LEU A O   1 
ATOM   639  C CB  . LEU A 1 80  ? 4.043   0.798   4.839   1.00 23.58 ? 1935 LEU A CB  1 
ATOM   640  C CG  . LEU A 1 80  ? 4.920   1.953   5.314   1.00 24.43 ? 1935 LEU A CG  1 
ATOM   641  C CD1 . LEU A 1 80  ? 5.148   1.854   6.810   1.00 24.41 ? 1935 LEU A CD1 1 
ATOM   642  C CD2 . LEU A 1 80  ? 6.243   1.954   4.564   1.00 22.04 ? 1935 LEU A CD2 1 
ATOM   643  N N   . VAL A 1 81  ? 1.159   2.172   4.388   1.00 19.14 ? 1936 VAL A N   1 
ATOM   644  C CA  . VAL A 1 81  ? 0.332   3.368   4.306   1.00 17.72 ? 1936 VAL A CA  1 
ATOM   645  C C   . VAL A 1 81  ? -0.700  3.377   5.426   1.00 21.77 ? 1936 VAL A C   1 
ATOM   646  O O   . VAL A 1 81  ? -0.911  4.398   6.089   1.00 21.62 ? 1936 VAL A O   1 
ATOM   647  C CB  . VAL A 1 81  ? -0.338  3.458   2.923   1.00 19.27 ? 1936 VAL A CB  1 
ATOM   648  C CG1 . VAL A 1 81  ? -1.339  4.610   2.885   1.00 19.76 ? 1936 VAL A CG1 1 
ATOM   649  C CG2 . VAL A 1 81  ? 0.707   3.617   1.828   1.00 18.55 ? 1936 VAL A CG2 1 
ATOM   650  N N   . PHE A 1 82  ? -1.338  2.233   5.670   1.00 17.88 ? 1937 PHE A N   1 
ATOM   651  C CA  . PHE A 1 82  ? -2.416  2.172   6.651   1.00 19.05 ? 1937 PHE A CA  1 
ATOM   652  C C   . PHE A 1 82  ? -1.890  1.998   8.069   1.00 21.42 ? 1937 PHE A C   1 
ATOM   653  O O   . PHE A 1 82  ? -2.537  2.446   9.022   1.00 24.06 ? 1937 PHE A O   1 
ATOM   654  C CB  . PHE A 1 82  ? -3.373  1.043   6.279   1.00 19.15 ? 1937 PHE A CB  1 
ATOM   655  C CG  . PHE A 1 82  ? -3.848  1.115   4.860   1.00 18.55 ? 1937 PHE A CG  1 
ATOM   656  C CD1 . PHE A 1 82  ? -4.272  2.320   4.326   1.00 17.48 ? 1937 PHE A CD1 1 
ATOM   657  C CD2 . PHE A 1 82  ? -3.835  -0.007  4.049   1.00 20.70 ? 1937 PHE A CD2 1 
ATOM   658  C CE1 . PHE A 1 82  ? -4.695  2.405   3.017   1.00 17.91 ? 1937 PHE A CE1 1 
ATOM   659  C CE2 . PHE A 1 82  ? -4.261  0.068   2.735   1.00 19.26 ? 1937 PHE A CE2 1 
ATOM   660  C CZ  . PHE A 1 82  ? -4.692  1.279   2.218   1.00 19.42 ? 1937 PHE A CZ  1 
ATOM   661  N N   . ASP A 1 83  ? -0.729  1.357   8.229   1.00 21.26 ? 1938 ASP A N   1 
ATOM   662  C CA  . ASP A 1 83  ? -0.085  1.309   9.536   1.00 21.83 ? 1938 ASP A CA  1 
ATOM   663  C C   . ASP A 1 83  ? 0.346   2.697   9.982   1.00 21.11 ? 1938 ASP A C   1 
ATOM   664  O O   . ASP A 1 83  ? 0.159   3.066   11.145  1.00 25.68 ? 1938 ASP A O   1 
ATOM   665  C CB  . ASP A 1 83  ? 1.114   0.365   9.497   1.00 21.56 ? 1938 ASP A CB  1 
ATOM   666  C CG  . ASP A 1 83  ? 0.706   -1.090  9.417   1.00 22.00 ? 1938 ASP A CG  1 
ATOM   667  O OD1 . ASP A 1 83  ? -0.494  -1.387  9.583   1.00 22.22 ? 1938 ASP A OD1 1 
ATOM   668  O OD2 . ASP A 1 83  ? 1.588   -1.942  9.184   1.00 25.62 ? 1938 ASP A OD2 1 
ATOM   669  N N   . ASN A 1 84  ? 0.927   3.481   9.072   1.00 22.67 ? 1939 ASN A N   1 
ATOM   670  C CA  . ASN A 1 84  ? 1.262   4.859   9.405   1.00 24.05 ? 1939 ASN A CA  1 
ATOM   671  C C   . ASN A 1 84  ? -0.026  5.564   9.798   1.00 26.30 ? 1939 ASN A C   1 
ATOM   672  O O   . ASN A 1 84  ? -0.098  6.196   10.857  1.00 26.47 ? 1939 ASN A O   1 
ATOM   673  C CB  . ASN A 1 84  ? 2.038   5.508   8.260   1.00 23.39 ? 1939 ASN A CB  1 
ATOM   674  C CG  . ASN A 1 84  ? 3.415   4.906   8.072   1.00 25.13 ? 1939 ASN A CG  1 
ATOM   675  O OD1 . ASN A 1 84  ? 3.975   4.306   8.990   1.00 29.80 ? 1939 ASN A OD1 1 
ATOM   676  N ND2 . ASN A 1 84  ? 3.973   5.069   6.880   1.00 18.52 ? 1939 ASN A ND2 1 
ATOM   677  N N   . CYS A 1 85  ? -1.060  5.466   8.959   1.00 23.17 ? 1940 CYS A N   1 
ATOM   678  C CA  . CYS A 1 85  ? -2.325  6.124   9.270   1.00 27.60 ? 1940 CYS A CA  1 
ATOM   679  C C   . CYS A 1 85  ? -2.851  5.852   10.675  1.00 27.27 ? 1940 CYS A C   1 
ATOM   680  O O   . CYS A 1 85  ? -3.271  6.777   11.378  1.00 29.51 ? 1940 CYS A O   1 
ATOM   681  C CB  . CYS A 1 85  ? -3.377  5.768   8.222   1.00 22.60 ? 1940 CYS A CB  1 
ATOM   682  S SG  . CYS A 1 85  ? -4.887  6.758   8.333   1.00 23.79 ? 1940 CYS A SG  1 
ATOM   683  N N   . GLU A 1 86  ? -2.826  4.587   11.101  1.00 27.80 ? 1941 GLU A N   1 
ATOM   684  C CA  . GLU A 1 86  ? -3.291  4.252   12.443  1.00 26.80 ? 1941 GLU A CA  1 
ATOM   685  C C   . GLU A 1 86  ? -2.396  4.874   13.506  1.00 30.57 ? 1941 GLU A C   1 
ATOM   686  O O   . GLU A 1 86  ? -2.881  5.330   14.546  1.00 37.04 ? 1941 GLU A O   1 
ATOM   687  C CB  . GLU A 1 86  ? -3.347  2.736   12.620  1.00 26.59 ? 1941 GLU A CB  1 
ATOM   688  C CG  . GLU A 1 86  ? -4.683  2.107   12.291  1.00 30.21 ? 1941 GLU A CG  1 
ATOM   689  C CD  . GLU A 1 86  ? -4.770  0.671   12.773  1.00 35.04 ? 1941 GLU A CD  1 
ATOM   690  O OE1 . GLU A 1 86  ? -4.223  -0.224  12.093  1.00 34.89 ? 1941 GLU A OE1 1 
ATOM   691  O OE2 . GLU A 1 86  ? -5.369  0.440   13.843  1.00 37.18 ? 1941 GLU A OE2 1 
ATOM   692  N N   . THR A 1 87  ? -1.084  4.892   13.258  1.00 26.73 ? 1942 THR A N   1 
ATOM   693  C CA  . THR A 1 87  ? -0.140  5.461   14.215  1.00 30.01 ? 1942 THR A CA  1 
ATOM   694  C C   . THR A 1 87  ? -0.410  6.941   14.448  1.00 29.91 ? 1942 THR A C   1 
ATOM   695  O O   . THR A 1 87  ? -0.312  7.427   15.580  1.00 31.52 ? 1942 THR A O   1 
ATOM   696  C CB  . THR A 1 87  ? 1.291   5.249   13.713  1.00 28.41 ? 1942 THR A CB  1 
ATOM   697  O OG1 . THR A 1 87  ? 1.627   3.858   13.788  1.00 33.00 ? 1942 THR A OG1 1 
ATOM   698  C CG2 . THR A 1 87  ? 2.293   6.058   14.534  1.00 29.35 ? 1942 THR A CG2 1 
ATOM   699  N N   . PHE A 1 88  ? -0.770  7.671   13.395  1.00 29.23 ? 1943 PHE A N   1 
ATOM   700  C CA  . PHE A 1 88  ? -0.832  9.121   13.470  1.00 31.05 ? 1943 PHE A CA  1 
ATOM   701  C C   . PHE A 1 88  ? -2.237  9.668   13.685  1.00 30.93 ? 1943 PHE A C   1 
ATOM   702  O O   . PHE A 1 88  ? -2.371  10.773  14.216  1.00 31.21 ? 1943 PHE A O   1 
ATOM   703  C CB  . PHE A 1 88  ? -0.232  9.735   12.196  1.00 30.46 ? 1943 PHE A CB  1 
ATOM   704  C CG  . PHE A 1 88  ? 0.284   11.140  12.374  1.00 32.37 ? 1943 PHE A CG  1 
ATOM   705  C CD1 . PHE A 1 88  ? 1.524   11.373  12.952  1.00 32.48 ? 1943 PHE A CD1 1 
ATOM   706  C CD2 . PHE A 1 88  ? -0.460  12.227  11.942  1.00 32.75 ? 1943 PHE A CD2 1 
ATOM   707  C CE1 . PHE A 1 88  ? 2.002   12.664  13.107  1.00 32.09 ? 1943 PHE A CE1 1 
ATOM   708  C CE2 . PHE A 1 88  ? 0.014   13.519  12.088  1.00 30.33 ? 1943 PHE A CE2 1 
ATOM   709  C CZ  . PHE A 1 88  ? 1.245   13.738  12.674  1.00 32.69 ? 1943 PHE A CZ  1 
ATOM   710  N N   . ASN A 1 89  ? -3.284  8.936   13.311  1.00 29.39 ? 1944 ASN A N   1 
ATOM   711  C CA  . ASN A 1 89  ? -4.639  9.467   13.348  1.00 30.27 ? 1944 ASN A CA  1 
ATOM   712  C C   . ASN A 1 89  ? -5.515  8.701   14.333  1.00 34.06 ? 1944 ASN A C   1 
ATOM   713  O O   . ASN A 1 89  ? -5.290  7.517   14.606  1.00 30.64 ? 1944 ASN A O   1 
ATOM   714  C CB  . ASN A 1 89  ? -5.286  9.429   11.957  1.00 30.11 ? 1944 ASN A CB  1 
ATOM   715  C CG  . ASN A 1 89  ? -4.551  10.290  10.948  1.00 35.70 ? 1944 ASN A CG  1 
ATOM   716  O OD1 . ASN A 1 89  ? -4.795  11.493  10.850  1.00 34.35 ? 1944 ASN A OD1 1 
ATOM   717  N ND2 . ASN A 1 89  ? -3.654  9.676   10.184  1.00 29.11 ? 1944 ASN A ND2 1 
ATOM   718  N N   . GLU A 1 90  ? -6.515  9.399   14.868  1.00 34.78 ? 1945 GLU A N   1 
ATOM   719  C CA  . GLU A 1 90  ? -7.565  8.766   15.655  1.00 35.26 ? 1945 GLU A CA  1 
ATOM   720  C C   . GLU A 1 90  ? -8.443  7.898   14.761  1.00 34.19 ? 1945 GLU A C   1 
ATOM   721  O O   . GLU A 1 90  ? -8.701  8.231   13.602  1.00 28.26 ? 1945 GLU A O   1 
ATOM   722  C CB  . GLU A 1 90  ? -8.430  9.820   16.346  1.00 39.36 ? 1945 GLU A CB  1 
ATOM   723  C CG  . GLU A 1 90  ? -7.740  10.612  17.441  1.00 39.52 ? 1945 GLU A CG  1 
ATOM   724  C CD  . GLU A 1 90  ? -7.604  9.821   18.724  1.00 46.15 ? 1945 GLU A CD  1 
ATOM   725  O OE1 . GLU A 1 90  ? -8.308  8.799   18.874  1.00 49.59 ? 1945 GLU A OE1 1 
ATOM   726  O OE2 . GLU A 1 90  ? -6.789  10.219  19.581  1.00 52.37 ? 1945 GLU A OE2 1 
ATOM   727  N N   . ASP A 1 91  ? -8.924  6.783   15.320  1.00 35.24 ? 1946 ASP A N   1 
ATOM   728  C CA  . ASP A 1 91  ? -9.747  5.867   14.533  1.00 34.57 ? 1946 ASP A CA  1 
ATOM   729  C C   . ASP A 1 91  ? -11.018 6.532   14.021  1.00 37.65 ? 1946 ASP A C   1 
ATOM   730  O O   . ASP A 1 91  ? -11.490 6.203   12.926  1.00 45.80 ? 1946 ASP A O   1 
ATOM   731  C CB  . ASP A 1 91  ? -10.106 4.628   15.351  1.00 29.20 ? 1946 ASP A CB  1 
ATOM   732  C CG  . ASP A 1 91  ? -8.899  3.782   15.673  1.00 34.20 ? 1946 ASP A CG  1 
ATOM   733  O OD1 . ASP A 1 91  ? -7.884  3.900   14.955  1.00 31.18 ? 1946 ASP A OD1 1 
ATOM   734  O OD2 . ASP A 1 91  ? -8.958  3.000   16.645  1.00 39.58 ? 1946 ASP A OD2 1 
ATOM   735  N N   . ASP A 1 92  ? -11.586 7.464   14.782  1.00 36.11 ? 1947 ASP A N   1 
ATOM   736  C CA  . ASP A 1 92  ? -12.848 8.083   14.407  1.00 37.47 ? 1947 ASP A CA  1 
ATOM   737  C C   . ASP A 1 92  ? -12.673 9.462   13.790  1.00 40.57 ? 1947 ASP A C   1 
ATOM   738  O O   . ASP A 1 92  ? -13.652 10.204  13.668  1.00 46.32 ? 1947 ASP A O   1 
ATOM   739  C CB  . ASP A 1 92  ? -13.780 8.144   15.616  1.00 45.37 ? 1947 ASP A CB  1 
ATOM   740  C CG  . ASP A 1 92  ? -14.139 6.766   16.132  1.00 51.31 ? 1947 ASP A CG  1 
ATOM   741  O OD1 . ASP A 1 92  ? -13.727 6.423   17.260  1.00 55.75 ? 1947 ASP A OD1 1 
ATOM   742  O OD2 . ASP A 1 92  ? -14.807 6.010   15.393  1.00 51.60 ? 1947 ASP A OD2 1 
ATOM   743  N N   . SER A 1 93  ? -11.454 9.827   13.412  1.00 37.97 ? 1948 SER A N   1 
ATOM   744  C CA  . SER A 1 93  ? -11.269 10.965  12.532  1.00 34.21 ? 1948 SER A CA  1 
ATOM   745  C C   . SER A 1 93  ? -11.595 10.559  11.099  1.00 34.63 ? 1948 SER A C   1 
ATOM   746  O O   . SER A 1 93  ? -11.678 9.374   10.767  1.00 34.37 ? 1948 SER A O   1 
ATOM   747  C CB  . SER A 1 93  ? -9.839  11.491  12.616  1.00 34.68 ? 1948 SER A CB  1 
ATOM   748  O OG  . SER A 1 93  ? -8.909  10.449  12.406  1.00 33.76 ? 1948 SER A OG  1 
ATOM   749  N N   . ASP A 1 94  ? -11.798 11.563  10.247  1.00 34.84 ? 1949 ASP A N   1 
ATOM   750  C CA  . ASP A 1 94  ? -12.050 11.275  8.840   1.00 38.53 ? 1949 ASP A CA  1 
ATOM   751  C C   . ASP A 1 94  ? -10.879 10.528  8.211   1.00 34.37 ? 1949 ASP A C   1 
ATOM   752  O O   . ASP A 1 94  ? -11.079 9.557   7.472   1.00 30.46 ? 1949 ASP A O   1 
ATOM   753  C CB  . ASP A 1 94  ? -12.342 12.569  8.080   1.00 38.44 ? 1949 ASP A CB  1 
ATOM   754  C CG  . ASP A 1 94  ? -13.669 13.177  8.466   1.00 40.94 ? 1949 ASP A CG  1 
ATOM   755  O OD1 . ASP A 1 94  ? -14.666 12.427  8.523   1.00 41.28 ? 1949 ASP A OD1 1 
ATOM   756  O OD2 . ASP A 1 94  ? -13.716 14.397  8.730   1.00 45.92 ? 1949 ASP A OD2 1 
ATOM   757  N N   . ILE A 1 95  ? -9.648  10.951  8.506   1.00 30.72 ? 1950 ILE A N   1 
ATOM   758  C CA  . ILE A 1 95  ? -8.488  10.285  7.924   1.00 34.12 ? 1950 ILE A CA  1 
ATOM   759  C C   . ILE A 1 95  ? -8.284  8.916   8.560   1.00 31.74 ? 1950 ILE A C   1 
ATOM   760  O O   . ILE A 1 95  ? -7.944  7.942   7.877   1.00 29.68 ? 1950 ILE A O   1 
ATOM   761  C CB  . ILE A 1 95  ? -7.234  11.167  8.065   1.00 34.62 ? 1950 ILE A CB  1 
ATOM   762  C CG1 . ILE A 1 95  ? -7.381  12.444  7.237   1.00 35.31 ? 1950 ILE A CG1 1 
ATOM   763  C CG2 . ILE A 1 95  ? -5.994  10.403  7.641   1.00 31.48 ? 1950 ILE A CG2 1 
ATOM   764  C CD1 . ILE A 1 95  ? -6.217  13.397  7.403   1.00 43.42 ? 1950 ILE A CD1 1 
ATOM   765  N N   . GLY A 1 96  ? -8.494  8.815   9.872   1.00 28.77 ? 1951 GLY A N   1 
ATOM   766  C CA  . GLY A 1 96  ? -8.341  7.531   10.531  1.00 31.27 ? 1951 GLY A CA  1 
ATOM   767  C C   . GLY A 1 96  ? -9.351  6.508   10.047  1.00 29.31 ? 1951 GLY A C   1 
ATOM   768  O O   . GLY A 1 96  ? -9.026  5.330   9.879   1.00 26.27 ? 1951 GLY A O   1 
ATOM   769  N N   . ARG A 1 97  ? -10.588 6.944   9.806   1.00 28.24 ? 1952 ARG A N   1 
ATOM   770  C CA  . ARG A 1 97  ? -11.598 6.013   9.319   1.00 31.64 ? 1952 ARG A CA  1 
ATOM   771  C C   . ARG A 1 97  ? -11.345 5.647   7.863   1.00 27.80 ? 1952 ARG A C   1 
ATOM   772  O O   . ARG A 1 97  ? -11.558 4.497   7.463   1.00 25.54 ? 1952 ARG A O   1 
ATOM   773  C CB  . ARG A 1 97  ? -12.997 6.605   9.495   1.00 31.91 ? 1952 ARG A CB  1 
ATOM   774  C CG  . ARG A 1 97  ? -14.134 5.662   9.093   1.00 36.00 ? 1952 ARG A CG  1 
ATOM   775  C CD  . ARG A 1 97  ? -13.988 4.277   9.718   1.00 33.36 ? 1952 ARG A CD  1 
ATOM   776  N NE  . ARG A 1 97  ? -13.837 4.344   11.168  1.00 42.19 ? 1952 ARG A NE  1 
ATOM   777  C CZ  . ARG A 1 97  ? -13.653 3.284   11.950  1.00 43.65 ? 1952 ARG A CZ  1 
ATOM   778  N NH1 . ARG A 1 97  ? -13.520 3.443   13.262  1.00 40.15 ? 1952 ARG A NH1 1 
ATOM   779  N NH2 . ARG A 1 97  ? -13.602 2.068   11.420  1.00 38.10 ? 1952 ARG A NH2 1 
ATOM   780  N N   . ALA A 1 98  ? -10.887 6.609   7.057   1.00 28.90 ? 1953 ALA A N   1 
ATOM   781  C CA  . ALA A 1 98  ? -10.543 6.313   5.671   1.00 26.89 ? 1953 ALA A CA  1 
ATOM   782  C C   . ALA A 1 98  ? -9.468  5.239   5.592   1.00 24.80 ? 1953 ALA A C   1 
ATOM   783  O O   . ALA A 1 98  ? -9.517  4.366   4.718   1.00 27.34 ? 1953 ALA A O   1 
ATOM   784  C CB  . ALA A 1 98  ? -10.085 7.585   4.956   1.00 25.03 ? 1953 ALA A CB  1 
ATOM   785  N N   . GLY A 1 99  ? -8.497  5.277   6.506   1.00 21.15 ? 1954 GLY A N   1 
ATOM   786  C CA  . GLY A 1 99  ? -7.450  4.269   6.493   1.00 20.55 ? 1954 GLY A CA  1 
ATOM   787  C C   . GLY A 1 99  ? -7.976  2.878   6.789   1.00 23.56 ? 1954 GLY A C   1 
ATOM   788  O O   . GLY A 1 99  ? -7.606  1.909   6.119   1.00 19.41 ? 1954 GLY A O   1 
ATOM   789  N N   . HIS A 1 100 ? -8.841  2.760   7.798   1.00 21.67 ? 1955 HIS A N   1 
ATOM   790  C CA  . HIS A 1 100 ? -9.453  1.471   8.106   1.00 21.15 ? 1955 HIS A CA  1 
ATOM   791  C C   . HIS A 1 100 ? -10.290 0.968   6.938   1.00 22.44 ? 1955 HIS A C   1 
ATOM   792  O O   . HIS A 1 100 ? -10.218 -0.213  6.578   1.00 21.05 ? 1955 HIS A O   1 
ATOM   793  C CB  . HIS A 1 100 ? -10.305 1.582   9.369   1.00 24.93 ? 1955 HIS A CB  1 
ATOM   794  C CG  . HIS A 1 100 ? -9.507  1.725   10.630  1.00 27.99 ? 1955 HIS A CG  1 
ATOM   795  N ND1 . HIS A 1 100 ? -8.556  0.805   11.016  1.00 30.63 ? 1955 HIS A ND1 1 
ATOM   796  C CD2 . HIS A 1 100 ? -9.521  2.675   11.596  1.00 26.78 ? 1955 HIS A CD2 1 
ATOM   797  C CE1 . HIS A 1 100 ? -8.017  1.182   12.162  1.00 28.18 ? 1955 HIS A CE1 1 
ATOM   798  N NE2 . HIS A 1 100 ? -8.585  2.313   12.535  1.00 26.55 ? 1955 HIS A NE2 1 
ATOM   799  N N   . ASN A 1 101 ? -11.075 1.856   6.324   1.00 18.87 ? 1956 ASN A N   1 
ATOM   800  C CA  . ASN A 1 101 ? -11.848 1.479   5.148   1.00 20.23 ? 1956 ASN A CA  1 
ATOM   801  C C   . ASN A 1 101 ? -10.934 1.042   4.010   1.00 20.68 ? 1956 ASN A C   1 
ATOM   802  O O   . ASN A 1 101 ? -11.157 -0.002  3.389   1.00 20.28 ? 1956 ASN A O   1 
ATOM   803  C CB  . ASN A 1 101 ? -12.727 2.647   4.705   1.00 22.73 ? 1956 ASN A CB  1 
ATOM   804  C CG  . ASN A 1 101 ? -13.901 2.884   5.625   1.00 23.66 ? 1956 ASN A CG  1 
ATOM   805  O OD1 . ASN A 1 101 ? -14.064 2.213   6.649   1.00 21.35 ? 1956 ASN A OD1 1 
ATOM   806  N ND2 . ASN A 1 101 ? -14.733 3.852   5.267   1.00 22.82 ? 1956 ASN A ND2 1 
ATOM   807  N N   . MET A 1 102 ? -9.893  1.832   3.724   1.00 20.45 ? 1957 MET A N   1 
ATOM   808  C CA  . MET A 1 102 ? -9.003  1.513   2.611   1.00 17.98 ? 1957 MET A CA  1 
ATOM   809  C C   . MET A 1 102 ? -8.213  0.239   2.868   1.00 17.01 ? 1957 MET A C   1 
ATOM   810  O O   . MET A 1 102 ? -7.878  -0.477  1.919   1.00 18.77 ? 1957 MET A O   1 
ATOM   811  C CB  . MET A 1 102 ? -8.045  2.674   2.345   1.00 19.03 ? 1957 MET A CB  1 
ATOM   812  C CG  . MET A 1 102 ? -8.687  3.905   1.731   1.00 22.63 ? 1957 MET A CG  1 
ATOM   813  S SD  . MET A 1 102 ? -9.442  3.606   0.125   1.00 33.29 ? 1957 MET A SD  1 
ATOM   814  C CE  . MET A 1 102 ? -8.035  3.018   -0.813  1.00 26.40 ? 1957 MET A CE  1 
ATOM   815  N N   . ARG A 1 103 ? -7.901  -0.060  4.130   1.00 19.01 ? 1958 ARG A N   1 
ATOM   816  C CA  . ARG A 1 103 ? -7.180  -1.293  4.429   1.00 20.22 ? 1958 ARG A CA  1 
ATOM   817  C C   . ARG A 1 103 ? -8.052  -2.516  4.173   1.00 20.40 ? 1958 ARG A C   1 
ATOM   818  O O   . ARG A 1 103 ? -7.629  -3.463  3.504   1.00 20.99 ? 1958 ARG A O   1 
ATOM   819  C CB  . ARG A 1 103 ? -6.692  -1.290  5.875   1.00 21.12 ? 1958 ARG A CB  1 
ATOM   820  C CG  . ARG A 1 103 ? -5.875  -2.520  6.216   1.00 23.43 ? 1958 ARG A CG  1 
ATOM   821  C CD  . ARG A 1 103 ? -5.810  -2.753  7.706   1.00 21.30 ? 1958 ARG A CD  1 
ATOM   822  N NE  . ARG A 1 103 ? -5.085  -1.692  8.393   1.00 23.90 ? 1958 ARG A NE  1 
ATOM   823  C CZ  . ARG A 1 103 ? -3.762  -1.652  8.527   1.00 28.13 ? 1958 ARG A CZ  1 
ATOM   824  N NH1 . ARG A 1 103 ? -3.005  -2.615  8.013   1.00 24.98 ? 1958 ARG A NH1 1 
ATOM   825  N NH2 . ARG A 1 103 ? -3.197  -0.645  9.177   1.00 23.17 ? 1958 ARG A NH2 1 
ATOM   826  N N   . LYS A 1 104 ? -9.270  -2.517  4.719   1.00 18.66 ? 1959 LYS A N   1 
ATOM   827  C CA  . LYS A 1 104 ? -10.199 -3.611  4.459   1.00 21.27 ? 1959 LYS A CA  1 
ATOM   828  C C   . LYS A 1 104 ? -10.466 -3.754  2.969   1.00 21.94 ? 1959 LYS A C   1 
ATOM   829  O O   . LYS A 1 104 ? -10.509 -4.872  2.440   1.00 24.39 ? 1959 LYS A O   1 
ATOM   830  C CB  . LYS A 1 104 ? -11.502 -3.377  5.227   1.00 21.73 ? 1959 LYS A CB  1 
ATOM   831  C CG  . LYS A 1 104 ? -12.655 -4.265  4.796   1.00 26.68 ? 1959 LYS A CG  1 
ATOM   832  C CD  . LYS A 1 104 ? -12.430 -5.717  5.180   1.00 30.84 ? 1959 LYS A CD  1 
ATOM   833  C CE  . LYS A 1 104 ? -12.762 -5.969  6.640   1.00 28.73 ? 1959 LYS A CE  1 
ATOM   834  N NZ  . LYS A 1 104 ? -12.914 -7.427  6.911   1.00 41.92 ? 1959 LYS A NZ  1 
ATOM   835  N N   . TYR A 1 105 ? -10.635 -2.625  2.276   1.00 19.28 ? 1960 TYR A N   1 
ATOM   836  C CA  . TYR A 1 105 ? -10.813 -2.654  0.831   1.00 18.13 ? 1960 TYR A CA  1 
ATOM   837  C C   . TYR A 1 105 ? -9.632  -3.334  0.147   1.00 23.26 ? 1960 TYR A C   1 
ATOM   838  O O   . TYR A 1 105 ? -9.820  -4.132  -0.779  1.00 22.47 ? 1960 TYR A O   1 
ATOM   839  C CB  . TYR A 1 105 ? -11.011 -1.227  0.318   1.00 19.36 ? 1960 TYR A CB  1 
ATOM   840  C CG  . TYR A 1 105 ? -11.395 -1.124  -1.140  1.00 23.49 ? 1960 TYR A CG  1 
ATOM   841  C CD1 . TYR A 1 105 ? -12.671 -1.469  -1.571  1.00 25.00 ? 1960 TYR A CD1 1 
ATOM   842  C CD2 . TYR A 1 105 ? -10.488 -0.667  -2.084  1.00 25.67 ? 1960 TYR A CD2 1 
ATOM   843  C CE1 . TYR A 1 105 ? -13.028 -1.372  -2.903  1.00 25.65 ? 1960 TYR A CE1 1 
ATOM   844  C CE2 . TYR A 1 105 ? -10.834 -0.568  -3.416  1.00 29.99 ? 1960 TYR A CE2 1 
ATOM   845  C CZ  . TYR A 1 105 ? -12.103 -0.920  -3.820  1.00 29.46 ? 1960 TYR A CZ  1 
ATOM   846  O OH  . TYR A 1 105 ? -12.443 -0.818  -5.147  1.00 32.63 ? 1960 TYR A OH  1 
ATOM   847  N N   . PHE A 1 106 ? -8.406  -3.060  0.608   1.00 20.20 ? 1961 PHE A N   1 
ATOM   848  C CA  . PHE A 1 106 ? -7.230  -3.668  -0.008  1.00 20.18 ? 1961 PHE A CA  1 
ATOM   849  C C   . PHE A 1 106 ? -7.174  -5.166  0.252   1.00 24.39 ? 1961 PHE A C   1 
ATOM   850  O O   . PHE A 1 106 ? -6.964  -5.958  -0.674  1.00 23.08 ? 1961 PHE A O   1 
ATOM   851  C CB  . PHE A 1 106 ? -5.948  -3.012  0.503   1.00 19.14 ? 1961 PHE A CB  1 
ATOM   852  C CG  . PHE A 1 106 ? -4.694  -3.781  0.155   1.00 21.76 ? 1961 PHE A CG  1 
ATOM   853  C CD1 . PHE A 1 106 ? -4.235  -3.831  -1.154  1.00 21.05 ? 1961 PHE A CD1 1 
ATOM   854  C CD2 . PHE A 1 106 ? -3.980  -4.459  1.132   1.00 22.05 ? 1961 PHE A CD2 1 
ATOM   855  C CE1 . PHE A 1 106 ? -3.083  -4.536  -1.480  1.00 21.24 ? 1961 PHE A CE1 1 
ATOM   856  C CE2 . PHE A 1 106 ? -2.828  -5.165  0.812   1.00 22.86 ? 1961 PHE A CE2 1 
ATOM   857  C CZ  . PHE A 1 106 ? -2.380  -5.203  -0.494  1.00 20.72 ? 1961 PHE A CZ  1 
ATOM   858  N N   . GLU A 1 107 ? -7.343  -5.575  1.515   1.00 24.44 ? 1962 GLU A N   1 
ATOM   859  C CA  . GLU A 1 107 ? -7.088  -6.966  1.871   1.00 25.08 ? 1962 GLU A CA  1 
ATOM   860  C C   . GLU A 1 107 ? -8.060  -7.912  1.184   1.00 27.45 ? 1962 GLU A C   1 
ATOM   861  O O   . GLU A 1 107 ? -7.695  -9.049  0.868   1.00 27.93 ? 1962 GLU A O   1 
ATOM   862  C CB  . GLU A 1 107 ? -7.143  -7.140  3.388   1.00 23.51 ? 1962 GLU A CB  1 
ATOM   863  C CG  . GLU A 1 107 ? -6.178  -6.239  4.165   1.00 25.79 ? 1962 GLU A CG  1 
ATOM   864  C CD  . GLU A 1 107 ? -4.706  -6.538  3.903   1.00 33.30 ? 1962 GLU A CD  1 
ATOM   865  O OE1 . GLU A 1 107 ? -4.397  -7.567  3.262   1.00 33.93 ? 1962 GLU A OE1 1 
ATOM   866  O OE2 . GLU A 1 107 ? -3.855  -5.738  4.350   1.00 31.13 ? 1962 GLU A OE2 1 
ATOM   867  N N   . LYS A 1 108 ? -9.294  -7.467  0.930   1.00 27.19 ? 1963 LYS A N   1 
ATOM   868  C CA  . LYS A 1 108 ? -10.216 -8.320  0.192   1.00 27.64 ? 1963 LYS A CA  1 
ATOM   869  C C   . LYS A 1 108 ? -9.795  -8.454  -1.265  1.00 29.45 ? 1963 LYS A C   1 
ATOM   870  O O   . LYS A 1 108 ? -9.851  -9.553  -1.830  1.00 29.69 ? 1963 LYS A O   1 
ATOM   871  C CB  . LYS A 1 108 ? -11.644 -7.787  0.281   1.00 28.37 ? 1963 LYS A CB  1 
ATOM   872  C CG  . LYS A 1 108 ? -12.636 -8.708  -0.417  1.00 35.15 ? 1963 LYS A CG  1 
ATOM   873  C CD  . LYS A 1 108 ? -14.013 -8.094  -0.556  1.00 38.76 ? 1963 LYS A CD  1 
ATOM   874  C CE  . LYS A 1 108 ? -14.924 -9.018  -1.349  1.00 46.20 ? 1963 LYS A CE  1 
ATOM   875  N NZ  . LYS A 1 108 ? -14.808 -10.432 -0.879  1.00 47.54 ? 1963 LYS A NZ  1 
ATOM   876  N N   . LYS A 1 109 ? -9.379  -7.354  -1.897  1.00 28.05 ? 1964 LYS A N   1 
ATOM   877  C CA  . LYS A 1 109 ? -8.916  -7.456  -3.277  1.00 29.91 ? 1964 LYS A CA  1 
ATOM   878  C C   . LYS A 1 109 ? -7.641  -8.277  -3.364  1.00 26.95 ? 1964 LYS A C   1 
ATOM   879  O O   . LYS A 1 109 ? -7.407  -8.957  -4.367  1.00 31.32 ? 1964 LYS A O   1 
ATOM   880  C CB  . LYS A 1 109 ? -8.695  -6.067  -3.884  1.00 30.05 ? 1964 LYS A CB  1 
ATOM   881  C CG  . LYS A 1 109 ? -9.874  -5.112  -3.737  1.00 35.47 ? 1964 LYS A CG  1 
ATOM   882  C CD  . LYS A 1 109 ? -10.026 -4.217  -4.957  1.00 39.81 ? 1964 LYS A CD  1 
ATOM   883  C CE  . LYS A 1 109 ? -10.985 -4.835  -5.964  1.00 38.12 ? 1964 LYS A CE  1 
ATOM   884  N NZ  . LYS A 1 109 ? -12.390 -4.899  -5.465  1.00 43.94 ? 1964 LYS A NZ  1 
ATOM   885  N N   . TRP A 1 110 ? -6.815  -8.238  -2.318  1.00 27.48 ? 1965 TRP A N   1 
ATOM   886  C CA  . TRP A 1 110 ? -5.615  -9.064  -2.279  1.00 28.45 ? 1965 TRP A CA  1 
ATOM   887  C C   . TRP A 1 110 ? -5.973  -10.545 -2.224  1.00 33.62 ? 1965 TRP A C   1 
ATOM   888  O O   . TRP A 1 110 ? -5.401  -11.362 -2.955  1.00 32.19 ? 1965 TRP A O   1 
ATOM   889  C CB  . TRP A 1 110 ? -4.759  -8.667  -1.078  1.00 24.39 ? 1965 TRP A CB  1 
ATOM   890  C CG  . TRP A 1 110 ? -3.366  -9.182  -1.140  1.00 26.36 ? 1965 TRP A CG  1 
ATOM   891  C CD1 . TRP A 1 110 ? -2.825  -10.166 -0.372  1.00 31.03 ? 1965 TRP A CD1 1 
ATOM   892  C CD2 . TRP A 1 110 ? -2.328  -8.741  -2.020  1.00 23.55 ? 1965 TRP A CD2 1 
ATOM   893  N NE1 . TRP A 1 110 ? -1.509  -10.365 -0.715  1.00 33.38 ? 1965 TRP A NE1 1 
ATOM   894  C CE2 . TRP A 1 110 ? -1.180  -9.502  -1.726  1.00 26.60 ? 1965 TRP A CE2 1 
ATOM   895  C CE3 . TRP A 1 110 ? -2.255  -7.773  -3.026  1.00 24.72 ? 1965 TRP A CE3 1 
ATOM   896  C CZ2 . TRP A 1 110 ? 0.023   -9.329  -2.401  1.00 22.97 ? 1965 TRP A CZ2 1 
ATOM   897  C CZ3 . TRP A 1 110 ? -1.057  -7.603  -3.695  1.00 25.63 ? 1965 TRP A CZ3 1 
ATOM   898  C CH2 . TRP A 1 110 ? 0.066   -8.378  -3.380  1.00 27.69 ? 1965 TRP A CH2 1 
ATOM   899  N N   . THR A 1 111 ? -6.922  -10.907 -1.358  1.00 35.00 ? 1966 THR A N   1 
ATOM   900  C CA  . THR A 1 111 ? -7.364  -12.295 -1.267  1.00 36.00 ? 1966 THR A CA  1 
ATOM   901  C C   . THR A 1 111 ? -8.068  -12.729 -2.546  1.00 35.86 ? 1966 THR A C   1 
ATOM   902  O O   . THR A 1 111 ? -7.764  -13.788 -3.108  1.00 37.25 ? 1966 THR A O   1 
ATOM   903  C CB  . THR A 1 111 ? -8.290  -12.471 -0.065  1.00 32.67 ? 1966 THR A CB  1 
ATOM   904  O OG1 . THR A 1 111 ? -7.594  -12.112 1.134   1.00 38.17 ? 1966 THR A OG1 1 
ATOM   905  C CG2 . THR A 1 111 ? -8.755  -13.911 0.041   1.00 42.64 ? 1966 THR A CG2 1 
ATOM   906  N N   . ASP A 1 112 ? -9.013  -11.917 -3.023  1.00 31.81 ? 1967 ASP A N   1 
ATOM   907  C CA  . ASP A 1 112 ? -9.772  -12.270 -4.217  1.00 31.93 ? 1967 ASP A CA  1 
ATOM   908  C C   . ASP A 1 112 ? -8.902  -12.356 -5.462  1.00 36.29 ? 1967 ASP A C   1 
ATOM   909  O O   . ASP A 1 112 ? -9.314  -12.977 -6.449  1.00 39.30 ? 1967 ASP A O   1 
ATOM   910  C CB  . ASP A 1 112 ? -10.890 -11.256 -4.448  1.00 31.16 ? 1967 ASP A CB  1 
ATOM   911  C CG  . ASP A 1 112 ? -11.977 -11.341 -3.397  1.00 38.25 ? 1967 ASP A CG  1 
ATOM   912  O OD1 . ASP A 1 112 ? -11.922 -12.267 -2.561  1.00 40.05 ? 1967 ASP A OD1 1 
ATOM   913  O OD2 . ASP A 1 112 ? -12.882 -10.480 -3.406  1.00 41.68 ? 1967 ASP A OD2 1 
ATOM   914  N N   . THR A 1 113 ? -7.712  -11.755 -5.442  1.00 34.83 ? 1968 THR A N   1 
ATOM   915  C CA  . THR A 1 113 ? -6.866  -11.758 -6.629  1.00 32.59 ? 1968 THR A CA  1 
ATOM   916  C C   . THR A 1 113 ? -5.821  -12.867 -6.600  1.00 34.02 ? 1968 THR A C   1 
ATOM   917  O O   . THR A 1 113 ? -5.613  -13.545 -7.611  1.00 36.95 ? 1968 THR A O   1 
ATOM   918  C CB  . THR A 1 113 ? -6.187  -10.395 -6.789  1.00 32.07 ? 1968 THR A CB  1 
ATOM   919  O OG1 . THR A 1 113 ? -7.182  -9.403  -7.069  1.00 30.27 ? 1968 THR A OG1 1 
ATOM   920  C CG2 . THR A 1 113 ? -5.173  -10.417 -7.917  1.00 34.92 ? 1968 THR A CG2 1 
ATOM   921  N N   . PHE A 1 114 ? -5.175  -13.089 -5.454  1.00 38.60 ? 1969 PHE A N   1 
ATOM   922  C CA  . PHE A 1 114 ? -4.040  -13.997 -5.380  1.00 40.34 ? 1969 PHE A CA  1 
ATOM   923  C C   . PHE A 1 114 ? -4.280  -15.246 -4.544  1.00 49.05 ? 1969 PHE A C   1 
ATOM   924  O O   . PHE A 1 114 ? -3.541  -16.223 -4.706  1.00 55.28 ? 1969 PHE A O   1 
ATOM   925  C CB  . PHE A 1 114 ? -2.810  -13.259 -4.830  1.00 37.91 ? 1969 PHE A CB  1 
ATOM   926  C CG  . PHE A 1 114 ? -2.353  -12.125 -5.703  1.00 36.82 ? 1969 PHE A CG  1 
ATOM   927  C CD1 . PHE A 1 114 ? -1.764  -12.381 -6.931  1.00 39.72 ? 1969 PHE A CD1 1 
ATOM   928  C CD2 . PHE A 1 114 ? -2.506  -10.808 -5.301  1.00 33.53 ? 1969 PHE A CD2 1 
ATOM   929  C CE1 . PHE A 1 114 ? -1.339  -11.347 -7.741  1.00 38.94 ? 1969 PHE A CE1 1 
ATOM   930  C CE2 . PHE A 1 114 ? -2.082  -9.768  -6.109  1.00 30.82 ? 1969 PHE A CE2 1 
ATOM   931  C CZ  . PHE A 1 114 ? -1.497  -10.037 -7.328  1.00 32.89 ? 1969 PHE A CZ  1 
ATOM   932  N N   . LYS A 1 115 ? -5.281  -15.251 -3.671  1.00 47.18 ? 1970 LYS A N   1 
ATOM   933  C CA  . LYS A 1 115 ? -5.560  -16.432 -2.861  1.00 53.05 ? 1970 LYS A CA  1 
ATOM   934  C C   . LYS A 1 115 ? -6.599  -17.332 -3.532  1.00 54.30 ? 1970 LYS A C   1 
ATOM   935  O O   . LYS A 1 115 ? -7.780  -17.309 -3.181  1.00 53.15 ? 1970 LYS A O   1 
ATOM   936  C CB  . LYS A 1 115 ? -6.030  -16.023 -1.463  1.00 49.40 ? 1970 LYS A CB  1 
ATOM   937  C CG  . LYS A 1 115 ? -4.979  -15.273 -0.648  1.00 49.14 ? 1970 LYS A CG  1 
ATOM   938  C CD  . LYS A 1 115 ? -3.728  -16.116 -0.436  1.00 50.43 ? 1970 LYS A CD  1 
ATOM   939  C CE  . LYS A 1 115 ? -2.807  -15.509 0.619   1.00 52.65 ? 1970 LYS A CE  1 
ATOM   940  N NZ  . LYS A 1 115 ? -2.288  -14.168 0.228   1.00 51.10 ? 1970 LYS A NZ  1 
HETATM 941  C C01 . D8Q B 2 .   ? -2.663  10.004  5.740   1.00 38.95 ? 2001 D8Q A C01 1 
HETATM 942  C C03 . D8Q B 2 .   ? -2.933  12.472  6.290   1.00 51.68 ? 2001 D8Q A C03 1 
HETATM 943  C C04 . D8Q B 2 .   ? -2.708  13.630  7.254   1.00 56.24 ? 2001 D8Q A C04 1 
HETATM 944  C C05 . D8Q B 2 .   ? -2.036  13.410  8.554   1.00 48.35 ? 2001 D8Q A C05 1 
HETATM 945  C C06 . D8Q B 2 .   ? -1.569  12.037  8.896   1.00 45.44 ? 2001 D8Q A C06 1 
HETATM 946  C C07 . D8Q B 2 .   ? -1.780  10.867  7.940   1.00 47.61 ? 2001 D8Q A C07 1 
HETATM 947  C C09 . D8Q B 2 .   ? -3.179  15.030  6.939   1.00 72.17 ? 2001 D8Q A C09 1 
HETATM 948  C C12 . D8Q B 2 .   ? -4.061  17.219  7.869   1.00 63.78 ? 2001 D8Q A C12 1 
HETATM 949  C C13 . D8Q B 2 .   ? -4.944  17.579  9.061   1.00 59.85 ? 2001 D8Q A C13 1 
HETATM 950  N N02 . D8Q B 2 .   ? -2.459  11.111  6.653   1.00 53.78 ? 2001 D8Q A N02 1 
HETATM 951  N N11 . D8Q B 2 .   ? -3.574  15.867  8.059   1.00 65.22 ? 2001 D8Q A N11 1 
HETATM 952  N N14 . D8Q B 2 .   ? -6.158  18.231  8.617   1.00 68.78 ? 2001 D8Q A N14 1 
HETATM 953  O O08 . D8Q B 2 .   ? -1.405  9.779   8.224   1.00 43.38 ? 2001 D8Q A O08 1 
HETATM 954  O O10 . D8Q B 2 .   ? -3.236  15.393  5.813   1.00 81.31 ? 2001 D8Q A O10 1 
HETATM 955  O O   . HOH C 3 .   ? -18.408 5.335   -1.220  1.00 30.59 ? 2101 HOH A O   1 
HETATM 956  O O   . HOH C 3 .   ? 5.644   12.501  3.631   1.00 31.17 ? 2102 HOH A O   1 
HETATM 957  O O   . HOH C 3 .   ? -6.177  0.251   9.303   1.00 27.91 ? 2103 HOH A O   1 
HETATM 958  O O   . HOH C 3 .   ? 0.177   7.945   7.749   1.00 36.91 ? 2104 HOH A O   1 
HETATM 959  O O   . HOH C 3 .   ? -13.266 -6.372  -3.720  1.00 42.69 ? 2105 HOH A O   1 
HETATM 960  O O   . HOH C 3 .   ? -13.717 1.115   9.167   1.00 31.61 ? 2106 HOH A O   1 
HETATM 961  O O   . HOH C 3 .   ? 0.606   -16.960 -17.167 1.00 42.94 ? 2107 HOH A O   1 
HETATM 962  O O   . HOH C 3 .   ? -6.510  11.892  14.564  1.00 36.76 ? 2108 HOH A O   1 
HETATM 963  O O   . HOH C 3 .   ? 14.343  12.801  19.622  1.00 45.65 ? 2109 HOH A O   1 
HETATM 964  O O   . HOH C 3 .   ? 3.418   10.410  3.248   1.00 25.93 ? 2110 HOH A O   1 
HETATM 965  O O   . HOH C 3 .   ? 2.986   7.916   5.079   1.00 18.49 ? 2111 HOH A O   1 
HETATM 966  O O   . HOH C 3 .   ? -1.808  -16.352 -7.764  1.00 49.90 ? 2112 HOH A O   1 
HETATM 967  O O   . HOH C 3 .   ? 0.140   7.686   3.753   1.00 34.28 ? 2113 HOH A O   1 
HETATM 968  O O   . HOH C 3 .   ? -12.350 -8.438  -4.925  1.00 41.25 ? 2114 HOH A O   1 
HETATM 969  O O   . HOH C 3 .   ? -0.944  6.997   5.901   1.00 31.26 ? 2115 HOH A O   1 
HETATM 970  O O   . HOH C 3 .   ? 3.199   8.120   -8.922  1.00 23.28 ? 2116 HOH A O   1 
HETATM 971  O O   . HOH C 3 .   ? 11.238  5.931   -10.232 1.00 33.65 ? 2117 HOH A O   1 
HETATM 972  O O   . HOH C 3 .   ? 6.343   16.953  9.772   1.00 39.04 ? 2118 HOH A O   1 
HETATM 973  O O   . HOH C 3 .   ? 5.010   8.744   1.235   1.00 23.97 ? 2119 HOH A O   1 
HETATM 974  O O   . HOH C 3 .   ? -10.097 -2.401  8.028   1.00 29.14 ? 2120 HOH A O   1 
HETATM 975  O O   . HOH C 3 .   ? -6.540  5.406   13.273  1.00 30.13 ? 2121 HOH A O   1 
HETATM 976  O O   . HOH C 3 .   ? -3.381  -5.366  6.920   1.00 29.80 ? 2122 HOH A O   1 
HETATM 977  O O   . HOH C 3 .   ? 9.465   6.950   2.289   1.00 26.96 ? 2123 HOH A O   1 
HETATM 978  O O   . HOH C 3 .   ? 2.179   1.048   -12.516 1.00 36.82 ? 2124 HOH A O   1 
HETATM 979  O O   . HOH C 3 .   ? 19.896  -29.772 -0.497  1.00 30.57 ? 2125 HOH A O   1 
HETATM 980  O O   . HOH C 3 .   ? 7.124   -24.245 -10.063 1.00 46.18 ? 2126 HOH A O   1 
HETATM 981  O O   . HOH C 3 .   ? 6.632   4.907   9.483   1.00 25.87 ? 2127 HOH A O   1 
HETATM 982  O O   . HOH C 3 .   ? -9.847  8.861   -5.300  1.00 30.92 ? 2128 HOH A O   1 
HETATM 983  O O   . HOH C 3 .   ? 7.827   -12.278 -9.081  1.00 40.04 ? 2129 HOH A O   1 
HETATM 984  O O   . HOH C 3 .   ? 7.845   9.891   -1.938  1.00 28.61 ? 2130 HOH A O   1 
HETATM 985  O O   . HOH C 3 .   ? 2.247   -7.795  5.714   1.00 36.21 ? 2131 HOH A O   1 
HETATM 986  O O   . HOH C 3 .   ? -6.400  4.626   10.457  1.00 24.00 ? 2132 HOH A O   1 
HETATM 987  O O   . HOH C 3 .   ? 9.468   -23.949 1.940   1.00 45.42 ? 2133 HOH A O   1 
HETATM 988  O O   . HOH C 3 .   ? -16.770 -12.003 -2.139  1.00 34.86 ? 2134 HOH A O   1 
HETATM 989  O O   . HOH C 3 .   ? -1.868  9.098   -6.349  1.00 27.24 ? 2135 HOH A O   1 
HETATM 990  O O   . HOH C 3 .   ? -0.441  9.851   2.618   1.00 23.74 ? 2136 HOH A O   1 
HETATM 991  O O   . HOH C 3 .   ? 4.334   7.424   -11.723 1.00 32.28 ? 2137 HOH A O   1 
HETATM 992  O O   . HOH C 3 .   ? 1.167   -4.711  8.701   1.00 34.13 ? 2138 HOH A O   1 
HETATM 993  O O   . HOH C 3 .   ? 13.132  18.313  7.521   1.00 45.08 ? 2139 HOH A O   1 
HETATM 994  O O   . HOH C 3 .   ? 7.049   16.480  2.291   1.00 41.37 ? 2140 HOH A O   1 
HETATM 995  O O   . HOH C 3 .   ? -8.038  5.948   18.411  1.00 38.31 ? 2141 HOH A O   1 
HETATM 996  O O   . HOH C 3 .   ? 5.974   -11.900 -7.331  1.00 35.32 ? 2142 HOH A O   1 
HETATM 997  O O   . HOH C 3 .   ? 8.710   -2.236  8.399   1.00 44.34 ? 2143 HOH A O   1 
HETATM 998  O O   . HOH C 3 .   ? -0.011  16.784  3.717   1.00 37.54 ? 2144 HOH A O   1 
HETATM 999  O O   . HOH C 3 .   ? 7.951   -2.861  -9.979  1.00 24.92 ? 2145 HOH A O   1 
HETATM 1000 O O   . HOH C 3 .   ? -5.379  3.040   8.583   1.00 17.54 ? 2146 HOH A O   1 
HETATM 1001 O O   . HOH C 3 .   ? 2.537   -8.565  -15.172 1.00 27.20 ? 2147 HOH A O   1 
HETATM 1002 O O   . HOH C 3 .   ? -2.744  12.934  -0.350  1.00 27.02 ? 2148 HOH A O   1 
HETATM 1003 O O   . HOH C 3 .   ? -9.620  13.731  9.546   1.00 39.34 ? 2149 HOH A O   1 
HETATM 1004 O O   . HOH C 3 .   ? -12.423 -5.171  -1.860  1.00 27.93 ? 2150 HOH A O   1 
HETATM 1005 O O   . HOH C 3 .   ? 6.562   1.790   -16.837 1.00 31.49 ? 2151 HOH A O   1 
HETATM 1006 O O   . HOH C 3 .   ? -4.214  15.115  2.913   1.00 43.44 ? 2152 HOH A O   1 
HETATM 1007 O O   . HOH C 3 .   ? 9.786   -1.773  -0.200  1.00 36.38 ? 2153 HOH A O   1 
HETATM 1008 O O   . HOH C 3 .   ? 4.571   -3.544  6.138   1.00 27.32 ? 2154 HOH A O   1 
HETATM 1009 O O   . HOH C 3 .   ? -12.418 -0.669  12.530  1.00 45.21 ? 2155 HOH A O   1 
HETATM 1010 O O   . HOH C 3 .   ? -8.214  -2.383  10.598  1.00 34.54 ? 2156 HOH A O   1 
HETATM 1011 O O   . HOH C 3 .   ? -11.974 1.136   15.130  1.00 41.22 ? 2157 HOH A O   1 
HETATM 1012 O O   . HOH C 3 .   ? -3.574  -15.485 -9.488  1.00 47.65 ? 2158 HOH A O   1 
HETATM 1013 O O   . HOH C 3 .   ? -15.477 4.049   -3.650  1.00 26.61 ? 2159 HOH A O   1 
HETATM 1014 O O   . HOH C 3 .   ? 10.671  3.757   -0.681  1.00 38.32 ? 2160 HOH A O   1 
HETATM 1015 O O   . HOH C 3 .   ? -15.888 -7.794  8.588   1.00 45.27 ? 2161 HOH A O   1 
HETATM 1016 O O   . HOH C 3 .   ? -5.757  -3.307  11.876  1.00 35.09 ? 2162 HOH A O   1 
HETATM 1017 O O   . HOH C 3 .   ? 7.936   -25.301 3.425   1.00 43.98 ? 2163 HOH A O   1 
HETATM 1018 O O   . HOH C 3 .   ? 7.865   9.092   0.922   1.00 23.53 ? 2164 HOH A O   1 
HETATM 1019 O O   . HOH C 3 .   ? 7.184   2.535   9.855   1.00 26.32 ? 2165 HOH A O   1 
HETATM 1020 O O   . HOH C 3 .   ? -1.909  14.219  2.080   1.00 57.17 ? 2166 HOH A O   1 
HETATM 1021 O O   . HOH C 3 .   ? -10.608 -0.691  14.202  1.00 69.08 ? 2167 HOH A O   1 
HETATM 1022 O O   . HOH C 3 .   ? 1.708   -2.666  -15.320 1.00 41.48 ? 2168 HOH A O   1 
HETATM 1023 O O   . HOH C 3 .   ? -6.354  9.455   -9.191  1.00 38.59 ? 2169 HOH A O   1 
HETATM 1024 O O   . HOH C 3 .   ? 11.012  11.028  6.512   1.00 39.60 ? 2170 HOH A O   1 
HETATM 1025 O O   . HOH C 3 .   ? 8.630   18.691  2.196   1.00 51.15 ? 2171 HOH A O   1 
HETATM 1026 O O   . HOH C 3 .   ? 8.602   -1.912  4.282   1.00 45.06 ? 2172 HOH A O   1 
HETATM 1027 O O   . HOH C 3 .   ? 10.264  4.005   2.205   1.00 39.50 ? 2173 HOH A O   1 
HETATM 1028 O O   . HOH C 3 .   ? -9.966  15.790  7.685   1.00 42.25 ? 2174 HOH A O   1 
HETATM 1029 O O   . HOH C 3 .   ? 2.957   -5.182  6.885   1.00 36.07 ? 2175 HOH A O   1 
HETATM 1030 O O   . HOH C 3 .   ? -15.699 1.997   -4.803  1.00 47.21 ? 2176 HOH A O   1 
HETATM 1031 O O   . HOH C 3 .   ? -3.121  -9.981  6.883   1.00 43.45 ? 2177 HOH A O   1 
HETATM 1032 O O   . HOH C 3 .   ? 7.277   -2.316  6.293   1.00 48.90 ? 2178 HOH A O   1 
HETATM 1033 O O   . HOH C 3 .   ? 8.094   14.017  0.981   1.00 33.15 ? 2179 HOH A O   1 
HETATM 1034 O O   . HOH C 3 .   ? -5.488  -9.681  7.134   1.00 47.96 ? 2180 HOH A O   1 
HETATM 1035 O O   . HOH C 3 .   ? 0.086   -3.825  -16.919 1.00 52.49 ? 2181 HOH A O   1 
HETATM 1036 O O   . HOH C 3 .   ? 8.149   11.894  2.450   1.00 28.75 ? 2182 HOH A O   1 
HETATM 1037 O O   . HOH C 3 .   ? -4.144  8.918   -10.451 1.00 45.77 ? 2183 HOH A O   1 
HETATM 1038 O O   . HOH C 3 .   ? 10.479  10.769  3.388   1.00 34.39 ? 2184 HOH A O   1 
# 
